data_6K0K
#
_entry.id   6K0K
#
_cell.length_a   117.693
_cell.length_b   137.300
_cell.length_c   139.221
_cell.angle_alpha   90.000
_cell.angle_beta   90.000
_cell.angle_gamma   90.000
#
_symmetry.space_group_name_H-M   'P 21 21 21'
#
loop_
_entity.id
_entity.type
_entity.pdbx_description
1 polymer 'Pyruvate kinase'
2 non-polymer 'MAGNESIUM ION'
3 non-polymer 'CITRIC ACID'
4 water water
#
_entity_poly.entity_id   1
_entity_poly.type   'polypeptide(L)'
_entity_poly.pdbx_seq_one_letter_code
;MSRRLRRTKIVTTLGPATDRDNNLEKVIAAGANVVRMNFSHGSPEDHKMRADKVREIAAKLGRHVAILGDLQGPKIRVST
FKEGKVFLNIGDKFLLDANLGKGEGDKEKVGIDYKGLPADVVPGDILLLDDGRVQLKVLEVQGMKVFTEVTVGGPLSNNK
GINKLGGGLSAEALTEKDKADIKTAALIGVDYLAVSFPRCGEDLNYARRLARDAGCDAKIVAKVERAEAVCSQDAMDDII
LASDVVMVARGDLGVEIGDPELVGIQKALIRRARQLNRAVITATQMMESMITNPMPTRAEVMDVANAVLDGTDAVMLSAE
TAAGQYPSETVAAMARVCLGAEKIPSINVSKHRLDVQFDNVEEAIAMSAMYAANHLKGVTAIITMTESGRTALMTSRISS
GLPIFAMSRHERTLNLTALYRGVTPVHFDSANDGVAAASEAVNLLRDKGYLMSGDLVIVTQGDVMSTVGSTNTTRILTVE
ALGHHHHHH
;
_entity_poly.pdbx_strand_id   A,B,C,D
#
loop_
_chem_comp.id
_chem_comp.type
_chem_comp.name
_chem_comp.formula
CIT non-polymer 'CITRIC ACID' 'C6 H8 O7'
MG non-polymer 'MAGNESIUM ION' 'Mg 2'
#
# COMPACT_ATOMS: atom_id res chain seq x y z
N SER A 2 -41.37 1.60 -2.73
CA SER A 2 -41.53 1.18 -1.35
C SER A 2 -40.41 0.23 -0.93
N ARG A 3 -39.20 0.77 -0.90
CA ARG A 3 -38.03 0.20 -0.24
C ARG A 3 -37.82 0.96 1.07
N ARG A 4 -37.20 0.30 2.06
CA ARG A 4 -36.99 0.96 3.35
C ARG A 4 -35.98 2.09 3.19
N LEU A 5 -36.30 3.25 3.76
CA LEU A 5 -35.48 4.43 3.59
C LEU A 5 -34.67 4.69 4.85
N ARG A 6 -33.40 5.03 4.69
CA ARG A 6 -32.62 5.44 5.85
C ARG A 6 -33.26 6.66 6.50
N ARG A 7 -33.43 6.60 7.82
CA ARG A 7 -34.00 7.70 8.58
C ARG A 7 -32.93 8.62 9.15
N THR A 8 -31.89 8.04 9.75
CA THR A 8 -30.79 8.78 10.36
C THR A 8 -30.01 9.48 9.26
N LYS A 9 -29.56 10.70 9.53
CA LYS A 9 -28.97 11.53 8.49
C LYS A 9 -27.46 11.64 8.68
N ILE A 10 -26.76 11.84 7.56
CA ILE A 10 -25.29 11.80 7.56
C ILE A 10 -24.75 13.17 7.19
N VAL A 11 -23.95 13.74 8.08
CA VAL A 11 -23.24 15.00 7.88
C VAL A 11 -21.79 14.68 7.55
N THR A 12 -21.25 15.32 6.49
CA THR A 12 -19.92 15.01 5.98
C THR A 12 -19.09 16.27 5.80
N THR A 13 -17.97 16.35 6.51
CA THR A 13 -17.08 17.52 6.40
C THR A 13 -16.33 17.51 5.07
N LEU A 14 -16.19 18.69 4.47
CA LEU A 14 -15.47 18.82 3.21
C LEU A 14 -14.01 19.18 3.44
N GLY A 15 -13.19 18.92 2.42
CA GLY A 15 -11.77 19.22 2.45
C GLY A 15 -11.01 18.64 1.26
N PRO A 16 -9.69 18.52 1.39
CA PRO A 16 -8.87 17.99 0.29
C PRO A 16 -9.38 16.70 -0.32
N ALA A 17 -9.76 15.73 0.51
CA ALA A 17 -10.23 14.44 0.00
C ALA A 17 -11.51 14.59 -0.79
N THR A 18 -12.25 15.66 -0.57
CA THR A 18 -13.52 15.82 -1.25
C THR A 18 -13.42 16.71 -2.48
N ASP A 19 -12.37 17.54 -2.58
CA ASP A 19 -12.10 18.27 -3.82
C ASP A 19 -11.42 17.38 -4.86
N ARG A 20 -10.47 16.56 -4.41
CA ARG A 20 -9.73 15.65 -5.27
C ARG A 20 -10.67 14.75 -6.07
N ASP A 21 -10.34 14.53 -7.34
CA ASP A 21 -11.10 13.65 -8.24
C ASP A 21 -12.57 14.11 -8.25
N ASN A 22 -13.54 13.19 -8.29
CA ASN A 22 -14.96 13.56 -8.23
C ASN A 22 -15.58 13.13 -6.91
N ASN A 23 -14.82 13.20 -5.83
CA ASN A 23 -15.24 12.60 -4.57
C ASN A 23 -16.46 13.30 -3.97
N LEU A 24 -16.52 14.64 -4.01
CA LEU A 24 -17.69 15.34 -3.48
C LEU A 24 -18.99 14.77 -4.05
N GLU A 25 -19.03 14.59 -5.38
CA GLU A 25 -20.19 13.97 -6.02
C GLU A 25 -20.42 12.55 -5.51
N LYS A 26 -19.35 11.78 -5.29
CA LYS A 26 -19.56 10.40 -4.87
C LYS A 26 -20.10 10.33 -3.44
N VAL A 27 -19.69 11.28 -2.58
CA VAL A 27 -20.18 11.30 -1.20
C VAL A 27 -21.62 11.81 -1.15
N ILE A 28 -22.02 12.71 -2.05
CA ILE A 28 -23.43 13.06 -2.11
C ILE A 28 -24.23 11.86 -2.58
N ALA A 29 -23.78 11.18 -3.63
CA ALA A 29 -24.50 10.03 -4.15
C ALA A 29 -24.63 8.91 -3.12
N ALA A 30 -23.58 8.66 -2.34
CA ALA A 30 -23.63 7.59 -1.36
C ALA A 30 -24.60 7.91 -0.23
N GLY A 31 -24.98 9.17 -0.06
CA GLY A 31 -26.08 9.50 0.83
C GLY A 31 -25.91 10.64 1.79
N ALA A 32 -24.89 11.48 1.63
CA ALA A 32 -24.76 12.64 2.49
C ALA A 32 -26.00 13.51 2.36
N ASN A 33 -26.49 13.99 3.50
CA ASN A 33 -27.63 14.89 3.55
C ASN A 33 -27.23 16.33 3.87
N VAL A 34 -26.11 16.52 4.58
CA VAL A 34 -25.64 17.83 5.02
C VAL A 34 -24.13 17.85 4.85
N VAL A 35 -23.62 18.87 4.17
CA VAL A 35 -22.17 19.01 3.99
C VAL A 35 -21.66 20.10 4.94
N ARG A 36 -20.59 19.78 5.66
CA ARG A 36 -20.05 20.66 6.69
C ARG A 36 -18.78 21.34 6.17
N MET A 37 -18.77 22.67 6.26
CA MET A 37 -17.61 23.48 5.92
C MET A 37 -16.91 23.88 7.21
N ASN A 38 -15.71 23.38 7.42
CA ASN A 38 -15.02 23.61 8.68
C ASN A 38 -14.14 24.85 8.54
N PHE A 39 -14.55 25.95 9.16
CA PHE A 39 -13.80 27.19 8.98
C PHE A 39 -12.44 27.15 9.64
N SER A 40 -12.17 26.13 10.46
CA SER A 40 -10.85 25.97 11.07
C SER A 40 -9.75 25.89 10.04
N HIS A 41 -10.07 25.43 8.82
CA HIS A 41 -9.12 25.28 7.74
C HIS A 41 -9.67 25.94 6.50
N GLY A 42 -8.78 26.13 5.52
CA GLY A 42 -9.14 26.76 4.27
C GLY A 42 -9.35 28.27 4.41
N SER A 43 -9.62 28.88 3.27
CA SER A 43 -9.82 30.30 3.11
C SER A 43 -11.23 30.55 2.61
N PRO A 44 -11.75 31.75 2.78
CA PRO A 44 -13.13 32.02 2.32
C PRO A 44 -13.38 31.59 0.89
N GLU A 45 -12.39 31.72 0.00
CA GLU A 45 -12.62 31.35 -1.39
C GLU A 45 -12.70 29.83 -1.57
N ASP A 46 -11.96 29.07 -0.76
CA ASP A 46 -12.12 27.61 -0.76
C ASP A 46 -13.55 27.21 -0.41
N HIS A 47 -14.09 27.76 0.70
CA HIS A 47 -15.44 27.42 1.14
C HIS A 47 -16.48 27.89 0.13
N LYS A 48 -16.30 29.08 -0.46
CA LYS A 48 -17.26 29.58 -1.44
C LYS A 48 -17.28 28.73 -2.70
N MET A 49 -16.09 28.37 -3.21
CA MET A 49 -16.01 27.47 -4.35
C MET A 49 -16.67 26.13 -4.07
N ARG A 50 -16.43 25.59 -2.88
CA ARG A 50 -17.07 24.32 -2.55
C ARG A 50 -18.57 24.48 -2.53
N ALA A 51 -19.07 25.62 -2.01
CA ALA A 51 -20.52 25.82 -1.93
C ALA A 51 -21.15 25.80 -3.31
N ASP A 52 -20.51 26.48 -4.27
CA ASP A 52 -21.00 26.40 -5.65
C ASP A 52 -20.98 24.97 -6.17
N LYS A 53 -19.91 24.22 -5.91
CA LYS A 53 -19.89 22.89 -6.52
C LYS A 53 -20.89 21.95 -5.83
N VAL A 54 -21.14 22.14 -4.53
CA VAL A 54 -22.17 21.37 -3.84
C VAL A 54 -23.54 21.64 -4.44
N ARG A 55 -23.87 22.93 -4.66
CA ARG A 55 -25.20 23.24 -5.16
C ARG A 55 -25.37 22.77 -6.61
N GLU A 56 -24.32 22.89 -7.41
CA GLU A 56 -24.39 22.37 -8.77
C GLU A 56 -24.60 20.85 -8.77
N ILE A 57 -23.80 20.11 -7.98
CA ILE A 57 -23.96 18.67 -7.89
C ILE A 57 -25.35 18.29 -7.39
N ALA A 58 -25.87 19.02 -6.39
CA ALA A 58 -27.22 18.77 -5.92
C ALA A 58 -28.25 18.97 -7.03
N ALA A 59 -28.18 20.10 -7.73
CA ALA A 59 -29.06 20.36 -8.87
C ALA A 59 -29.00 19.24 -9.90
N LYS A 60 -27.79 18.77 -10.21
CA LYS A 60 -27.64 17.72 -11.21
C LYS A 60 -28.22 16.39 -10.71
N LEU A 61 -27.91 15.99 -9.48
CA LEU A 61 -28.42 14.73 -8.93
C LEU A 61 -29.84 14.84 -8.40
N GLY A 62 -30.48 16.00 -8.51
CA GLY A 62 -31.81 16.19 -7.94
C GLY A 62 -31.90 15.95 -6.45
N ARG A 63 -30.79 16.12 -5.73
CA ARG A 63 -30.73 15.88 -4.29
C ARG A 63 -30.85 17.19 -3.51
N HIS A 64 -31.39 17.10 -2.30
CA HIS A 64 -31.46 18.25 -1.39
C HIS A 64 -30.40 18.11 -0.31
N VAL A 65 -29.43 19.02 -0.33
CA VAL A 65 -28.23 18.91 0.48
C VAL A 65 -28.03 20.22 1.21
N ALA A 66 -28.13 20.17 2.54
CA ALA A 66 -27.92 21.36 3.35
C ALA A 66 -26.44 21.67 3.49
N ILE A 67 -26.13 22.96 3.61
CA ILE A 67 -24.76 23.41 3.88
C ILE A 67 -24.66 23.82 5.35
N LEU A 68 -23.73 23.22 6.08
CA LEU A 68 -23.44 23.58 7.46
C LEU A 68 -22.10 24.31 7.53
N GLY A 69 -22.07 25.43 8.24
CA GLY A 69 -20.85 26.19 8.43
C GLY A 69 -20.45 26.05 9.89
N ASP A 70 -19.21 25.60 10.12
CA ASP A 70 -18.75 25.28 11.47
C ASP A 70 -17.60 26.20 11.83
N LEU A 71 -17.84 27.07 12.81
CA LEU A 71 -16.86 28.02 13.30
C LEU A 71 -15.81 27.31 14.16
N GLN A 72 -14.58 27.83 14.10
CA GLN A 72 -13.45 27.20 14.78
C GLN A 72 -13.48 27.44 16.29
N GLY A 73 -13.83 28.65 16.72
CA GLY A 73 -13.75 28.98 18.13
C GLY A 73 -12.31 29.17 18.55
N PRO A 74 -12.08 29.44 19.84
CA PRO A 74 -10.72 29.77 20.29
C PRO A 74 -9.76 28.61 20.10
N LYS A 75 -8.56 28.93 19.63
CA LYS A 75 -7.53 27.92 19.41
C LYS A 75 -6.79 27.73 20.72
N ILE A 76 -7.24 26.75 21.51
CA ILE A 76 -6.57 26.48 22.78
C ILE A 76 -5.63 25.30 22.56
N ARG A 77 -4.51 25.58 21.92
CA ARG A 77 -3.52 24.63 21.46
C ARG A 77 -2.16 25.03 22.01
N VAL A 78 -1.12 24.22 21.71
CA VAL A 78 0.22 24.45 22.21
C VAL A 78 1.14 25.07 21.16
N SER A 79 0.60 25.49 20.02
CA SER A 79 1.43 26.20 19.01
C SER A 79 2.45 25.21 18.45
N THR A 80 3.71 25.64 18.24
CA THR A 80 4.66 24.98 17.34
C THR A 80 6.05 24.97 17.96
N PHE A 81 6.85 23.95 17.63
CA PHE A 81 8.22 23.78 18.07
C PHE A 81 9.17 24.06 16.90
N LYS A 82 10.32 23.39 16.90
CA LYS A 82 11.13 23.26 15.69
C LYS A 82 10.61 22.06 14.89
N GLU A 83 10.97 20.85 15.31
CA GLU A 83 10.16 19.63 15.13
C GLU A 83 10.77 18.49 15.92
N GLY A 84 10.86 18.67 17.24
CA GLY A 84 11.36 17.67 18.16
C GLY A 84 10.31 17.28 19.19
N LYS A 85 9.45 16.31 18.84
CA LYS A 85 8.23 16.01 19.59
C LYS A 85 8.47 14.82 20.49
N VAL A 86 9.14 15.10 21.61
CA VAL A 86 9.71 14.04 22.43
C VAL A 86 8.82 13.75 23.63
N PHE A 87 9.05 14.44 24.74
CA PHE A 87 8.40 14.27 26.04
C PHE A 87 8.40 12.85 26.58
N LEU A 88 8.78 12.73 27.85
CA LEU A 88 8.93 11.46 28.56
C LEU A 88 7.71 11.21 29.46
N ASN A 89 7.88 10.36 30.49
CA ASN A 89 6.75 9.78 31.21
C ASN A 89 6.72 10.05 32.71
N ILE A 90 7.81 10.53 33.31
CA ILE A 90 7.92 10.46 34.77
C ILE A 90 7.34 11.72 35.42
N GLY A 91 8.19 12.62 35.92
CA GLY A 91 7.76 13.89 36.48
C GLY A 91 8.64 15.04 36.01
N ASP A 92 9.10 14.94 34.76
CA ASP A 92 9.78 16.07 34.12
C ASP A 92 8.97 17.34 34.32
N LYS A 93 9.65 18.47 34.34
CA LYS A 93 8.95 19.73 34.31
C LYS A 93 8.72 20.14 32.86
N PHE A 94 7.66 20.90 32.64
CA PHE A 94 7.27 21.34 31.30
C PHE A 94 6.68 22.74 31.41
N LEU A 95 7.15 23.65 30.57
CA LEU A 95 6.70 25.01 30.62
C LEU A 95 5.69 25.25 29.49
N LEU A 96 4.67 26.04 29.79
CA LEU A 96 3.83 26.64 28.76
C LEU A 96 3.95 28.14 28.93
N ASP A 97 4.38 28.83 27.87
CA ASP A 97 4.71 30.26 27.96
C ASP A 97 3.89 31.00 26.91
N ALA A 98 2.95 31.83 27.35
CA ALA A 98 2.15 32.62 26.42
C ALA A 98 3.03 33.37 25.42
N ASN A 99 4.12 33.96 25.89
CA ASN A 99 5.09 34.69 25.08
C ASN A 99 6.20 33.72 24.67
N LEU A 100 6.09 33.16 23.45
CA LEU A 100 7.10 32.26 22.90
C LEU A 100 6.73 31.90 21.46
N GLY A 101 7.69 32.00 20.54
CA GLY A 101 7.40 31.67 19.15
C GLY A 101 8.30 30.60 18.56
N LYS A 102 7.75 29.41 18.33
CA LYS A 102 8.38 28.34 17.52
C LYS A 102 9.74 27.91 18.09
N GLY A 103 9.83 27.82 19.41
CA GLY A 103 10.95 27.18 20.07
C GLY A 103 10.58 25.76 20.46
N GLU A 104 11.42 24.81 20.03
CA GLU A 104 11.07 23.40 20.16
C GLU A 104 10.87 23.00 21.61
N GLY A 105 9.78 22.28 21.85
CA GLY A 105 9.39 21.82 23.16
C GLY A 105 10.48 21.01 23.81
N ASP A 106 10.54 19.72 23.46
CA ASP A 106 11.56 18.82 23.96
C ASP A 106 11.72 18.96 25.47
N LYS A 107 12.41 20.02 25.91
CA LYS A 107 12.62 20.33 27.32
C LYS A 107 11.32 20.79 27.97
N GLU A 108 11.37 21.89 28.71
CA GLU A 108 10.21 22.47 29.36
C GLU A 108 9.96 23.86 28.76
N LYS A 109 9.52 23.88 27.50
CA LYS A 109 9.09 25.10 26.81
C LYS A 109 8.19 24.83 25.61
N VAL A 110 6.95 25.34 25.64
CA VAL A 110 6.23 25.66 24.40
C VAL A 110 5.37 26.89 24.63
N GLY A 111 5.08 27.61 23.53
CA GLY A 111 4.13 28.70 23.58
C GLY A 111 2.68 28.20 23.53
N ILE A 112 1.78 29.07 24.00
CA ILE A 112 0.34 28.81 24.00
C ILE A 112 -0.29 29.82 23.05
N ASP A 113 -1.18 29.35 22.18
CA ASP A 113 -1.95 30.29 21.37
C ASP A 113 -2.94 31.09 22.24
N TYR A 114 -3.55 30.43 23.22
CA TYR A 114 -4.51 31.09 24.12
C TYR A 114 -3.73 31.82 25.21
N LYS A 115 -3.55 33.13 25.02
CA LYS A 115 -2.81 33.94 25.98
C LYS A 115 -3.41 33.90 27.38
N GLY A 116 -4.69 33.62 27.52
CA GLY A 116 -5.36 33.72 28.80
C GLY A 116 -5.26 32.54 29.74
N LEU A 117 -4.58 31.46 29.33
CA LEU A 117 -4.43 30.30 30.20
C LEU A 117 -3.84 30.61 31.57
N PRO A 118 -2.81 31.46 31.71
CA PRO A 118 -2.26 31.71 33.05
C PRO A 118 -3.26 32.30 34.03
N ALA A 119 -4.19 33.13 33.56
CA ALA A 119 -5.24 33.62 34.45
C ALA A 119 -6.21 32.52 34.87
N ASP A 120 -6.25 31.41 34.14
CA ASP A 120 -7.30 30.40 34.25
C ASP A 120 -6.89 29.15 35.02
N VAL A 121 -5.61 28.88 35.19
CA VAL A 121 -5.15 27.68 35.86
C VAL A 121 -4.60 28.09 37.22
N VAL A 122 -4.76 27.20 38.20
CA VAL A 122 -4.20 27.38 39.53
C VAL A 122 -3.45 26.09 39.85
N PRO A 123 -2.42 26.13 40.70
CA PRO A 123 -1.62 24.92 40.97
C PRO A 123 -2.49 23.73 41.38
N GLY A 124 -2.23 22.58 40.76
CA GLY A 124 -3.01 21.38 40.96
C GLY A 124 -4.06 21.12 39.91
N ASP A 125 -4.24 22.03 38.95
CA ASP A 125 -5.09 21.79 37.79
C ASP A 125 -4.39 20.82 36.85
N ILE A 126 -5.17 20.07 36.09
CA ILE A 126 -4.65 19.08 35.16
C ILE A 126 -5.04 19.48 33.75
N LEU A 127 -4.04 19.57 32.87
CA LEU A 127 -4.21 19.97 31.48
C LEU A 127 -3.98 18.75 30.63
N LEU A 128 -4.97 18.37 29.84
CA LEU A 128 -4.84 17.25 28.92
C LEU A 128 -4.53 17.77 27.52
N LEU A 129 -3.42 17.31 26.97
CA LEU A 129 -2.95 17.70 25.66
C LEU A 129 -3.19 16.57 24.68
N ASP A 130 -3.75 16.91 23.52
CA ASP A 130 -4.16 15.94 22.51
C ASP A 130 -5.03 14.84 23.14
N ASP A 131 -6.22 15.27 23.58
CA ASP A 131 -7.29 14.37 24.05
C ASP A 131 -6.87 13.51 25.23
N GLY A 132 -5.77 13.83 25.91
CA GLY A 132 -5.30 13.06 27.03
C GLY A 132 -4.09 12.18 26.75
N ARG A 133 -3.71 12.03 25.48
CA ARG A 133 -2.52 11.24 25.16
C ARG A 133 -1.27 11.86 25.75
N VAL A 134 -1.34 13.12 26.17
CA VAL A 134 -0.38 13.74 27.09
C VAL A 134 -1.19 14.39 28.20
N GLN A 135 -0.69 14.35 29.42
CA GLN A 135 -1.31 15.10 30.50
C GLN A 135 -0.23 15.85 31.28
N LEU A 136 -0.66 16.87 32.03
CA LEU A 136 0.26 17.73 32.76
C LEU A 136 -0.43 18.22 34.01
N LYS A 137 0.30 18.27 35.11
CA LYS A 137 -0.18 18.87 36.34
C LYS A 137 0.57 20.17 36.55
N VAL A 138 -0.16 21.26 36.81
CA VAL A 138 0.48 22.56 36.95
C VAL A 138 1.03 22.72 38.36
N LEU A 139 2.30 23.11 38.44
CA LEU A 139 2.90 23.46 39.73
C LEU A 139 2.66 24.92 40.06
N GLU A 140 2.94 25.82 39.12
CA GLU A 140 2.89 27.24 39.49
C GLU A 140 2.66 28.11 38.25
N VAL A 141 2.07 29.28 38.47
CA VAL A 141 1.83 30.25 37.42
C VAL A 141 2.55 31.55 37.80
N GLN A 142 3.51 31.97 36.98
CA GLN A 142 4.23 33.21 37.16
C GLN A 142 4.12 34.02 35.87
N GLY A 143 3.41 35.14 35.94
CA GLY A 143 3.28 35.98 34.75
C GLY A 143 2.58 35.21 33.65
N MET A 144 3.21 35.14 32.48
CA MET A 144 2.70 34.38 31.35
C MET A 144 3.41 33.03 31.19
N LYS A 145 3.93 32.49 32.29
CA LYS A 145 4.58 31.19 32.31
C LYS A 145 3.80 30.28 33.25
N VAL A 146 3.59 29.04 32.84
CA VAL A 146 2.91 28.05 33.69
C VAL A 146 3.78 26.79 33.72
N PHE A 147 4.27 26.47 34.92
CA PHE A 147 5.22 25.39 35.13
C PHE A 147 4.45 24.16 35.61
N THR A 148 4.50 23.10 34.80
CA THR A 148 3.75 21.88 34.97
C THR A 148 4.72 20.71 35.10
N GLU A 149 4.21 19.57 35.55
CA GLU A 149 4.98 18.32 35.54
C GLU A 149 4.22 17.27 34.76
N VAL A 150 4.88 16.16 34.44
CA VAL A 150 4.33 15.18 33.50
C VAL A 150 3.04 14.50 33.92
N THR A 151 3.08 13.67 34.96
CA THR A 151 2.07 12.64 35.23
C THR A 151 2.11 11.60 34.12
N VAL A 152 1.19 11.64 33.14
CA VAL A 152 1.26 10.71 32.03
C VAL A 152 1.98 11.39 30.86
N GLY A 153 2.60 10.59 30.00
CA GLY A 153 3.43 11.15 28.95
C GLY A 153 3.11 10.67 27.55
N GLY A 154 4.01 10.92 26.60
CA GLY A 154 3.84 10.43 25.24
C GLY A 154 4.47 11.33 24.21
N PRO A 155 3.97 11.27 22.96
CA PRO A 155 4.44 12.19 21.90
C PRO A 155 3.63 13.48 21.86
N LEU A 156 4.30 14.58 21.61
CA LEU A 156 3.62 15.89 21.67
C LEU A 156 3.95 16.68 20.39
N SER A 157 3.02 16.63 19.42
CA SER A 157 3.24 17.19 18.09
C SER A 157 2.89 18.68 18.07
N ASN A 158 2.95 19.26 16.87
CA ASN A 158 2.59 20.67 16.65
C ASN A 158 1.10 20.92 16.85
N ASN A 159 0.77 22.08 17.42
CA ASN A 159 -0.58 22.65 17.46
C ASN A 159 -1.63 21.72 18.08
N LYS A 160 -1.21 20.79 18.94
CA LYS A 160 -2.18 19.90 19.59
C LYS A 160 -2.94 20.63 20.69
N GLY A 161 -4.15 20.19 20.94
CA GLY A 161 -5.06 20.93 21.78
C GLY A 161 -4.75 20.81 23.24
N ILE A 162 -5.36 21.70 24.02
CA ILE A 162 -5.34 21.67 25.47
C ILE A 162 -6.78 21.71 25.98
N ASN A 163 -7.08 20.85 26.95
CA ASN A 163 -8.35 20.91 27.67
C ASN A 163 -8.04 20.90 29.16
N LYS A 164 -8.72 21.74 29.92
CA LYS A 164 -8.64 21.65 31.37
C LYS A 164 -9.60 20.56 31.87
N LEU A 165 -9.10 19.66 32.72
CA LEU A 165 -9.96 18.70 33.41
C LEU A 165 -11.07 19.45 34.14
N GLY A 166 -12.32 19.09 33.84
CA GLY A 166 -13.47 19.86 34.26
C GLY A 166 -13.65 21.13 33.44
N GLY A 167 -14.48 22.03 33.95
CA GLY A 167 -14.61 23.27 33.21
C GLY A 167 -13.38 24.16 33.28
N GLY A 168 -13.58 25.47 33.16
CA GLY A 168 -12.62 26.38 33.74
C GLY A 168 -12.11 27.52 32.89
N LEU A 169 -11.62 27.20 31.68
CA LEU A 169 -11.06 28.25 30.86
C LEU A 169 -12.13 29.31 30.57
N SER A 170 -11.69 30.54 30.37
CA SER A 170 -12.63 31.63 30.13
C SER A 170 -12.44 32.24 28.75
N ALA A 171 -11.72 31.55 27.86
CA ALA A 171 -11.54 32.06 26.51
C ALA A 171 -12.90 32.35 25.89
N GLU A 172 -12.98 33.42 25.11
CA GLU A 172 -14.28 33.84 24.60
C GLU A 172 -14.65 33.04 23.36
N ALA A 173 -15.94 32.72 23.24
CA ALA A 173 -16.41 31.78 22.23
C ALA A 173 -16.17 32.33 20.81
N LEU A 174 -16.63 33.55 20.53
CA LEU A 174 -16.46 34.14 19.20
C LEU A 174 -15.11 34.83 19.16
N THR A 175 -14.16 34.21 18.49
CA THR A 175 -12.90 34.85 18.18
C THR A 175 -13.08 35.83 17.02
N GLU A 176 -12.09 36.70 16.82
CA GLU A 176 -12.16 37.65 15.70
C GLU A 176 -12.27 36.90 14.38
N LYS A 177 -11.49 35.82 14.24
CA LYS A 177 -11.64 34.96 13.08
C LYS A 177 -13.06 34.45 12.96
N ASP A 178 -13.71 34.17 14.10
CA ASP A 178 -15.09 33.72 14.03
C ASP A 178 -16.02 34.81 13.48
N LYS A 179 -15.82 36.07 13.86
CA LYS A 179 -16.67 37.13 13.33
C LYS A 179 -16.49 37.28 11.82
N ALA A 180 -15.23 37.24 11.35
CA ALA A 180 -15.00 37.26 9.91
C ALA A 180 -15.68 36.07 9.24
N ASP A 181 -15.56 34.88 9.85
CA ASP A 181 -16.14 33.70 9.24
C ASP A 181 -17.67 33.73 9.24
N ILE A 182 -18.29 34.34 10.25
CA ILE A 182 -19.74 34.52 10.16
C ILE A 182 -20.09 35.35 8.93
N LYS A 183 -19.32 36.41 8.67
CA LYS A 183 -19.55 37.14 7.43
C LYS A 183 -19.44 36.23 6.21
N THR A 184 -18.48 35.30 6.23
CA THR A 184 -18.34 34.42 5.06
C THR A 184 -19.52 33.46 4.95
N ALA A 185 -19.92 32.85 6.06
CA ALA A 185 -21.07 31.94 6.02
C ALA A 185 -22.33 32.68 5.59
N ALA A 186 -22.43 33.96 5.92
CA ALA A 186 -23.57 34.76 5.49
C ALA A 186 -23.54 35.00 3.97
N LEU A 187 -22.35 35.26 3.43
CA LEU A 187 -22.25 35.40 1.98
C LEU A 187 -22.55 34.10 1.26
N ILE A 188 -22.05 32.97 1.81
CA ILE A 188 -22.31 31.67 1.19
C ILE A 188 -23.75 31.27 1.35
N GLY A 189 -24.46 31.85 2.31
CA GLY A 189 -25.83 31.47 2.60
C GLY A 189 -25.96 30.08 3.18
N VAL A 190 -25.14 29.75 4.18
CA VAL A 190 -25.22 28.45 4.82
C VAL A 190 -26.61 28.27 5.41
N ASP A 191 -27.00 27.01 5.57
CA ASP A 191 -28.30 26.63 6.13
C ASP A 191 -28.26 26.54 7.64
N TYR A 192 -27.13 26.07 8.16
CA TYR A 192 -26.92 25.96 9.58
C TYR A 192 -25.56 26.55 9.87
N LEU A 193 -25.40 27.09 11.07
CA LEU A 193 -24.16 27.74 11.46
C LEU A 193 -23.87 27.34 12.89
N ALA A 194 -22.71 26.71 13.10
CA ALA A 194 -22.40 26.08 14.37
C ALA A 194 -21.38 26.92 15.13
N VAL A 195 -21.60 27.04 16.43
CA VAL A 195 -20.82 27.92 17.29
C VAL A 195 -19.98 27.07 18.21
N SER A 196 -18.67 27.26 18.15
CA SER A 196 -17.76 26.51 19.00
C SER A 196 -17.67 27.14 20.38
N PHE A 197 -17.44 26.29 21.36
CA PHE A 197 -17.11 26.62 22.74
C PHE A 197 -18.12 27.56 23.44
N PRO A 198 -19.42 27.47 23.17
CA PRO A 198 -20.33 28.39 23.84
C PRO A 198 -20.37 28.11 25.33
N ARG A 199 -20.27 29.18 26.13
CA ARG A 199 -20.31 29.10 27.59
C ARG A 199 -21.76 28.96 28.09
N CYS A 200 -22.64 29.84 27.62
CA CYS A 200 -24.06 29.83 27.93
C CYS A 200 -24.82 30.19 26.66
N GLY A 201 -26.14 30.34 26.79
CA GLY A 201 -26.96 30.72 25.66
C GLY A 201 -26.69 32.13 25.15
N GLU A 202 -26.16 33.02 25.99
CA GLU A 202 -25.87 34.38 25.52
C GLU A 202 -24.79 34.37 24.44
N ASP A 203 -23.80 33.47 24.54
CA ASP A 203 -22.81 33.37 23.46
C ASP A 203 -23.48 33.05 22.15
N LEU A 204 -24.47 32.14 22.18
CA LEU A 204 -25.18 31.77 20.97
C LEU A 204 -26.00 32.95 20.46
N ASN A 205 -26.64 33.71 21.35
CA ASN A 205 -27.39 34.88 20.90
C ASN A 205 -26.47 35.89 20.23
N TYR A 206 -25.25 36.03 20.75
CA TYR A 206 -24.29 36.95 20.14
C TYR A 206 -23.95 36.48 18.73
N ALA A 207 -23.70 35.17 18.57
CA ALA A 207 -23.35 34.69 17.23
C ALA A 207 -24.53 34.83 16.29
N ARG A 208 -25.74 34.55 16.77
CA ARG A 208 -26.94 34.70 15.95
C ARG A 208 -27.16 36.16 15.54
N ARG A 209 -26.87 37.11 16.43
CA ARG A 209 -27.01 38.50 16.01
C ARG A 209 -25.92 38.89 15.01
N LEU A 210 -24.67 38.49 15.25
CA LEU A 210 -23.66 38.76 14.23
C LEU A 210 -24.13 38.23 12.87
N ALA A 211 -24.71 37.02 12.84
CA ALA A 211 -25.25 36.49 11.59
C ALA A 211 -26.39 37.35 11.04
N ARG A 212 -27.25 37.85 11.92
CA ARG A 212 -28.35 38.71 11.48
C ARG A 212 -27.82 39.98 10.84
N ASP A 213 -26.98 40.72 11.56
CA ASP A 213 -26.38 41.92 11.05
C ASP A 213 -25.67 41.70 9.72
N ALA A 214 -25.22 40.48 9.43
CA ALA A 214 -24.65 40.21 8.11
C ALA A 214 -25.68 39.80 7.07
N GLY A 215 -26.94 39.62 7.47
CA GLY A 215 -28.00 39.26 6.55
C GLY A 215 -28.40 37.80 6.53
N CYS A 216 -28.00 37.01 7.53
CA CYS A 216 -28.10 35.56 7.50
C CYS A 216 -28.99 35.09 8.65
N ASP A 217 -30.13 34.49 8.33
CA ASP A 217 -31.01 33.88 9.34
C ASP A 217 -30.84 32.37 9.40
N ALA A 218 -29.59 31.90 9.34
CA ALA A 218 -29.28 30.48 9.45
C ALA A 218 -29.68 29.95 10.82
N LYS A 219 -29.93 28.65 10.89
CA LYS A 219 -30.27 28.04 12.16
C LYS A 219 -28.98 27.74 12.91
N ILE A 220 -28.98 27.99 14.23
CA ILE A 220 -27.78 27.92 15.03
C ILE A 220 -27.65 26.52 15.59
N VAL A 221 -26.47 25.93 15.42
CA VAL A 221 -26.09 24.66 16.03
C VAL A 221 -25.21 24.98 17.23
N ALA A 222 -25.65 24.59 18.42
CA ALA A 222 -24.81 24.75 19.61
C ALA A 222 -23.89 23.55 19.71
N LYS A 223 -22.58 23.77 19.61
CA LYS A 223 -21.62 22.71 19.87
C LYS A 223 -21.47 22.56 21.38
N VAL A 224 -21.96 21.45 21.91
CA VAL A 224 -21.80 21.14 23.32
C VAL A 224 -20.45 20.46 23.52
N GLU A 225 -19.42 21.24 23.81
CA GLU A 225 -18.07 20.72 23.98
C GLU A 225 -17.46 20.98 25.36
N ARG A 226 -18.21 21.59 26.28
CA ARG A 226 -17.65 22.06 27.53
C ARG A 226 -18.35 21.42 28.71
N ALA A 227 -17.57 20.97 29.69
CA ALA A 227 -18.12 20.57 30.97
C ALA A 227 -19.11 21.60 31.52
N GLU A 228 -18.93 22.89 31.19
CA GLU A 228 -19.81 23.92 31.71
C GLU A 228 -21.23 23.81 31.16
N ALA A 229 -21.39 23.17 30.00
CA ALA A 229 -22.71 23.07 29.38
C ALA A 229 -23.54 21.92 29.96
N VAL A 230 -22.89 20.89 30.51
CA VAL A 230 -23.60 19.69 30.92
C VAL A 230 -23.54 19.46 32.43
N CYS A 231 -23.19 20.47 33.21
CA CYS A 231 -23.01 20.28 34.65
C CYS A 231 -24.30 20.40 35.43
N SER A 232 -25.42 20.69 34.78
CA SER A 232 -26.70 20.79 35.46
C SER A 232 -27.76 20.93 34.39
N GLN A 233 -28.98 20.53 34.72
CA GLN A 233 -30.05 20.59 33.74
C GLN A 233 -30.39 22.04 33.37
N ASP A 234 -30.21 22.99 34.29
CA ASP A 234 -30.40 24.38 33.92
C ASP A 234 -29.37 24.81 32.87
N ALA A 235 -28.09 24.44 33.07
CA ALA A 235 -27.06 24.78 32.09
C ALA A 235 -27.40 24.19 30.72
N MET A 236 -27.78 22.92 30.69
CA MET A 236 -28.09 22.22 29.45
C MET A 236 -29.31 22.81 28.75
N ASP A 237 -30.35 23.14 29.50
CA ASP A 237 -31.54 23.77 28.92
C ASP A 237 -31.20 25.16 28.38
N ASP A 238 -30.30 25.88 29.08
CA ASP A 238 -29.96 27.23 28.64
C ASP A 238 -29.28 27.20 27.28
N ILE A 239 -28.31 26.28 27.10
CA ILE A 239 -27.69 26.11 25.77
C ILE A 239 -28.74 25.65 24.75
N ILE A 240 -29.47 24.57 25.02
CA ILE A 240 -30.35 24.00 24.02
C ILE A 240 -31.37 25.03 23.54
N LEU A 241 -32.06 25.70 24.47
CA LEU A 241 -33.10 26.65 24.05
C LEU A 241 -32.54 27.79 23.21
N ALA A 242 -31.28 28.16 23.42
CA ALA A 242 -30.70 29.19 22.58
C ALA A 242 -30.22 28.64 21.24
N SER A 243 -30.48 27.36 20.95
CA SER A 243 -30.07 26.73 19.71
C SER A 243 -31.28 26.29 18.90
N ASP A 244 -31.06 26.13 17.59
CA ASP A 244 -31.95 25.38 16.70
C ASP A 244 -31.56 23.92 16.56
N VAL A 245 -30.26 23.61 16.66
CA VAL A 245 -29.73 22.25 16.60
C VAL A 245 -28.70 22.09 17.70
N VAL A 246 -28.71 20.95 18.36
CA VAL A 246 -27.71 20.60 19.36
C VAL A 246 -26.68 19.67 18.72
N MET A 247 -25.39 20.01 18.82
CA MET A 247 -24.34 19.13 18.31
C MET A 247 -23.61 18.54 19.50
N VAL A 248 -23.69 17.21 19.62
CA VAL A 248 -23.00 16.47 20.67
C VAL A 248 -21.58 16.19 20.16
N ALA A 249 -20.61 16.97 20.64
CA ALA A 249 -19.24 16.99 20.13
C ALA A 249 -18.36 16.25 21.14
N ARG A 250 -18.04 15.00 20.85
CA ARG A 250 -17.58 14.10 21.91
C ARG A 250 -16.10 14.22 22.25
N GLY A 251 -15.26 14.71 21.34
CA GLY A 251 -13.83 14.81 21.57
C GLY A 251 -13.44 15.62 22.78
N ASP A 252 -13.61 16.94 22.66
CA ASP A 252 -13.27 17.85 23.75
C ASP A 252 -14.13 17.58 25.00
N LEU A 253 -15.44 17.34 24.81
CA LEU A 253 -16.35 17.19 25.94
C LEU A 253 -16.00 15.95 26.77
N GLY A 254 -15.63 14.87 26.09
CA GLY A 254 -15.21 13.68 26.80
C GLY A 254 -13.85 13.82 27.44
N VAL A 255 -12.98 14.66 26.85
CA VAL A 255 -11.69 14.89 27.53
C VAL A 255 -11.86 15.71 28.81
N GLU A 256 -12.80 16.65 28.83
CA GLU A 256 -12.94 17.52 29.99
C GLU A 256 -13.57 16.78 31.17
N ILE A 257 -14.81 16.30 31.02
CA ILE A 257 -15.40 15.35 31.95
C ILE A 257 -14.80 14.01 31.60
N GLY A 258 -15.19 12.93 32.28
CA GLY A 258 -14.61 11.64 31.95
C GLY A 258 -15.18 11.07 30.66
N ASP A 259 -14.34 10.31 29.94
CA ASP A 259 -14.84 9.54 28.81
C ASP A 259 -15.96 8.55 29.19
N PRO A 260 -15.89 7.84 30.32
CA PRO A 260 -17.09 7.11 30.76
C PRO A 260 -18.32 8.00 30.96
N GLU A 261 -18.18 9.19 31.55
CA GLU A 261 -19.38 9.99 31.81
C GLU A 261 -19.99 10.56 30.53
N LEU A 262 -19.23 10.50 29.43
CA LEU A 262 -19.71 10.94 28.13
C LEU A 262 -20.93 10.14 27.65
N VAL A 263 -21.00 8.84 27.92
CA VAL A 263 -22.10 8.04 27.35
C VAL A 263 -23.44 8.49 27.93
N GLY A 264 -23.51 8.57 29.25
CA GLY A 264 -24.67 9.16 29.87
C GLY A 264 -24.99 10.53 29.31
N ILE A 265 -23.96 11.39 29.19
CA ILE A 265 -24.20 12.77 28.77
C ILE A 265 -24.74 12.83 27.33
N GLN A 266 -24.25 11.96 26.45
CA GLN A 266 -24.73 11.94 25.07
C GLN A 266 -26.19 11.52 25.03
N LYS A 267 -26.51 10.40 25.69
CA LYS A 267 -27.89 9.98 25.74
C LYS A 267 -28.78 11.08 26.30
N ALA A 268 -28.29 11.80 27.31
CA ALA A 268 -29.11 12.82 27.94
C ALA A 268 -29.34 14.01 27.01
N LEU A 269 -28.29 14.45 26.27
CA LEU A 269 -28.43 15.61 25.38
C LEU A 269 -29.36 15.31 24.21
N ILE A 270 -29.23 14.13 23.62
CA ILE A 270 -30.15 13.74 22.56
C ILE A 270 -31.60 13.75 23.06
N ARG A 271 -31.84 13.11 24.20
CA ARG A 271 -33.21 13.05 24.74
C ARG A 271 -33.75 14.45 25.02
N ARG A 272 -32.93 15.33 25.61
CA ARG A 272 -33.43 16.66 25.93
C ARG A 272 -33.67 17.48 24.65
N ALA A 273 -32.77 17.40 23.68
CA ALA A 273 -32.99 18.11 22.43
C ALA A 273 -34.33 17.72 21.82
N ARG A 274 -34.61 16.42 21.76
CA ARG A 274 -35.88 16.03 21.16
C ARG A 274 -37.06 16.49 22.01
N GLN A 275 -36.90 16.54 23.32
CA GLN A 275 -38.01 17.02 24.13
C GLN A 275 -38.31 18.47 23.86
N LEU A 276 -37.28 19.26 23.57
CA LEU A 276 -37.50 20.69 23.35
C LEU A 276 -37.72 21.00 21.90
N ASN A 277 -38.02 19.98 21.10
CA ASN A 277 -38.29 20.16 19.67
C ASN A 277 -37.10 20.76 18.92
N ARG A 278 -35.88 20.37 19.30
CA ARG A 278 -34.68 20.68 18.52
C ARG A 278 -34.08 19.41 17.95
N ALA A 279 -33.45 19.54 16.79
CA ALA A 279 -32.74 18.43 16.17
C ALA A 279 -31.38 18.25 16.81
N VAL A 280 -30.76 17.09 16.64
CA VAL A 280 -29.48 16.86 17.28
C VAL A 280 -28.54 16.07 16.37
N ILE A 281 -27.28 16.50 16.32
CA ILE A 281 -26.22 15.81 15.62
C ILE A 281 -25.29 15.15 16.64
N THR A 282 -24.89 13.91 16.35
CA THR A 282 -23.85 13.23 17.11
C THR A 282 -22.58 13.26 16.29
N ALA A 283 -21.50 13.77 16.88
CA ALA A 283 -20.38 14.20 16.05
C ALA A 283 -19.05 13.88 16.71
N THR A 284 -18.03 14.47 16.08
CA THR A 284 -16.60 14.13 16.00
C THR A 284 -16.38 13.18 14.84
N GLN A 285 -15.70 12.08 15.17
CA GLN A 285 -15.13 11.13 14.22
C GLN A 285 -15.77 9.78 14.51
N MET A 286 -16.97 9.56 13.96
CA MET A 286 -17.71 8.35 14.29
C MET A 286 -16.98 7.10 13.81
N MET A 287 -16.47 7.14 12.58
CA MET A 287 -15.84 5.95 12.01
C MET A 287 -14.37 6.22 11.72
N GLU A 288 -13.64 6.59 12.77
CA GLU A 288 -12.28 7.08 12.64
C GLU A 288 -11.42 6.15 11.78
N SER A 289 -11.50 4.83 12.01
CA SER A 289 -10.61 3.90 11.32
C SER A 289 -10.70 4.00 9.79
N MET A 290 -11.73 4.64 9.24
CA MET A 290 -11.86 4.71 7.79
C MET A 290 -11.14 5.90 7.18
N ILE A 291 -10.46 6.73 7.99
CA ILE A 291 -9.46 7.62 7.39
C ILE A 291 -8.45 6.80 6.62
N THR A 292 -8.17 5.59 7.11
CA THR A 292 -7.07 4.75 6.66
C THR A 292 -7.51 3.45 5.99
N ASN A 293 -8.54 2.77 6.52
CA ASN A 293 -8.92 1.41 6.12
C ASN A 293 -10.30 1.38 5.47
N PRO A 294 -10.54 0.48 4.51
CA PRO A 294 -11.79 0.51 3.74
C PRO A 294 -13.00 -0.08 4.45
N MET A 295 -12.92 -0.33 5.76
CA MET A 295 -14.01 -0.92 6.50
C MET A 295 -13.91 -0.44 7.93
N PRO A 296 -15.04 -0.28 8.61
CA PRO A 296 -15.02 0.16 10.01
C PRO A 296 -14.62 -0.92 11.01
N THR A 297 -14.20 -0.42 12.15
CA THR A 297 -14.10 -1.18 13.39
C THR A 297 -15.48 -1.62 13.89
N ARG A 298 -15.54 -2.81 14.50
CA ARG A 298 -16.79 -3.27 15.09
C ARG A 298 -17.28 -2.29 16.15
N ALA A 299 -16.35 -1.82 17.01
CA ALA A 299 -16.69 -0.81 18.01
C ALA A 299 -17.27 0.45 17.37
N GLU A 300 -16.72 0.88 16.23
CA GLU A 300 -17.25 2.05 15.52
C GLU A 300 -18.67 1.81 15.03
N VAL A 301 -18.94 0.62 14.51
CA VAL A 301 -20.29 0.22 14.14
C VAL A 301 -21.23 0.35 15.34
N MET A 302 -20.84 -0.26 16.47
CA MET A 302 -21.69 -0.26 17.66
C MET A 302 -21.90 1.15 18.17
N ASP A 303 -20.88 1.99 18.05
CA ASP A 303 -21.00 3.40 18.40
C ASP A 303 -22.10 4.05 17.57
N VAL A 304 -21.93 4.04 16.25
CA VAL A 304 -22.91 4.65 15.37
C VAL A 304 -24.31 4.11 15.66
N ALA A 305 -24.42 2.78 15.78
CA ALA A 305 -25.72 2.14 15.96
C ALA A 305 -26.36 2.56 17.28
N ASN A 306 -25.57 2.72 18.33
CA ASN A 306 -26.16 3.17 19.57
C ASN A 306 -26.46 4.67 19.54
N ALA A 307 -25.75 5.44 18.73
CA ALA A 307 -26.18 6.83 18.56
C ALA A 307 -27.53 6.86 17.88
N VAL A 308 -27.69 6.03 16.85
CA VAL A 308 -28.99 5.91 16.19
C VAL A 308 -30.05 5.52 17.21
N LEU A 309 -29.79 4.48 18.00
CA LEU A 309 -30.83 4.04 18.92
C LEU A 309 -31.07 5.05 20.02
N ASP A 310 -30.13 5.97 20.27
CA ASP A 310 -30.31 6.96 21.32
C ASP A 310 -31.28 8.07 20.92
N GLY A 311 -31.60 8.17 19.63
CA GLY A 311 -32.49 9.18 19.10
C GLY A 311 -31.85 10.30 18.29
N THR A 312 -30.65 10.10 17.75
CA THR A 312 -29.95 11.20 17.08
C THR A 312 -30.63 11.48 15.73
N ASP A 313 -30.73 12.75 15.39
CA ASP A 313 -31.18 13.05 14.03
C ASP A 313 -30.16 12.56 13.03
N ALA A 314 -28.88 12.66 13.38
CA ALA A 314 -27.82 12.62 12.38
C ALA A 314 -26.51 12.24 13.06
N VAL A 315 -25.57 11.79 12.23
CA VAL A 315 -24.22 11.42 12.64
C VAL A 315 -23.25 12.02 11.64
N MET A 316 -22.04 12.34 12.10
CA MET A 316 -21.12 13.21 11.38
C MET A 316 -19.79 12.53 11.07
N LEU A 317 -19.27 12.77 9.87
CA LEU A 317 -17.92 12.39 9.50
C LEU A 317 -17.07 13.65 9.38
N SER A 318 -15.85 13.63 9.93
CA SER A 318 -14.93 14.75 9.76
C SER A 318 -13.80 14.33 8.84
N ALA A 319 -12.63 13.94 9.35
CA ALA A 319 -11.50 13.69 8.49
C ALA A 319 -11.76 12.52 7.56
N GLU A 320 -12.64 11.60 7.96
CA GLU A 320 -13.00 10.47 7.09
C GLU A 320 -13.32 10.94 5.69
N THR A 321 -14.14 11.98 5.56
CA THR A 321 -14.47 12.50 4.23
C THR A 321 -13.65 13.72 3.82
N ALA A 322 -13.12 14.48 4.77
CA ALA A 322 -12.41 15.71 4.42
C ALA A 322 -10.98 15.43 3.98
N ALA A 323 -10.35 14.41 4.59
CA ALA A 323 -8.94 14.13 4.43
C ALA A 323 -8.62 12.65 4.30
N GLY A 324 -9.61 11.77 4.24
CA GLY A 324 -9.34 10.35 4.31
C GLY A 324 -9.11 9.72 2.95
N GLN A 325 -8.96 8.40 2.97
CA GLN A 325 -8.74 7.65 1.73
C GLN A 325 -10.04 7.11 1.12
N TYR A 326 -11.13 7.06 1.87
CA TYR A 326 -12.37 6.49 1.37
C TYR A 326 -13.56 7.35 1.78
N PRO A 327 -13.74 8.50 1.12
CA PRO A 327 -14.86 9.38 1.48
C PRO A 327 -16.23 8.77 1.22
N SER A 328 -16.50 8.44 -0.05
CA SER A 328 -17.80 7.87 -0.40
C SER A 328 -17.99 6.51 0.25
N GLU A 329 -16.91 5.73 0.41
CA GLU A 329 -17.02 4.44 1.07
C GLU A 329 -17.42 4.59 2.54
N THR A 330 -16.82 5.54 3.25
CA THR A 330 -17.21 5.76 4.64
C THR A 330 -18.69 6.16 4.73
N VAL A 331 -19.16 7.01 3.81
CA VAL A 331 -20.59 7.33 3.78
C VAL A 331 -21.41 6.06 3.57
N ALA A 332 -21.00 5.24 2.61
CA ALA A 332 -21.79 4.06 2.26
C ALA A 332 -21.90 3.13 3.46
N ALA A 333 -20.78 2.94 4.15
CA ALA A 333 -20.73 2.08 5.31
C ALA A 333 -21.61 2.63 6.42
N MET A 334 -21.40 3.92 6.75
CA MET A 334 -22.22 4.61 7.74
C MET A 334 -23.70 4.45 7.47
N ALA A 335 -24.08 4.58 6.20
CA ALA A 335 -25.48 4.45 5.84
C ALA A 335 -25.99 3.04 6.12
N ARG A 336 -25.19 2.02 5.75
CA ARG A 336 -25.55 0.64 6.09
C ARG A 336 -25.73 0.46 7.60
N VAL A 337 -24.83 1.03 8.40
CA VAL A 337 -24.98 0.86 9.85
C VAL A 337 -26.30 1.46 10.30
N CYS A 338 -26.61 2.66 9.83
CA CYS A 338 -27.87 3.30 10.20
C CYS A 338 -29.07 2.45 9.81
N LEU A 339 -29.12 1.98 8.56
CA LEU A 339 -30.23 1.16 8.12
C LEU A 339 -30.37 -0.08 9.01
N GLY A 340 -29.24 -0.68 9.38
CA GLY A 340 -29.28 -1.83 10.28
C GLY A 340 -29.92 -1.46 11.60
N ALA A 341 -29.33 -0.46 12.28
CA ALA A 341 -29.79 -0.08 13.60
C ALA A 341 -31.25 0.34 13.62
N GLU A 342 -31.76 0.89 12.52
CA GLU A 342 -33.13 1.41 12.55
C GLU A 342 -34.18 0.29 12.54
N LYS A 343 -33.82 -0.94 12.16
CA LYS A 343 -34.72 -2.07 12.30
C LYS A 343 -35.00 -2.47 13.74
N ILE A 344 -34.18 -2.03 14.70
CA ILE A 344 -34.34 -2.55 16.07
C ILE A 344 -35.63 -2.00 16.67
N PRO A 345 -36.49 -2.86 17.24
CA PRO A 345 -37.83 -2.41 17.62
C PRO A 345 -37.85 -1.18 18.52
N SER A 346 -36.92 -1.12 19.47
CA SER A 346 -36.78 0.01 20.38
C SER A 346 -36.91 1.39 19.71
N ILE A 347 -36.19 1.61 18.59
CA ILE A 347 -36.17 2.94 17.98
C ILE A 347 -37.35 3.18 17.04
N ASN A 348 -38.28 2.23 16.96
CA ASN A 348 -39.44 2.31 16.09
C ASN A 348 -40.70 2.74 16.84
N VAL A 349 -40.67 2.72 18.18
CA VAL A 349 -41.88 2.87 18.97
C VAL A 349 -41.74 4.09 19.87
N SER A 350 -42.87 4.73 20.13
CA SER A 350 -42.96 5.93 20.95
C SER A 350 -44.06 5.78 21.98
N LYS A 351 -43.87 6.43 23.13
CA LYS A 351 -44.97 6.63 24.08
C LYS A 351 -45.88 7.79 23.65
N HIS A 352 -45.45 8.60 22.67
CA HIS A 352 -46.24 9.71 22.12
C HIS A 352 -46.50 10.81 23.15
N ARG A 353 -45.51 11.05 24.01
CA ARG A 353 -45.50 12.20 24.92
C ARG A 353 -46.72 12.23 25.84
N LEU A 354 -47.10 11.05 26.36
CA LEU A 354 -47.93 10.97 27.55
C LEU A 354 -47.52 12.03 28.56
N ASP A 355 -48.50 12.65 29.21
CA ASP A 355 -48.24 13.65 30.26
C ASP A 355 -47.62 14.93 29.72
N VAL A 356 -47.61 15.12 28.40
CA VAL A 356 -47.18 16.36 27.79
C VAL A 356 -48.44 17.06 27.30
N GLN A 357 -48.51 18.36 27.52
CA GLN A 357 -49.61 19.18 27.08
C GLN A 357 -49.09 20.14 26.02
N PHE A 358 -49.81 20.27 24.91
CA PHE A 358 -49.41 21.21 23.90
C PHE A 358 -50.22 22.48 24.05
N ASP A 359 -49.60 23.61 23.69
CA ASP A 359 -50.28 24.90 23.54
C ASP A 359 -50.10 25.42 22.12
N ASN A 360 -49.95 24.52 21.17
CA ASN A 360 -49.60 24.90 19.80
C ASN A 360 -50.32 23.96 18.84
N VAL A 361 -51.27 24.51 18.08
CA VAL A 361 -52.08 23.71 17.18
C VAL A 361 -51.21 22.89 16.24
N GLU A 362 -50.18 23.51 15.67
CA GLU A 362 -49.34 22.78 14.71
C GLU A 362 -48.72 21.56 15.35
N GLU A 363 -48.24 21.71 16.57
CA GLU A 363 -47.63 20.59 17.25
C GLU A 363 -48.67 19.54 17.57
N ALA A 364 -49.87 19.95 17.98
CA ALA A 364 -50.98 19.00 18.18
C ALA A 364 -51.24 18.17 16.92
N ILE A 365 -51.36 18.84 15.77
CA ILE A 365 -51.50 18.14 14.51
C ILE A 365 -50.36 17.16 14.31
N ALA A 366 -49.13 17.58 14.63
CA ALA A 366 -47.98 16.75 14.33
C ALA A 366 -47.97 15.50 15.21
N MET A 367 -48.25 15.71 16.50
CA MET A 367 -48.30 14.63 17.47
C MET A 367 -49.43 13.65 17.18
N SER A 368 -50.63 14.15 16.90
CA SER A 368 -51.75 13.24 16.67
C SER A 368 -51.62 12.56 15.32
N ALA A 369 -50.92 13.19 14.37
CA ALA A 369 -50.65 12.51 13.12
C ALA A 369 -49.67 11.37 13.34
N MET A 370 -48.64 11.58 14.16
CA MET A 370 -47.72 10.49 14.40
C MET A 370 -48.41 9.35 15.15
N TYR A 371 -49.33 9.70 16.05
CA TYR A 371 -50.02 8.67 16.80
C TYR A 371 -50.91 7.82 15.89
N ALA A 372 -51.75 8.47 15.10
CA ALA A 372 -52.46 7.77 14.05
C ALA A 372 -51.51 6.94 13.19
N ALA A 373 -50.40 7.54 12.74
CA ALA A 373 -49.54 6.89 11.76
C ALA A 373 -48.98 5.61 12.31
N ASN A 374 -48.46 5.67 13.53
CA ASN A 374 -47.83 4.52 14.17
C ASN A 374 -48.83 3.42 14.55
N HIS A 375 -50.13 3.71 14.71
CA HIS A 375 -51.01 2.65 15.16
C HIS A 375 -52.01 2.12 14.14
N LEU A 376 -52.14 2.74 12.96
CA LEU A 376 -53.12 2.33 11.95
C LEU A 376 -52.51 1.36 10.94
N LYS A 377 -53.06 0.14 10.86
CA LYS A 377 -52.57 -0.84 9.90
C LYS A 377 -52.59 -0.27 8.50
N GLY A 378 -51.54 -0.57 7.74
CA GLY A 378 -51.49 -0.15 6.37
C GLY A 378 -50.86 1.19 6.11
N VAL A 379 -50.67 2.03 7.14
CA VAL A 379 -49.96 3.28 6.93
C VAL A 379 -48.56 2.96 6.41
N THR A 380 -48.13 3.69 5.39
CA THR A 380 -46.77 3.53 4.89
C THR A 380 -45.98 4.83 4.80
N ALA A 381 -46.56 5.97 5.14
CA ALA A 381 -45.84 7.24 5.03
C ALA A 381 -46.62 8.32 5.76
N ILE A 382 -45.89 9.25 6.36
CA ILE A 382 -46.46 10.51 6.79
C ILE A 382 -46.03 11.58 5.79
N ILE A 383 -46.96 12.44 5.38
CA ILE A 383 -46.65 13.51 4.44
C ILE A 383 -46.97 14.83 5.15
N THR A 384 -45.96 15.71 5.28
CA THR A 384 -46.14 17.03 5.84
C THR A 384 -45.98 18.06 4.73
N MET A 385 -47.08 18.67 4.33
CA MET A 385 -47.04 19.81 3.44
C MET A 385 -46.81 21.05 4.30
N THR A 386 -45.58 21.59 4.27
CA THR A 386 -45.18 22.69 5.13
C THR A 386 -44.12 23.54 4.43
N GLU A 387 -44.40 24.82 4.23
CA GLU A 387 -43.42 25.64 3.55
C GLU A 387 -42.27 26.06 4.46
N SER A 388 -42.44 25.97 5.78
CA SER A 388 -41.36 26.33 6.70
C SER A 388 -40.55 25.15 7.21
N GLY A 389 -41.05 23.92 7.05
CA GLY A 389 -40.39 22.76 7.60
C GLY A 389 -40.81 22.41 9.00
N ARG A 390 -41.53 23.29 9.67
CA ARG A 390 -41.75 23.15 11.11
C ARG A 390 -42.57 21.90 11.44
N THR A 391 -43.60 21.58 10.65
CA THR A 391 -44.32 20.34 10.92
C THR A 391 -43.40 19.16 10.80
N ALA A 392 -42.46 19.19 9.84
CA ALA A 392 -41.54 18.07 9.68
C ALA A 392 -40.63 17.91 10.91
N LEU A 393 -40.18 19.03 11.49
CA LEU A 393 -39.40 18.95 12.71
C LEU A 393 -40.21 18.33 13.87
N MET A 394 -41.44 18.79 14.05
CA MET A 394 -42.21 18.26 15.16
C MET A 394 -42.54 16.79 14.96
N THR A 395 -42.92 16.39 13.75
CA THR A 395 -43.26 14.98 13.57
C THR A 395 -42.03 14.11 13.75
N SER A 396 -40.89 14.53 13.22
CA SER A 396 -39.68 13.71 13.33
C SER A 396 -39.17 13.63 14.77
N ARG A 397 -39.65 14.49 15.68
CA ARG A 397 -39.30 14.27 17.09
C ARG A 397 -39.77 12.92 17.62
N ILE A 398 -40.77 12.29 16.99
CA ILE A 398 -41.39 11.07 17.50
C ILE A 398 -40.83 9.85 16.76
N SER A 399 -40.36 8.85 17.51
CA SER A 399 -39.75 7.67 16.92
C SER A 399 -40.76 6.89 16.09
N SER A 400 -40.29 6.31 14.98
CA SER A 400 -41.17 5.56 14.10
C SER A 400 -40.33 4.91 13.01
N GLY A 401 -40.84 3.84 12.45
CA GLY A 401 -40.19 3.28 11.27
C GLY A 401 -40.52 3.97 9.97
N LEU A 402 -41.52 4.84 9.97
CA LEU A 402 -42.15 5.36 8.77
C LEU A 402 -41.37 6.54 8.18
N PRO A 403 -41.35 6.67 6.86
CA PRO A 403 -40.77 7.88 6.26
C PRO A 403 -41.71 9.07 6.39
N ILE A 404 -41.11 10.24 6.65
CA ILE A 404 -41.83 11.51 6.65
C ILE A 404 -41.40 12.26 5.39
N PHE A 405 -42.36 12.65 4.57
CA PHE A 405 -42.08 13.38 3.34
C PHE A 405 -42.46 14.82 3.57
N ALA A 406 -41.48 15.71 3.52
CA ALA A 406 -41.69 17.13 3.77
C ALA A 406 -41.79 17.83 2.42
N MET A 407 -42.98 18.29 2.07
CA MET A 407 -43.25 18.92 0.78
C MET A 407 -43.24 20.43 0.94
N SER A 408 -42.40 21.09 0.16
CA SER A 408 -42.28 22.53 0.19
C SER A 408 -41.77 22.98 -1.17
N ARG A 409 -42.00 24.26 -1.49
CA ARG A 409 -41.53 24.80 -2.76
C ARG A 409 -40.21 25.54 -2.63
N HIS A 410 -39.70 25.70 -1.41
CA HIS A 410 -38.50 26.47 -1.12
C HIS A 410 -37.28 25.56 -0.98
N GLU A 411 -36.24 25.83 -1.77
CA GLU A 411 -34.95 25.18 -1.59
C GLU A 411 -34.46 25.30 -0.16
N ARG A 412 -34.65 26.47 0.47
CA ARG A 412 -34.19 26.63 1.84
C ARG A 412 -34.93 25.70 2.79
N THR A 413 -36.23 25.47 2.55
CA THR A 413 -36.94 24.58 3.45
C THR A 413 -36.53 23.12 3.22
N LEU A 414 -36.32 22.74 1.95
CA LEU A 414 -35.93 21.36 1.66
C LEU A 414 -34.53 21.06 2.17
N ASN A 415 -33.59 21.97 1.89
CA ASN A 415 -32.26 21.85 2.49
C ASN A 415 -32.35 21.73 4.00
N LEU A 416 -33.05 22.67 4.63
CA LEU A 416 -33.28 22.64 6.07
C LEU A 416 -33.70 21.24 6.51
N THR A 417 -34.78 20.71 5.92
CA THR A 417 -35.30 19.45 6.40
C THR A 417 -34.35 18.29 6.12
N ALA A 418 -33.34 18.47 5.27
CA ALA A 418 -32.41 17.38 5.06
C ALA A 418 -31.75 16.90 6.36
N LEU A 419 -31.71 17.73 7.39
CA LEU A 419 -31.05 17.28 8.61
C LEU A 419 -31.95 16.44 9.50
N TYR A 420 -33.26 16.56 9.35
CA TYR A 420 -34.21 15.97 10.30
C TYR A 420 -34.31 14.45 10.14
N ARG A 421 -34.45 13.77 11.27
CA ARG A 421 -34.57 12.32 11.29
C ARG A 421 -35.79 11.86 10.51
N GLY A 422 -35.61 10.88 9.62
CA GLY A 422 -36.74 10.32 8.91
C GLY A 422 -37.40 11.22 7.88
N VAL A 423 -36.84 12.38 7.59
CA VAL A 423 -37.49 13.30 6.67
C VAL A 423 -36.80 13.23 5.32
N THR A 424 -37.61 13.09 4.29
CA THR A 424 -37.16 13.09 2.92
C THR A 424 -37.69 14.38 2.32
N PRO A 425 -36.86 15.38 2.04
CA PRO A 425 -37.38 16.60 1.44
C PRO A 425 -37.79 16.29 0.01
N VAL A 426 -38.96 16.78 -0.39
CA VAL A 426 -39.50 16.51 -1.72
C VAL A 426 -40.06 17.81 -2.29
N HIS A 427 -39.46 18.30 -3.37
CA HIS A 427 -39.90 19.56 -3.97
C HIS A 427 -41.33 19.45 -4.51
N PHE A 428 -42.16 20.43 -4.14
CA PHE A 428 -43.57 20.42 -4.51
C PHE A 428 -44.01 21.86 -4.63
N ASP A 429 -44.62 22.21 -5.77
CA ASP A 429 -45.05 23.59 -6.04
C ASP A 429 -46.27 23.50 -6.95
N SER A 430 -47.46 23.59 -6.37
CA SER A 430 -48.64 23.04 -7.04
C SER A 430 -49.67 24.05 -7.49
N ALA A 431 -49.84 25.17 -6.77
CA ALA A 431 -50.90 26.14 -7.06
C ALA A 431 -52.24 25.68 -6.52
N ASN A 432 -52.43 24.38 -6.39
CA ASN A 432 -53.56 23.82 -5.67
C ASN A 432 -53.38 24.03 -4.16
N ASP A 433 -54.50 23.91 -3.45
CA ASP A 433 -54.53 23.86 -2.01
C ASP A 433 -55.51 22.75 -1.63
N GLY A 434 -55.77 22.58 -0.34
CA GLY A 434 -56.71 21.61 0.17
C GLY A 434 -56.44 20.21 -0.32
N VAL A 435 -57.53 19.45 -0.46
CA VAL A 435 -57.43 18.04 -0.78
C VAL A 435 -56.83 17.83 -2.15
N ALA A 436 -56.94 18.81 -3.04
CA ALA A 436 -56.34 18.64 -4.35
C ALA A 436 -54.83 18.63 -4.26
N ALA A 437 -54.25 19.62 -3.57
CA ALA A 437 -52.81 19.61 -3.32
C ALA A 437 -52.38 18.34 -2.59
N ALA A 438 -53.16 17.92 -1.59
CA ALA A 438 -52.82 16.71 -0.86
C ALA A 438 -52.70 15.51 -1.80
N SER A 439 -53.71 15.30 -2.64
CA SER A 439 -53.71 14.13 -3.52
C SER A 439 -52.65 14.26 -4.59
N GLU A 440 -52.38 15.49 -5.04
CA GLU A 440 -51.34 15.69 -6.02
C GLU A 440 -49.98 15.36 -5.43
N ALA A 441 -49.78 15.65 -4.14
CA ALA A 441 -48.54 15.26 -3.46
C ALA A 441 -48.46 13.75 -3.31
N VAL A 442 -49.56 13.11 -2.90
CA VAL A 442 -49.59 11.65 -2.78
C VAL A 442 -49.23 11.00 -4.11
N ASN A 443 -49.80 11.51 -5.21
CA ASN A 443 -49.56 10.89 -6.51
C ASN A 443 -48.15 11.18 -7.02
N LEU A 444 -47.58 12.34 -6.65
CA LEU A 444 -46.18 12.57 -6.97
C LEU A 444 -45.28 11.58 -6.26
N LEU A 445 -45.56 11.34 -4.97
CA LEU A 445 -44.77 10.36 -4.22
C LEU A 445 -44.91 8.98 -4.83
N ARG A 446 -46.12 8.61 -5.23
CA ARG A 446 -46.34 7.39 -6.01
C ARG A 446 -45.43 7.34 -7.24
N ASP A 447 -45.63 8.28 -8.16
CA ASP A 447 -44.82 8.32 -9.38
C ASP A 447 -43.33 8.20 -9.11
N LYS A 448 -42.86 8.57 -7.91
CA LYS A 448 -41.44 8.48 -7.62
C LYS A 448 -41.00 7.13 -7.05
N GLY A 449 -41.94 6.30 -6.59
CA GLY A 449 -41.62 4.99 -6.09
C GLY A 449 -41.83 4.83 -4.61
N TYR A 450 -42.23 5.89 -3.91
CA TYR A 450 -42.31 5.85 -2.46
C TYR A 450 -43.58 5.15 -1.99
N LEU A 451 -44.71 5.37 -2.67
CA LEU A 451 -45.96 4.76 -2.28
C LEU A 451 -46.45 3.77 -3.33
N MET A 452 -47.27 2.83 -2.87
CA MET A 452 -47.92 1.84 -3.71
C MET A 452 -49.43 2.01 -3.65
N SER A 453 -50.10 1.47 -4.67
CA SER A 453 -51.48 1.80 -4.96
C SER A 453 -52.44 1.55 -3.78
N GLY A 454 -52.08 0.71 -2.83
CA GLY A 454 -53.02 0.44 -1.76
C GLY A 454 -52.81 1.18 -0.45
N ASP A 455 -51.67 1.88 -0.33
CA ASP A 455 -51.21 2.32 0.98
C ASP A 455 -52.13 3.37 1.63
N LEU A 456 -52.07 3.41 2.95
CA LEU A 456 -52.62 4.51 3.71
C LEU A 456 -51.52 5.52 4.00
N VAL A 457 -51.88 6.79 3.93
CA VAL A 457 -50.92 7.85 4.22
C VAL A 457 -51.57 8.90 5.11
N ILE A 458 -50.80 9.35 6.10
CA ILE A 458 -51.19 10.46 6.95
C ILE A 458 -50.62 11.73 6.32
N VAL A 459 -51.46 12.76 6.22
CA VAL A 459 -51.10 14.02 5.58
C VAL A 459 -51.41 15.14 6.54
N THR A 460 -50.48 16.07 6.73
CA THR A 460 -50.68 17.21 7.58
C THR A 460 -50.62 18.46 6.71
N GLN A 461 -51.56 19.38 6.92
CA GLN A 461 -51.73 20.50 6.02
C GLN A 461 -52.36 21.66 6.77
N GLY A 462 -52.13 22.87 6.26
CA GLY A 462 -52.82 24.04 6.74
C GLY A 462 -54.02 24.36 5.85
N ASP A 463 -55.21 24.29 6.44
CA ASP A 463 -56.46 24.56 5.72
C ASP A 463 -57.31 25.52 6.53
N VAL A 464 -57.37 26.77 6.10
CA VAL A 464 -58.26 27.73 6.72
C VAL A 464 -58.68 28.78 5.70
N MET A 465 -59.82 29.41 5.97
CA MET A 465 -60.36 30.42 5.09
C MET A 465 -59.71 31.77 5.35
N SER A 466 -58.51 31.75 5.91
CA SER A 466 -57.93 32.93 6.51
C SER A 466 -56.45 33.00 6.18
N THR A 467 -55.87 34.17 6.39
CA THR A 467 -54.43 34.32 6.33
C THR A 467 -53.75 34.03 7.67
N VAL A 468 -54.53 33.99 8.78
CA VAL A 468 -54.01 33.69 10.11
C VAL A 468 -53.85 32.18 10.28
N GLY A 469 -52.74 31.77 10.87
CA GLY A 469 -52.57 30.40 11.31
C GLY A 469 -51.74 29.56 10.35
N SER A 470 -51.42 28.36 10.83
CA SER A 470 -50.56 27.42 10.12
C SER A 470 -51.20 26.04 10.02
N THR A 471 -50.39 24.99 9.99
CA THR A 471 -50.87 23.61 9.89
C THR A 471 -51.93 23.29 10.93
N ASN A 472 -53.12 22.87 10.47
CA ASN A 472 -54.22 22.59 11.38
C ASN A 472 -55.08 21.41 10.94
N THR A 473 -54.55 20.52 10.09
CA THR A 473 -55.35 19.52 9.40
C THR A 473 -54.55 18.23 9.23
N THR A 474 -55.13 17.09 9.64
CA THR A 474 -54.64 15.79 9.21
C THR A 474 -55.69 15.10 8.36
N ARG A 475 -55.24 14.46 7.28
CA ARG A 475 -56.05 13.64 6.40
C ARG A 475 -55.45 12.24 6.33
N ILE A 476 -56.30 11.22 6.36
CA ILE A 476 -55.84 9.85 6.15
C ILE A 476 -56.35 9.40 4.80
N LEU A 477 -55.47 9.31 3.81
CA LEU A 477 -55.89 9.05 2.43
C LEU A 477 -55.36 7.70 1.93
N THR A 478 -56.05 7.14 0.93
CA THR A 478 -55.57 5.94 0.25
C THR A 478 -54.99 6.32 -1.11
N VAL A 479 -53.82 5.76 -1.42
CA VAL A 479 -53.11 6.12 -2.65
C VAL A 479 -53.88 5.62 -3.88
N GLU A 480 -53.73 6.36 -4.99
CA GLU A 480 -54.39 6.07 -6.28
C GLU A 480 -55.90 5.92 -6.16
N ARG B 3 -17.42 2.64 49.59
CA ARG B 3 -17.08 2.88 48.20
C ARG B 3 -17.99 2.08 47.28
N ARG B 4 -18.54 2.75 46.26
CA ARG B 4 -19.36 2.09 45.24
C ARG B 4 -18.55 1.03 44.49
N LEU B 5 -19.10 -0.16 44.37
CA LEU B 5 -18.40 -1.30 43.77
C LEU B 5 -18.83 -1.51 42.33
N ARG B 6 -17.89 -1.96 41.51
CA ARG B 6 -18.20 -2.36 40.14
C ARG B 6 -19.13 -3.56 40.14
N ARG B 7 -20.09 -3.57 39.22
CA ARG B 7 -21.02 -4.68 39.05
C ARG B 7 -20.75 -5.54 37.82
N THR B 8 -20.37 -4.95 36.69
CA THR B 8 -20.06 -5.72 35.50
C THR B 8 -18.74 -6.46 35.68
N LYS B 9 -18.73 -7.76 35.38
CA LYS B 9 -17.55 -8.58 35.59
C LYS B 9 -16.66 -8.59 34.33
N ILE B 10 -15.37 -8.82 34.55
CA ILE B 10 -14.35 -8.74 33.51
C ILE B 10 -13.71 -10.11 33.35
N VAL B 11 -13.85 -10.68 32.14
CA VAL B 11 -13.24 -11.95 31.78
C VAL B 11 -11.97 -11.68 30.98
N THR B 12 -10.84 -12.20 31.45
CA THR B 12 -9.52 -11.92 30.88
C THR B 12 -8.86 -13.20 30.37
N THR B 13 -8.58 -13.26 29.06
CA THR B 13 -7.88 -14.40 28.47
C THR B 13 -6.40 -14.43 28.87
N LEU B 14 -5.88 -15.61 29.16
CA LEU B 14 -4.47 -15.80 29.48
C LEU B 14 -3.64 -16.15 28.25
N GLY B 15 -2.32 -15.99 28.39
CA GLY B 15 -1.39 -16.27 27.32
C GLY B 15 0.02 -15.79 27.62
N PRO B 16 0.86 -15.72 26.57
CA PRO B 16 2.25 -15.26 26.75
C PRO B 16 2.37 -14.03 27.63
N ALA B 17 1.57 -12.99 27.33
CA ALA B 17 1.64 -11.71 28.02
C ALA B 17 1.20 -11.79 29.46
N THR B 18 0.55 -12.87 29.87
CA THR B 18 0.19 -13.04 31.27
C THR B 18 1.20 -13.87 32.05
N ASP B 19 1.90 -14.81 31.40
CA ASP B 19 3.04 -15.48 32.04
C ASP B 19 4.18 -14.50 32.24
N ARG B 20 4.41 -13.65 31.25
CA ARG B 20 5.53 -12.72 31.25
C ARG B 20 5.49 -11.84 32.50
N ASP B 21 6.67 -11.56 33.06
CA ASP B 21 6.80 -10.83 34.31
C ASP B 21 5.81 -11.32 35.36
N ASN B 22 5.17 -10.40 36.06
CA ASN B 22 4.12 -10.79 37.00
C ASN B 22 2.77 -10.23 36.56
N ASN B 23 2.44 -10.48 35.29
CA ASN B 23 1.26 -9.87 34.70
C ASN B 23 -0.02 -10.57 35.11
N LEU B 24 0.01 -11.89 35.29
CA LEU B 24 -1.19 -12.57 35.76
C LEU B 24 -1.71 -11.93 37.05
N GLU B 25 -0.84 -11.85 38.07
CA GLU B 25 -1.23 -11.21 39.31
C GLU B 25 -1.65 -9.75 39.10
N LYS B 26 -1.00 -9.03 38.19
CA LYS B 26 -1.42 -7.64 37.94
C LYS B 26 -2.84 -7.58 37.41
N VAL B 27 -3.16 -8.42 36.42
CA VAL B 27 -4.50 -8.39 35.86
C VAL B 27 -5.51 -8.82 36.90
N ILE B 28 -5.14 -9.74 37.78
CA ILE B 28 -6.08 -10.12 38.83
C ILE B 28 -6.28 -8.96 39.80
N ALA B 29 -5.20 -8.27 40.15
CA ALA B 29 -5.28 -7.16 41.11
C ALA B 29 -6.08 -6.00 40.56
N ALA B 30 -6.01 -5.76 39.25
CA ALA B 30 -6.75 -4.69 38.64
C ALA B 30 -8.25 -4.97 38.60
N GLY B 31 -8.66 -6.23 38.80
CA GLY B 31 -10.07 -6.59 38.87
C GLY B 31 -10.63 -7.70 37.99
N ALA B 32 -9.80 -8.49 37.28
CA ALA B 32 -10.28 -9.67 36.57
C ALA B 32 -11.06 -10.58 37.51
N ASN B 33 -12.25 -11.00 37.07
CA ASN B 33 -13.10 -11.84 37.89
C ASN B 33 -13.19 -13.26 37.37
N VAL B 34 -12.80 -13.47 36.13
CA VAL B 34 -12.82 -14.77 35.48
C VAL B 34 -11.66 -14.78 34.51
N VAL B 35 -10.80 -15.78 34.61
CA VAL B 35 -9.74 -15.96 33.63
C VAL B 35 -10.20 -16.99 32.64
N ARG B 36 -9.88 -16.77 31.36
CA ARG B 36 -10.28 -17.67 30.29
C ARG B 36 -9.04 -18.33 29.69
N MET B 37 -9.01 -19.66 29.71
CA MET B 37 -8.02 -20.45 28.99
C MET B 37 -8.57 -20.78 27.62
N ASN B 38 -7.85 -20.35 26.59
CA ASN B 38 -8.30 -20.51 25.22
C ASN B 38 -7.59 -21.71 24.59
N PHE B 39 -8.31 -22.82 24.46
CA PHE B 39 -7.68 -24.05 23.98
C PHE B 39 -7.24 -23.98 22.54
N SER B 40 -7.49 -22.88 21.83
CA SER B 40 -6.97 -22.77 20.46
C SER B 40 -5.46 -22.67 20.42
N HIS B 41 -4.83 -22.38 21.55
CA HIS B 41 -3.41 -22.11 21.60
C HIS B 41 -2.85 -22.75 22.85
N GLY B 42 -1.61 -23.21 22.77
CA GLY B 42 -0.96 -23.78 23.93
C GLY B 42 -1.15 -25.28 24.03
N SER B 43 -0.43 -25.85 24.93
CA SER B 43 -0.46 -27.25 25.27
C SER B 43 -1.33 -27.44 26.50
N PRO B 44 -1.74 -28.67 26.80
CA PRO B 44 -2.52 -28.88 28.04
C PRO B 44 -1.72 -28.55 29.28
N GLU B 45 -0.40 -28.73 29.24
CA GLU B 45 0.42 -28.46 30.41
C GLU B 45 0.56 -26.95 30.65
N ASP B 46 0.49 -26.13 29.59
CA ASP B 46 0.43 -24.68 29.79
C ASP B 46 -0.79 -24.29 30.62
N HIS B 47 -1.98 -24.79 30.24
CA HIS B 47 -3.19 -24.43 30.96
C HIS B 47 -3.17 -24.97 32.37
N LYS B 48 -2.68 -26.20 32.56
CA LYS B 48 -2.56 -26.75 33.92
C LYS B 48 -1.67 -25.86 34.79
N MET B 49 -0.49 -25.48 34.27
CA MET B 49 0.40 -24.53 34.95
C MET B 49 -0.33 -23.24 35.31
N ARG B 50 -0.98 -22.61 34.32
CA ARG B 50 -1.67 -21.35 34.59
C ARG B 50 -2.78 -21.50 35.61
N ALA B 51 -3.45 -22.66 35.65
CA ALA B 51 -4.50 -22.88 36.64
C ALA B 51 -3.92 -22.87 38.04
N ASP B 52 -2.80 -23.58 38.22
CA ASP B 52 -2.12 -23.53 39.52
C ASP B 52 -1.74 -22.10 39.87
N LYS B 53 -1.24 -21.34 38.90
CA LYS B 53 -0.77 -20.00 39.20
C LYS B 53 -1.92 -19.08 39.59
N VAL B 54 -3.06 -19.20 38.89
CA VAL B 54 -4.23 -18.39 39.21
C VAL B 54 -4.76 -18.72 40.61
N ARG B 55 -4.81 -20.01 40.96
CA ARG B 55 -5.33 -20.35 42.28
C ARG B 55 -4.36 -19.93 43.38
N GLU B 56 -3.05 -19.98 43.09
CA GLU B 56 -2.06 -19.43 44.01
C GLU B 56 -2.28 -17.93 44.24
N ILE B 57 -2.35 -17.15 43.16
CA ILE B 57 -2.52 -15.70 43.30
C ILE B 57 -3.81 -15.35 44.01
N ALA B 58 -4.89 -16.10 43.72
CA ALA B 58 -6.19 -15.79 44.33
C ALA B 58 -6.19 -16.11 45.82
N ALA B 59 -5.63 -17.25 46.21
CA ALA B 59 -5.49 -17.51 47.65
C ALA B 59 -4.64 -16.45 48.31
N LYS B 60 -3.59 -16.00 47.62
CA LYS B 60 -2.73 -14.94 48.17
C LYS B 60 -3.52 -13.67 48.44
N LEU B 61 -4.26 -13.17 47.45
CA LEU B 61 -4.92 -11.87 47.53
C LEU B 61 -6.30 -11.93 48.19
N GLY B 62 -6.73 -13.09 48.68
CA GLY B 62 -8.08 -13.23 49.22
C GLY B 62 -9.20 -12.99 48.21
N ARG B 63 -8.93 -13.19 46.93
CA ARG B 63 -9.91 -12.99 45.88
C ARG B 63 -10.43 -14.32 45.39
N HIS B 64 -11.66 -14.31 44.88
CA HIS B 64 -12.26 -15.45 44.21
C HIS B 64 -12.27 -15.20 42.71
N VAL B 65 -11.57 -16.05 41.96
CA VAL B 65 -11.42 -15.89 40.52
C VAL B 65 -11.91 -17.16 39.86
N ALA B 66 -12.93 -17.04 39.01
CA ALA B 66 -13.41 -18.18 38.25
C ALA B 66 -12.45 -18.52 37.11
N ILE B 67 -12.39 -19.81 36.76
CA ILE B 67 -11.64 -20.27 35.60
C ILE B 67 -12.61 -20.78 34.55
N LEU B 68 -12.47 -20.28 33.32
CA LEU B 68 -13.29 -20.67 32.18
C LEU B 68 -12.40 -21.28 31.09
N GLY B 69 -12.80 -22.44 30.58
CA GLY B 69 -12.09 -23.10 29.49
C GLY B 69 -12.92 -23.03 28.23
N ASP B 70 -12.29 -22.62 27.13
CA ASP B 70 -12.99 -22.28 25.90
C ASP B 70 -12.47 -23.19 24.79
N LEU B 71 -13.27 -24.18 24.41
CA LEU B 71 -12.89 -25.08 23.33
C LEU B 71 -12.74 -24.32 22.01
N GLN B 72 -11.86 -24.83 21.15
CA GLN B 72 -11.54 -24.16 19.89
C GLN B 72 -12.65 -24.30 18.87
N GLY B 73 -13.30 -25.47 18.83
CA GLY B 73 -14.30 -25.73 17.84
C GLY B 73 -13.63 -26.05 16.53
N PRO B 74 -14.41 -26.16 15.44
CA PRO B 74 -13.84 -26.56 14.16
C PRO B 74 -13.02 -25.44 13.52
N LYS B 75 -11.88 -25.83 12.93
CA LYS B 75 -10.93 -24.88 12.33
C LYS B 75 -11.31 -24.65 10.88
N ILE B 76 -12.22 -23.71 10.66
CA ILE B 76 -12.63 -23.33 9.31
C ILE B 76 -11.71 -22.19 8.89
N ARG B 77 -10.62 -22.54 8.21
CA ARG B 77 -9.50 -21.65 7.94
C ARG B 77 -8.91 -22.01 6.56
N VAL B 78 -7.87 -21.28 6.16
CA VAL B 78 -7.31 -21.38 4.81
C VAL B 78 -6.07 -22.28 4.77
N SER B 79 -5.84 -23.08 5.81
CA SER B 79 -4.59 -23.88 5.86
C SER B 79 -3.43 -22.89 5.76
N THR B 80 -2.33 -23.29 5.11
CA THR B 80 -1.19 -22.39 4.90
C THR B 80 -0.63 -22.57 3.49
N PHE B 81 0.27 -21.66 3.14
CA PHE B 81 0.95 -21.64 1.85
C PHE B 81 2.42 -21.34 2.09
N LYS B 82 3.24 -21.56 1.06
CA LYS B 82 4.65 -21.18 1.13
C LYS B 82 4.73 -19.69 1.46
N GLU B 83 4.57 -18.87 0.44
CA GLU B 83 4.47 -17.42 0.58
C GLU B 83 3.31 -16.97 -0.29
N GLY B 84 2.58 -15.94 0.18
CA GLY B 84 1.47 -15.41 -0.60
C GLY B 84 0.57 -14.46 0.15
N LYS B 85 1.16 -13.62 1.00
CA LYS B 85 0.39 -12.77 1.91
C LYS B 85 -0.21 -11.56 1.21
N VAL B 86 -0.39 -11.61 -0.11
CA VAL B 86 -0.87 -10.48 -0.89
C VAL B 86 -1.73 -10.98 -2.04
N PHE B 87 -2.68 -10.15 -2.47
CA PHE B 87 -3.47 -10.44 -3.67
C PHE B 87 -4.29 -9.22 -4.09
N LEU B 88 -4.44 -9.05 -5.41
CA LEU B 88 -5.34 -8.09 -6.02
C LEU B 88 -6.51 -8.80 -6.66
N ASN B 89 -7.60 -8.06 -6.88
CA ASN B 89 -8.80 -8.69 -7.40
C ASN B 89 -9.88 -7.71 -7.87
N ILE B 90 -10.13 -7.73 -9.18
CA ILE B 90 -11.26 -7.03 -9.78
C ILE B 90 -11.91 -8.03 -10.75
N GLY B 91 -12.13 -9.25 -10.27
CA GLY B 91 -12.61 -10.35 -11.09
C GLY B 91 -11.66 -11.53 -11.14
N ASP B 92 -10.57 -11.50 -10.38
CA ASP B 92 -9.58 -12.58 -10.38
C ASP B 92 -10.22 -13.90 -9.96
N LYS B 93 -9.57 -15.00 -10.36
CA LYS B 93 -10.02 -16.34 -9.99
C LYS B 93 -9.31 -16.82 -8.72
N PHE B 94 -10.03 -17.55 -7.88
CA PHE B 94 -9.44 -18.20 -6.72
C PHE B 94 -10.06 -19.57 -6.52
N LEU B 95 -9.28 -20.47 -5.94
CA LEU B 95 -9.71 -21.85 -5.77
C LEU B 95 -9.41 -22.32 -4.36
N LEU B 96 -10.36 -23.01 -3.77
CA LEU B 96 -10.12 -23.77 -2.55
C LEU B 96 -10.16 -25.26 -2.89
N ASP B 97 -9.10 -25.98 -2.53
CA ASP B 97 -8.97 -27.41 -2.78
C ASP B 97 -8.53 -28.06 -1.48
N ALA B 98 -9.30 -29.06 -1.03
CA ALA B 98 -9.09 -29.56 0.33
C ALA B 98 -7.80 -30.36 0.47
N ASN B 99 -7.28 -30.92 -0.63
CA ASN B 99 -5.97 -31.59 -0.63
C ASN B 99 -4.85 -30.56 -0.80
N LEU B 100 -4.11 -30.27 0.28
CA LEU B 100 -2.94 -29.41 0.25
C LEU B 100 -2.37 -29.20 1.66
N GLY B 101 -1.04 -29.17 1.77
CA GLY B 101 -0.39 -28.96 3.06
C GLY B 101 0.29 -27.61 3.19
N LYS B 102 0.99 -27.17 2.14
CA LYS B 102 1.71 -25.88 2.16
C LYS B 102 2.12 -25.47 0.75
N GLY B 103 1.16 -25.28 -0.14
CA GLY B 103 1.42 -24.95 -1.53
C GLY B 103 0.76 -23.67 -2.01
N GLU B 104 1.56 -22.59 -2.06
CA GLU B 104 1.28 -21.22 -2.56
C GLU B 104 -0.16 -20.74 -2.62
N GLY B 105 -0.40 -19.55 -2.08
CA GLY B 105 -1.66 -18.87 -2.25
C GLY B 105 -1.92 -18.41 -3.67
N ASP B 106 -1.14 -17.43 -4.13
CA ASP B 106 -1.39 -16.83 -5.43
C ASP B 106 -1.40 -17.90 -6.52
N LYS B 107 -1.87 -17.47 -7.71
CA LYS B 107 -2.28 -18.36 -8.80
C LYS B 107 -3.39 -19.30 -8.34
N GLU B 108 -4.24 -18.80 -7.44
CA GLU B 108 -5.55 -19.37 -7.07
C GLU B 108 -5.44 -20.82 -6.57
N LYS B 109 -4.83 -20.96 -5.40
CA LYS B 109 -4.84 -22.25 -4.73
C LYS B 109 -4.53 -22.07 -3.25
N VAL B 110 -5.30 -22.74 -2.40
CA VAL B 110 -4.93 -22.96 -1.01
C VAL B 110 -5.73 -24.15 -0.50
N GLY B 111 -5.25 -24.77 0.58
CA GLY B 111 -5.95 -25.88 1.18
C GLY B 111 -6.95 -25.43 2.22
N ILE B 112 -7.99 -26.22 2.40
CA ILE B 112 -8.97 -26.00 3.45
C ILE B 112 -8.70 -27.00 4.56
N ASP B 113 -8.74 -26.54 5.81
CA ASP B 113 -8.62 -27.48 6.93
C ASP B 113 -9.95 -28.19 7.20
N TYR B 114 -11.08 -27.54 6.91
CA TYR B 114 -12.39 -28.18 7.01
C TYR B 114 -12.71 -28.82 5.65
N LYS B 115 -12.46 -30.13 5.53
CA LYS B 115 -12.59 -30.82 4.25
C LYS B 115 -14.02 -30.81 3.72
N GLY B 116 -14.99 -30.41 4.52
CA GLY B 116 -16.41 -30.43 4.17
C GLY B 116 -16.94 -29.15 3.56
N LEU B 117 -16.09 -28.15 3.32
CA LEU B 117 -16.55 -26.90 2.72
C LEU B 117 -17.12 -27.07 1.31
N PRO B 118 -16.52 -27.84 0.40
CA PRO B 118 -17.06 -27.90 -0.97
C PRO B 118 -18.52 -28.34 -1.08
N ALA B 119 -19.01 -29.25 -0.22
CA ALA B 119 -20.41 -29.61 -0.36
C ALA B 119 -21.36 -28.66 0.36
N ASP B 120 -20.84 -27.61 1.01
CA ASP B 120 -21.68 -26.61 1.66
C ASP B 120 -21.78 -25.30 0.86
N VAL B 121 -20.91 -25.08 -0.11
CA VAL B 121 -21.00 -23.92 -0.99
C VAL B 121 -21.69 -24.34 -2.28
N VAL B 122 -22.43 -23.39 -2.86
CA VAL B 122 -23.27 -23.57 -4.04
C VAL B 122 -23.09 -22.33 -4.91
N PRO B 123 -23.00 -22.46 -6.26
CA PRO B 123 -22.80 -21.28 -7.12
C PRO B 123 -23.59 -20.05 -6.68
N GLY B 124 -22.88 -18.95 -6.40
CA GLY B 124 -23.48 -17.73 -5.90
C GLY B 124 -23.17 -17.43 -4.45
N ASP B 125 -22.62 -18.38 -3.69
CA ASP B 125 -22.26 -18.17 -2.30
C ASP B 125 -20.99 -17.33 -2.19
N ILE B 126 -20.94 -16.54 -1.12
CA ILE B 126 -19.81 -15.67 -0.81
C ILE B 126 -19.13 -16.20 0.43
N LEU B 127 -17.82 -16.38 0.35
CA LEU B 127 -16.98 -16.76 1.47
C LEU B 127 -16.20 -15.52 1.91
N LEU B 128 -16.39 -15.11 3.16
CA LEU B 128 -15.68 -13.99 3.75
C LEU B 128 -14.49 -14.53 4.54
N LEU B 129 -13.28 -14.17 4.11
CA LEU B 129 -12.05 -14.63 4.71
C LEU B 129 -11.40 -13.49 5.49
N ASP B 130 -10.75 -13.84 6.60
CA ASP B 130 -10.23 -12.88 7.56
C ASP B 130 -11.25 -11.77 7.83
N ASP B 131 -12.25 -12.07 8.67
CA ASP B 131 -13.33 -11.16 9.00
C ASP B 131 -13.79 -10.29 7.83
N GLY B 132 -13.90 -10.88 6.64
CA GLY B 132 -14.40 -10.16 5.50
C GLY B 132 -13.42 -9.21 4.86
N ARG B 133 -12.19 -9.12 5.38
CA ARG B 133 -11.16 -8.31 4.73
C ARG B 133 -10.86 -8.82 3.32
N VAL B 134 -11.04 -10.12 3.08
CA VAL B 134 -11.09 -10.65 1.72
C VAL B 134 -12.42 -11.38 1.55
N GLN B 135 -12.95 -11.40 0.34
CA GLN B 135 -14.19 -12.10 0.04
C GLN B 135 -14.00 -12.90 -1.24
N LEU B 136 -14.95 -13.81 -1.50
CA LEU B 136 -14.91 -14.66 -2.69
C LEU B 136 -16.35 -15.03 -3.04
N LYS B 137 -16.69 -14.99 -4.32
CA LYS B 137 -18.00 -15.46 -4.77
C LYS B 137 -17.80 -16.76 -5.56
N VAL B 138 -18.55 -17.79 -5.18
CA VAL B 138 -18.27 -19.13 -5.69
C VAL B 138 -18.94 -19.30 -7.06
N LEU B 139 -18.15 -19.75 -8.02
CA LEU B 139 -18.62 -20.01 -9.38
C LEU B 139 -19.09 -21.44 -9.55
N GLU B 140 -18.27 -22.39 -9.13
CA GLU B 140 -18.45 -23.77 -9.52
C GLU B 140 -17.82 -24.66 -8.47
N VAL B 141 -18.30 -25.88 -8.35
CA VAL B 141 -17.66 -26.81 -7.43
C VAL B 141 -17.68 -28.20 -8.05
N GLN B 142 -16.50 -28.79 -8.22
CA GLN B 142 -16.36 -30.12 -8.81
C GLN B 142 -15.45 -30.96 -7.93
N GLY B 143 -15.95 -32.11 -7.51
CA GLY B 143 -15.24 -32.94 -6.54
C GLY B 143 -15.01 -32.16 -5.26
N MET B 144 -13.74 -32.10 -4.85
CA MET B 144 -13.33 -31.35 -3.67
C MET B 144 -12.60 -30.07 -4.04
N LYS B 145 -12.87 -29.53 -5.24
CA LYS B 145 -12.37 -28.21 -5.63
C LYS B 145 -13.54 -27.25 -5.79
N VAL B 146 -13.33 -26.01 -5.35
CA VAL B 146 -14.36 -24.99 -5.36
C VAL B 146 -13.77 -23.74 -6.01
N PHE B 147 -14.29 -23.41 -7.20
CA PHE B 147 -13.88 -22.27 -8.01
C PHE B 147 -14.71 -21.06 -7.66
N THR B 148 -14.02 -19.94 -7.40
CA THR B 148 -14.62 -18.71 -6.96
C THR B 148 -13.95 -17.57 -7.72
N GLU B 149 -14.58 -16.40 -7.71
CA GLU B 149 -13.93 -15.16 -8.07
C GLU B 149 -13.92 -14.24 -6.86
N VAL B 150 -12.97 -13.30 -6.83
CA VAL B 150 -12.52 -12.74 -5.55
C VAL B 150 -13.35 -11.52 -5.10
N THR B 151 -13.81 -10.66 -6.01
CA THR B 151 -14.63 -9.50 -5.63
C THR B 151 -13.95 -8.54 -4.66
N VAL B 152 -14.16 -8.69 -3.34
CA VAL B 152 -13.48 -7.86 -2.34
C VAL B 152 -12.19 -8.56 -1.92
N GLY B 153 -11.10 -7.78 -1.79
CA GLY B 153 -9.80 -8.38 -1.52
C GLY B 153 -8.81 -7.61 -0.68
N GLY B 154 -7.55 -8.04 -0.73
CA GLY B 154 -6.52 -7.51 0.13
C GLY B 154 -5.46 -8.54 0.43
N PRO B 155 -4.86 -8.47 1.63
CA PRO B 155 -3.88 -9.49 2.02
C PRO B 155 -4.56 -10.71 2.62
N LEU B 156 -4.01 -11.89 2.30
CA LEU B 156 -4.48 -13.17 2.83
C LEU B 156 -3.31 -13.83 3.52
N SER B 157 -3.24 -13.70 4.85
CA SER B 157 -2.13 -14.28 5.61
C SER B 157 -2.32 -15.76 5.92
N ASN B 158 -1.57 -16.25 6.91
CA ASN B 158 -1.60 -17.66 7.29
C ASN B 158 -2.80 -17.96 8.19
N ASN B 159 -3.43 -19.13 7.96
CA ASN B 159 -4.42 -19.71 8.87
C ASN B 159 -5.57 -18.76 9.18
N LYS B 160 -5.98 -17.94 8.22
CA LYS B 160 -7.08 -17.01 8.43
C LYS B 160 -8.43 -17.73 8.26
N GLY B 161 -9.44 -17.26 8.99
CA GLY B 161 -10.71 -17.93 9.01
C GLY B 161 -11.53 -17.74 7.75
N ILE B 162 -12.49 -18.63 7.56
CA ILE B 162 -13.49 -18.54 6.50
C ILE B 162 -14.88 -18.52 7.16
N ASN B 163 -15.75 -17.64 6.68
CA ASN B 163 -17.17 -17.68 7.02
C ASN B 163 -18.00 -17.67 5.75
N LYS B 164 -19.13 -18.35 5.79
CA LYS B 164 -20.13 -18.21 4.76
C LYS B 164 -21.04 -17.04 5.14
N LEU B 165 -21.31 -16.15 4.18
CA LEU B 165 -22.32 -15.13 4.41
C LEU B 165 -23.68 -15.79 4.66
N GLY B 166 -24.29 -15.46 5.80
CA GLY B 166 -25.45 -16.20 6.26
C GLY B 166 -25.02 -17.53 6.85
N GLY B 167 -25.99 -18.37 7.20
CA GLY B 167 -25.66 -19.68 7.75
C GLY B 167 -24.86 -20.59 6.85
N GLY B 168 -25.23 -21.87 6.77
CA GLY B 168 -24.70 -22.69 5.70
C GLY B 168 -23.73 -23.79 6.06
N LEU B 169 -22.59 -23.47 6.66
CA LEU B 169 -21.58 -24.51 6.87
C LEU B 169 -22.14 -25.61 7.78
N SER B 170 -21.60 -26.82 7.62
CA SER B 170 -22.16 -27.97 8.31
C SER B 170 -21.10 -28.70 9.13
N ALA B 171 -20.06 -27.98 9.55
CA ALA B 171 -18.98 -28.60 10.31
C ALA B 171 -19.48 -29.07 11.67
N GLU B 172 -18.87 -30.14 12.17
CA GLU B 172 -19.22 -30.65 13.49
C GLU B 172 -18.64 -29.74 14.56
N ALA B 173 -19.45 -29.43 15.58
CA ALA B 173 -19.09 -28.47 16.61
C ALA B 173 -17.98 -29.01 17.52
N LEU B 174 -18.13 -30.25 18.01
CA LEU B 174 -17.11 -30.87 18.85
C LEU B 174 -16.09 -31.60 17.97
N THR B 175 -14.88 -31.08 17.91
CA THR B 175 -13.81 -31.78 17.21
C THR B 175 -13.18 -32.83 18.11
N GLU B 176 -12.24 -33.60 17.54
CA GLU B 176 -11.47 -34.53 18.36
C GLU B 176 -10.53 -33.79 19.31
N LYS B 177 -9.97 -32.67 18.84
CA LYS B 177 -9.20 -31.82 19.73
C LYS B 177 -10.06 -31.32 20.88
N ASP B 178 -11.31 -30.93 20.59
CA ASP B 178 -12.21 -30.51 21.65
C ASP B 178 -12.42 -31.61 22.66
N LYS B 179 -12.43 -32.88 22.22
CA LYS B 179 -12.68 -33.98 23.14
C LYS B 179 -11.49 -34.17 24.07
N ALA B 180 -10.30 -34.15 23.49
CA ALA B 180 -9.11 -34.14 24.32
C ALA B 180 -9.15 -32.97 25.32
N ASP B 181 -9.53 -31.78 24.85
CA ASP B 181 -9.45 -30.63 25.74
C ASP B 181 -10.57 -30.62 26.77
N ILE B 182 -11.74 -31.24 26.48
CA ILE B 182 -12.74 -31.42 27.53
C ILE B 182 -12.13 -32.27 28.65
N LYS B 183 -11.30 -33.26 28.28
CA LYS B 183 -10.63 -34.06 29.32
C LYS B 183 -9.63 -33.21 30.11
N THR B 184 -8.89 -32.35 29.42
CA THR B 184 -7.95 -31.45 30.13
C THR B 184 -8.69 -30.46 31.03
N ALA B 185 -9.82 -29.93 30.57
CA ALA B 185 -10.59 -29.02 31.39
C ALA B 185 -11.15 -29.72 32.61
N ALA B 186 -11.54 -31.00 32.45
CA ALA B 186 -11.95 -31.80 33.60
C ALA B 186 -10.81 -31.96 34.62
N LEU B 187 -9.60 -32.26 34.15
CA LEU B 187 -8.45 -32.37 35.05
C LEU B 187 -8.17 -31.05 35.77
N ILE B 188 -8.22 -29.93 35.05
CA ILE B 188 -8.04 -28.63 35.68
C ILE B 188 -9.16 -28.37 36.70
N GLY B 189 -10.38 -28.78 36.39
CA GLY B 189 -11.52 -28.43 37.22
C GLY B 189 -12.07 -27.04 36.94
N VAL B 190 -12.26 -26.72 35.66
CA VAL B 190 -12.78 -25.41 35.26
C VAL B 190 -14.15 -25.17 35.87
N ASP B 191 -14.45 -23.89 36.13
CA ASP B 191 -15.77 -23.53 36.64
C ASP B 191 -16.79 -23.47 35.51
N TYR B 192 -16.32 -22.99 34.35
CA TYR B 192 -17.14 -22.77 33.17
C TYR B 192 -16.41 -23.38 31.99
N LEU B 193 -17.17 -23.94 31.06
CA LEU B 193 -16.61 -24.59 29.89
C LEU B 193 -17.41 -24.16 28.67
N ALA B 194 -16.73 -23.52 27.71
CA ALA B 194 -17.38 -22.87 26.59
C ALA B 194 -17.32 -23.77 25.36
N VAL B 195 -18.46 -23.98 24.73
CA VAL B 195 -18.56 -24.84 23.54
C VAL B 195 -18.67 -23.98 22.30
N SER B 196 -17.71 -24.11 21.39
CA SER B 196 -17.72 -23.39 20.14
C SER B 196 -18.72 -24.01 19.17
N PHE B 197 -19.15 -23.18 18.19
CA PHE B 197 -19.96 -23.54 17.02
C PHE B 197 -21.21 -24.39 17.28
N PRO B 198 -21.98 -24.21 18.36
CA PRO B 198 -23.16 -25.05 18.54
C PRO B 198 -24.29 -24.63 17.61
N ARG B 199 -24.79 -25.59 16.84
CA ARG B 199 -25.94 -25.35 15.97
C ARG B 199 -27.25 -25.35 16.77
N CYS B 200 -27.42 -26.32 17.67
CA CYS B 200 -28.63 -26.45 18.49
C CYS B 200 -28.21 -26.82 19.91
N GLY B 201 -29.20 -26.98 20.78
CA GLY B 201 -28.90 -27.44 22.12
C GLY B 201 -28.30 -28.84 22.20
N GLU B 202 -28.61 -29.70 21.22
CA GLU B 202 -28.05 -31.05 21.20
C GLU B 202 -26.53 -31.01 21.27
N ASP B 203 -25.91 -30.04 20.59
CA ASP B 203 -24.45 -29.93 20.60
C ASP B 203 -23.96 -29.66 22.01
N LEU B 204 -24.61 -28.72 22.70
CA LEU B 204 -24.27 -28.41 24.07
C LEU B 204 -24.44 -29.65 24.97
N ASN B 205 -25.51 -30.41 24.75
CA ASN B 205 -25.75 -31.64 25.49
C ASN B 205 -24.65 -32.68 25.25
N TYR B 206 -24.11 -32.72 24.03
CA TYR B 206 -23.03 -33.67 23.77
C TYR B 206 -21.78 -33.27 24.54
N ALA B 207 -21.40 -32.00 24.44
CA ALA B 207 -20.27 -31.50 25.22
C ALA B 207 -20.47 -31.75 26.70
N ARG B 208 -21.66 -31.48 27.21
CA ARG B 208 -21.87 -31.64 28.64
C ARG B 208 -21.76 -33.10 29.05
N ARG B 209 -22.22 -34.04 28.21
CA ARG B 209 -22.01 -35.44 28.56
C ARG B 209 -20.53 -35.81 28.52
N LEU B 210 -19.79 -35.36 27.49
CA LEU B 210 -18.35 -35.61 27.48
C LEU B 210 -17.68 -35.10 28.77
N ALA B 211 -18.04 -33.91 29.23
CA ALA B 211 -17.53 -33.43 30.51
C ALA B 211 -17.99 -34.34 31.66
N ARG B 212 -19.25 -34.79 31.62
CA ARG B 212 -19.77 -35.61 32.71
C ARG B 212 -19.02 -36.94 32.81
N ASP B 213 -18.82 -37.61 31.69
CA ASP B 213 -18.04 -38.84 31.65
C ASP B 213 -16.63 -38.63 32.19
N ALA B 214 -16.11 -37.42 32.07
CA ALA B 214 -14.78 -37.12 32.55
C ALA B 214 -14.80 -36.67 34.00
N GLY B 215 -15.95 -36.73 34.65
CA GLY B 215 -16.04 -36.30 36.02
C GLY B 215 -16.16 -34.81 36.21
N CYS B 216 -16.60 -34.07 35.18
CA CYS B 216 -16.64 -32.61 35.23
C CYS B 216 -18.09 -32.12 35.13
N ASP B 217 -18.52 -31.35 36.13
CA ASP B 217 -19.87 -30.81 36.15
C ASP B 217 -19.88 -29.30 35.92
N ALA B 218 -18.85 -28.82 35.20
CA ALA B 218 -18.72 -27.41 34.88
C ALA B 218 -20.01 -26.85 34.31
N LYS B 219 -20.21 -25.56 34.49
CA LYS B 219 -21.35 -24.91 33.88
C LYS B 219 -21.03 -24.57 32.42
N ILE B 220 -21.99 -24.88 31.52
CA ILE B 220 -21.76 -24.82 30.08
C ILE B 220 -22.05 -23.42 29.56
N VAL B 221 -21.16 -22.93 28.69
CA VAL B 221 -21.22 -21.59 28.14
C VAL B 221 -21.40 -21.76 26.64
N ALA B 222 -22.56 -21.38 26.14
CA ALA B 222 -22.82 -21.50 24.71
C ALA B 222 -22.21 -20.30 24.01
N LYS B 223 -21.27 -20.54 23.10
CA LYS B 223 -20.81 -19.48 22.22
C LYS B 223 -21.80 -19.32 21.07
N VAL B 224 -22.55 -18.23 21.08
CA VAL B 224 -23.45 -17.91 19.98
C VAL B 224 -22.66 -17.27 18.84
N GLU B 225 -22.22 -18.08 17.86
CA GLU B 225 -21.36 -17.60 16.77
C GLU B 225 -21.96 -17.86 15.39
N ARG B 226 -23.22 -18.25 15.31
CA ARG B 226 -23.74 -18.82 14.08
C ARG B 226 -25.09 -18.21 13.76
N ALA B 227 -25.28 -17.89 12.48
CA ALA B 227 -26.58 -17.45 12.00
C ALA B 227 -27.67 -18.41 12.45
N GLU B 228 -27.42 -19.73 12.32
CA GLU B 228 -28.39 -20.74 12.73
C GLU B 228 -28.86 -20.61 14.18
N ALA B 229 -28.13 -19.88 15.03
CA ALA B 229 -28.50 -19.78 16.43
C ALA B 229 -29.43 -18.62 16.73
N VAL B 230 -29.59 -17.70 15.79
CA VAL B 230 -30.35 -16.47 16.04
C VAL B 230 -31.37 -16.28 14.93
N CYS B 231 -31.61 -17.34 14.15
CA CYS B 231 -32.46 -17.20 12.99
C CYS B 231 -33.93 -17.05 13.40
N SER B 232 -34.27 -17.47 14.61
CA SER B 232 -35.63 -17.39 15.12
C SER B 232 -35.57 -17.46 16.63
N GLN B 233 -36.65 -17.01 17.27
CA GLN B 233 -36.65 -17.04 18.72
C GLN B 233 -36.58 -18.48 19.23
N ASP B 234 -37.15 -19.43 18.48
CA ASP B 234 -37.05 -20.84 18.87
C ASP B 234 -35.60 -21.33 18.83
N ALA B 235 -34.86 -21.01 17.76
CA ALA B 235 -33.46 -21.43 17.71
C ALA B 235 -32.67 -20.84 18.87
N MET B 236 -32.93 -19.57 19.17
CA MET B 236 -32.18 -18.90 20.23
C MET B 236 -32.50 -19.53 21.58
N ASP B 237 -33.78 -19.83 21.83
CA ASP B 237 -34.15 -20.47 23.10
C ASP B 237 -33.58 -21.88 23.20
N ASP B 238 -33.59 -22.62 22.09
CA ASP B 238 -32.98 -23.94 22.10
C ASP B 238 -31.54 -23.88 22.59
N ILE B 239 -30.77 -22.91 22.08
CA ILE B 239 -29.39 -22.77 22.53
C ILE B 239 -29.32 -22.33 24.01
N ILE B 240 -30.13 -21.35 24.40
CA ILE B 240 -29.98 -20.77 25.75
C ILE B 240 -30.38 -21.76 26.84
N LEU B 241 -31.46 -22.52 26.61
CA LEU B 241 -31.93 -23.44 27.63
C LEU B 241 -30.94 -24.58 27.84
N ALA B 242 -30.19 -24.96 26.80
CA ALA B 242 -29.21 -26.02 26.95
C ALA B 242 -27.93 -25.52 27.57
N SER B 243 -27.91 -24.27 28.00
CA SER B 243 -26.68 -23.63 28.42
C SER B 243 -26.84 -23.08 29.83
N ASP B 244 -25.72 -22.87 30.50
CA ASP B 244 -25.75 -22.12 31.75
C ASP B 244 -25.37 -20.66 31.57
N VAL B 245 -24.52 -20.37 30.58
CA VAL B 245 -24.03 -19.03 30.31
C VAL B 245 -24.09 -18.86 28.81
N VAL B 246 -24.48 -17.67 28.37
CA VAL B 246 -24.54 -17.33 26.96
C VAL B 246 -23.37 -16.39 26.71
N MET B 247 -22.61 -16.66 25.65
CA MET B 247 -21.53 -15.80 25.20
C MET B 247 -21.90 -15.24 23.83
N VAL B 248 -22.02 -13.91 23.76
CA VAL B 248 -22.23 -13.23 22.48
C VAL B 248 -20.86 -13.11 21.83
N ALA B 249 -20.54 -14.07 20.95
CA ALA B 249 -19.25 -14.11 20.27
C ALA B 249 -19.36 -13.28 19.00
N ARG B 250 -19.05 -11.98 19.12
CA ARG B 250 -19.33 -11.01 18.05
C ARG B 250 -18.42 -11.17 16.83
N GLY B 251 -17.22 -11.70 17.01
CA GLY B 251 -16.32 -11.99 15.91
C GLY B 251 -16.97 -12.68 14.73
N ASP B 252 -17.24 -13.99 14.84
CA ASP B 252 -17.76 -14.75 13.71
C ASP B 252 -19.19 -14.34 13.35
N LEU B 253 -20.04 -14.16 14.37
CA LEU B 253 -21.45 -13.94 14.11
C LEU B 253 -21.66 -12.64 13.36
N GLY B 254 -20.91 -11.59 13.72
CA GLY B 254 -20.98 -10.36 12.95
C GLY B 254 -20.69 -10.58 11.47
N VAL B 255 -19.61 -11.31 11.16
CA VAL B 255 -19.22 -11.57 9.78
C VAL B 255 -20.28 -12.42 9.08
N GLU B 256 -21.03 -13.22 9.83
CA GLU B 256 -22.00 -14.09 9.17
C GLU B 256 -23.32 -13.37 8.88
N ILE B 257 -23.82 -12.57 9.82
CA ILE B 257 -25.13 -11.92 9.64
C ILE B 257 -25.01 -10.44 9.28
N GLY B 258 -23.80 -9.89 9.28
CA GLY B 258 -23.64 -8.47 8.99
C GLY B 258 -23.47 -7.69 10.27
N ASP B 259 -22.35 -6.97 10.39
CA ASP B 259 -22.09 -6.19 11.60
C ASP B 259 -23.25 -5.30 12.04
N PRO B 260 -24.04 -4.64 11.14
CA PRO B 260 -25.26 -3.95 11.58
C PRO B 260 -26.25 -4.81 12.37
N GLU B 261 -26.69 -5.95 11.82
CA GLU B 261 -27.63 -6.80 12.57
C GLU B 261 -27.09 -7.24 13.93
N LEU B 262 -25.77 -7.16 14.12
CA LEU B 262 -25.16 -7.72 15.32
C LEU B 262 -25.55 -6.96 16.57
N VAL B 263 -25.80 -5.66 16.45
CA VAL B 263 -26.17 -4.85 17.61
C VAL B 263 -27.47 -5.35 18.20
N GLY B 264 -28.52 -5.41 17.37
CA GLY B 264 -29.80 -5.88 17.84
C GLY B 264 -29.76 -7.34 18.27
N ILE B 265 -28.94 -8.16 17.62
CA ILE B 265 -28.84 -9.55 18.06
C ILE B 265 -28.19 -9.62 19.45
N GLN B 266 -27.12 -8.86 19.68
CA GLN B 266 -26.50 -8.86 21.00
C GLN B 266 -27.52 -8.45 22.04
N LYS B 267 -28.31 -7.42 21.73
CA LYS B 267 -29.24 -6.90 22.71
C LYS B 267 -30.32 -7.91 23.03
N ALA B 268 -30.89 -8.50 21.98
CA ALA B 268 -31.83 -9.62 22.10
C ALA B 268 -31.28 -10.75 22.96
N LEU B 269 -30.06 -11.18 22.64
CA LEU B 269 -29.44 -12.32 23.31
C LEU B 269 -29.23 -12.04 24.79
N ILE B 270 -28.78 -10.84 25.13
CA ILE B 270 -28.58 -10.51 26.53
C ILE B 270 -29.92 -10.55 27.27
N ARG B 271 -30.93 -9.88 26.70
CA ARG B 271 -32.24 -9.79 27.36
C ARG B 271 -32.85 -11.17 27.54
N ARG B 272 -32.73 -12.02 26.53
CA ARG B 272 -33.37 -13.32 26.63
C ARG B 272 -32.61 -14.21 27.60
N ALA B 273 -31.26 -14.14 27.59
CA ALA B 273 -30.46 -14.82 28.59
C ALA B 273 -30.96 -14.49 29.98
N ARG B 274 -31.06 -13.21 30.29
CA ARG B 274 -31.46 -12.79 31.63
C ARG B 274 -32.88 -13.21 31.94
N GLN B 275 -33.75 -13.20 30.93
CA GLN B 275 -35.14 -13.64 31.15
C GLN B 275 -35.18 -15.11 31.56
N LEU B 276 -34.32 -15.93 30.97
CA LEU B 276 -34.31 -17.35 31.25
C LEU B 276 -33.36 -17.70 32.40
N ASN B 277 -33.02 -16.73 33.24
CA ASN B 277 -32.22 -16.99 34.43
C ASN B 277 -30.87 -17.65 34.10
N ARG B 278 -30.24 -17.26 32.96
CA ARG B 278 -28.83 -17.53 32.72
C ARG B 278 -28.00 -16.24 32.69
N ALA B 279 -26.70 -16.38 32.97
CA ALA B 279 -25.72 -15.29 32.86
C ALA B 279 -25.24 -15.15 31.41
N VAL B 280 -24.73 -13.96 31.08
CA VAL B 280 -24.34 -13.69 29.69
C VAL B 280 -23.05 -12.85 29.64
N ILE B 281 -22.16 -13.22 28.72
CA ILE B 281 -20.86 -12.59 28.52
C ILE B 281 -20.81 -11.96 27.14
N THR B 282 -20.45 -10.68 27.06
CA THR B 282 -20.22 -10.03 25.77
C THR B 282 -18.74 -10.17 25.45
N ALA B 283 -18.44 -10.74 24.29
CA ALA B 283 -17.14 -11.34 24.10
C ALA B 283 -16.35 -10.78 22.94
N THR B 284 -15.02 -10.86 23.14
CA THR B 284 -13.93 -10.80 22.17
C THR B 284 -13.60 -9.37 21.72
N GLN B 285 -12.41 -8.91 22.12
CA GLN B 285 -11.77 -7.73 21.55
C GLN B 285 -12.58 -6.46 21.84
N MET B 286 -12.98 -6.31 23.11
CA MET B 286 -13.77 -5.14 23.49
C MET B 286 -12.92 -3.87 23.47
N MET B 287 -11.61 -3.99 23.67
CA MET B 287 -10.69 -2.84 23.65
C MET B 287 -9.49 -3.18 22.78
N GLU B 288 -9.78 -3.52 21.52
CA GLU B 288 -8.76 -4.04 20.62
C GLU B 288 -7.54 -3.12 20.58
N SER B 289 -7.78 -1.81 20.48
CA SER B 289 -6.76 -0.75 20.47
C SER B 289 -5.64 -0.99 21.47
N MET B 290 -5.96 -1.47 22.67
CA MET B 290 -4.99 -1.56 23.75
C MET B 290 -4.08 -2.78 23.67
N ILE B 291 -4.25 -3.63 22.65
CA ILE B 291 -3.16 -4.55 22.27
C ILE B 291 -1.87 -3.79 22.05
N THR B 292 -1.98 -2.56 21.55
CA THR B 292 -0.86 -1.71 21.13
C THR B 292 -0.74 -0.43 21.92
N ASN B 293 -1.81 0.28 22.10
CA ASN B 293 -1.85 1.62 22.67
C ASN B 293 -2.26 1.59 24.13
N PRO B 294 -1.77 2.53 24.96
CA PRO B 294 -2.09 2.49 26.40
C PRO B 294 -3.46 3.07 26.75
N MET B 295 -4.16 3.66 25.80
CA MET B 295 -5.49 4.23 26.01
C MET B 295 -6.47 3.64 25.02
N PRO B 296 -7.71 3.43 25.43
CA PRO B 296 -8.72 2.93 24.50
C PRO B 296 -9.26 4.00 23.57
N THR B 297 -9.69 3.52 22.41
CA THR B 297 -10.54 4.26 21.48
C THR B 297 -11.86 4.66 22.13
N ARG B 298 -12.35 5.85 21.79
CA ARG B 298 -13.63 6.31 22.34
C ARG B 298 -14.76 5.36 21.92
N ALA B 299 -14.72 4.85 20.68
CA ALA B 299 -15.72 3.90 20.24
C ALA B 299 -15.65 2.62 21.06
N GLU B 300 -14.45 2.23 21.49
CA GLU B 300 -14.37 1.04 22.33
C GLU B 300 -15.05 1.30 23.68
N VAL B 301 -14.81 2.47 24.26
CA VAL B 301 -15.49 2.86 25.50
C VAL B 301 -17.00 2.86 25.29
N MET B 302 -17.45 3.35 24.14
CA MET B 302 -18.88 3.39 23.85
C MET B 302 -19.44 1.99 23.74
N ASP B 303 -18.74 1.13 23.01
CA ASP B 303 -19.14 -0.26 22.89
C ASP B 303 -19.28 -0.92 24.26
N VAL B 304 -18.22 -0.84 25.06
CA VAL B 304 -18.18 -1.47 26.38
C VAL B 304 -19.32 -0.97 27.25
N ALA B 305 -19.47 0.36 27.34
CA ALA B 305 -20.48 0.92 28.23
C ALA B 305 -21.89 0.60 27.74
N ASN B 306 -22.10 0.53 26.42
CA ASN B 306 -23.42 0.13 25.96
C ASN B 306 -23.71 -1.34 26.22
N ALA B 307 -22.68 -2.22 26.27
CA ALA B 307 -22.98 -3.59 26.69
C ALA B 307 -23.35 -3.65 28.17
N VAL B 308 -22.70 -2.82 28.99
CA VAL B 308 -23.16 -2.66 30.37
C VAL B 308 -24.62 -2.26 30.39
N LEU B 309 -24.98 -1.18 29.67
CA LEU B 309 -26.36 -0.73 29.66
C LEU B 309 -27.30 -1.79 29.12
N ASP B 310 -26.84 -2.58 28.14
CA ASP B 310 -27.60 -3.68 27.57
C ASP B 310 -27.94 -4.70 28.63
N GLY B 311 -27.22 -4.71 29.75
CA GLY B 311 -27.48 -5.61 30.83
C GLY B 311 -26.61 -6.83 30.86
N THR B 312 -25.43 -6.79 30.24
CA THR B 312 -24.52 -7.92 30.27
C THR B 312 -24.11 -8.24 31.72
N ASP B 313 -23.84 -9.52 31.98
CA ASP B 313 -23.11 -9.90 33.19
C ASP B 313 -21.65 -9.48 33.10
N ALA B 314 -21.01 -9.74 31.95
CA ALA B 314 -19.57 -9.63 31.89
C ALA B 314 -19.18 -9.18 30.50
N VAL B 315 -17.98 -8.58 30.43
CA VAL B 315 -17.32 -8.14 29.20
C VAL B 315 -15.95 -8.82 29.18
N MET B 316 -15.49 -9.20 27.98
CA MET B 316 -14.34 -10.11 27.85
C MET B 316 -13.18 -9.49 27.07
N LEU B 317 -11.96 -9.71 27.55
CA LEU B 317 -10.73 -9.34 26.83
C LEU B 317 -10.05 -10.60 26.28
N SER B 318 -9.67 -10.57 25.00
CA SER B 318 -8.82 -11.63 24.43
C SER B 318 -7.36 -11.21 24.37
N ALA B 319 -6.93 -10.82 23.16
CA ALA B 319 -5.54 -10.51 22.92
C ALA B 319 -5.05 -9.41 23.85
N GLU B 320 -5.95 -8.50 24.26
CA GLU B 320 -5.56 -7.42 25.15
C GLU B 320 -4.80 -7.94 26.36
N THR B 321 -5.14 -9.13 26.83
CA THR B 321 -4.49 -9.70 28.00
C THR B 321 -3.62 -10.89 27.69
N ALA B 322 -3.89 -11.59 26.59
CA ALA B 322 -3.11 -12.79 26.29
C ALA B 322 -1.81 -12.45 25.59
N ALA B 323 -1.83 -11.45 24.71
CA ALA B 323 -0.73 -11.21 23.78
C ALA B 323 -0.32 -9.75 23.69
N GLY B 324 -0.86 -8.86 24.52
CA GLY B 324 -0.66 -7.44 24.36
C GLY B 324 0.46 -6.87 25.23
N GLN B 325 0.62 -5.55 25.12
CA GLN B 325 1.58 -4.79 25.90
C GLN B 325 0.99 -4.24 27.19
N TYR B 326 -0.32 -4.07 27.28
CA TYR B 326 -0.96 -3.45 28.43
C TYR B 326 -2.10 -4.32 28.96
N PRO B 327 -1.79 -5.51 29.55
CA PRO B 327 -2.88 -6.38 30.05
C PRO B 327 -3.50 -5.87 31.34
N SER B 328 -2.72 -5.57 32.38
CA SER B 328 -3.35 -5.05 33.60
C SER B 328 -3.97 -3.67 33.35
N GLU B 329 -3.31 -2.83 32.55
CA GLU B 329 -3.86 -1.50 32.28
C GLU B 329 -5.13 -1.58 31.46
N THR B 330 -5.22 -2.53 30.52
CA THR B 330 -6.49 -2.70 29.82
C THR B 330 -7.59 -3.10 30.81
N VAL B 331 -7.29 -4.04 31.71
CA VAL B 331 -8.29 -4.43 32.71
C VAL B 331 -8.77 -3.21 33.49
N ALA B 332 -7.83 -2.39 33.98
CA ALA B 332 -8.21 -1.21 34.76
C ALA B 332 -9.01 -0.20 33.92
N ALA B 333 -8.70 -0.08 32.63
CA ALA B 333 -9.49 0.82 31.81
C ALA B 333 -10.92 0.30 31.70
N MET B 334 -11.03 -1.01 31.41
CA MET B 334 -12.33 -1.66 31.30
C MET B 334 -13.15 -1.47 32.57
N ALA B 335 -12.48 -1.54 33.73
CA ALA B 335 -13.18 -1.35 35.00
C ALA B 335 -13.71 0.07 35.14
N ARG B 336 -12.87 1.08 34.83
CA ARG B 336 -13.34 2.45 34.96
C ARG B 336 -14.52 2.72 34.04
N VAL B 337 -14.48 2.19 32.82
CA VAL B 337 -15.61 2.36 31.92
C VAL B 337 -16.86 1.73 32.52
N CYS B 338 -16.72 0.50 33.05
CA CYS B 338 -17.86 -0.18 33.65
C CYS B 338 -18.45 0.65 34.80
N LEU B 339 -17.61 1.09 35.73
CA LEU B 339 -18.10 1.91 36.83
C LEU B 339 -18.81 3.16 36.32
N GLY B 340 -18.24 3.81 35.32
CA GLY B 340 -18.86 5.04 34.83
C GLY B 340 -20.22 4.76 34.25
N ALA B 341 -20.33 3.71 33.44
CA ALA B 341 -21.59 3.36 32.81
C ALA B 341 -22.64 2.94 33.84
N GLU B 342 -22.21 2.35 34.95
CA GLU B 342 -23.20 1.85 35.91
C GLU B 342 -23.94 2.97 36.64
N LYS B 343 -23.51 4.24 36.56
CA LYS B 343 -24.27 5.31 37.19
C LYS B 343 -25.51 5.70 36.41
N ILE B 344 -25.60 5.33 35.13
CA ILE B 344 -26.74 5.75 34.31
C ILE B 344 -28.05 5.16 34.86
N PRO B 345 -29.04 6.00 35.15
CA PRO B 345 -30.28 5.52 35.81
C PRO B 345 -30.94 4.32 35.11
N SER B 346 -30.96 4.32 33.78
CA SER B 346 -31.40 3.22 32.93
C SER B 346 -31.11 1.82 33.50
N ILE B 347 -29.83 1.57 33.80
CA ILE B 347 -29.34 0.26 34.19
C ILE B 347 -29.46 -0.01 35.69
N ASN B 348 -30.01 0.94 36.46
CA ASN B 348 -30.15 0.81 37.91
C ASN B 348 -31.56 0.43 38.35
N VAL B 349 -32.51 0.39 37.42
CA VAL B 349 -33.95 0.42 37.65
C VAL B 349 -34.56 -0.80 36.99
N SER B 350 -35.62 -1.33 37.61
CA SER B 350 -36.23 -2.55 37.13
C SER B 350 -37.76 -2.47 37.21
N LYS B 351 -38.41 -3.15 36.27
CA LYS B 351 -39.84 -3.43 36.38
C LYS B 351 -40.12 -4.65 37.26
N HIS B 352 -39.09 -5.42 37.64
CA HIS B 352 -39.24 -6.57 38.51
C HIS B 352 -40.23 -7.58 37.95
N ARG B 353 -40.12 -7.80 36.63
CA ARG B 353 -40.82 -8.88 35.95
C ARG B 353 -42.33 -8.82 36.19
N LEU B 354 -42.89 -7.65 35.91
CA LEU B 354 -44.33 -7.51 35.77
C LEU B 354 -44.86 -8.62 34.87
N ASP B 355 -46.03 -9.17 35.24
CA ASP B 355 -46.75 -10.15 34.45
C ASP B 355 -46.09 -11.52 34.43
N VAL B 356 -45.01 -11.73 35.17
CA VAL B 356 -44.33 -13.01 35.17
C VAL B 356 -44.69 -13.76 36.44
N GLN B 357 -45.04 -15.04 36.29
CA GLN B 357 -45.43 -15.89 37.40
C GLN B 357 -44.35 -16.91 37.66
N PHE B 358 -44.04 -17.10 38.94
CA PHE B 358 -43.05 -18.07 39.37
C PHE B 358 -43.75 -19.29 39.91
N ASP B 359 -43.08 -20.43 39.76
CA ASP B 359 -43.49 -21.68 40.40
C ASP B 359 -42.31 -22.26 41.17
N ASN B 360 -41.49 -21.38 41.73
CA ASN B 360 -40.28 -21.77 42.45
C ASN B 360 -40.16 -20.84 43.63
N VAL B 361 -40.25 -21.40 44.85
CA VAL B 361 -40.12 -20.58 46.05
C VAL B 361 -38.84 -19.76 46.01
N GLU B 362 -37.72 -20.38 45.66
CA GLU B 362 -36.46 -19.65 45.72
C GLU B 362 -36.44 -18.47 44.75
N GLU B 363 -36.96 -18.66 43.54
CA GLU B 363 -37.00 -17.54 42.61
C GLU B 363 -37.90 -16.42 43.12
N ALA B 364 -39.03 -16.77 43.74
CA ALA B 364 -39.93 -15.75 44.28
C ALA B 364 -39.26 -14.98 45.42
N ILE B 365 -38.55 -15.69 46.29
CA ILE B 365 -37.79 -15.04 47.35
C ILE B 365 -36.78 -14.07 46.74
N ALA B 366 -36.04 -14.50 45.71
CA ALA B 366 -35.06 -13.59 45.10
C ALA B 366 -35.75 -12.37 44.47
N MET B 367 -36.91 -12.56 43.84
CA MET B 367 -37.56 -11.42 43.20
C MET B 367 -38.13 -10.45 44.23
N SER B 368 -38.79 -10.94 45.27
CA SER B 368 -39.29 -10.03 46.29
C SER B 368 -38.13 -9.38 47.06
N ALA B 369 -37.04 -10.12 47.26
CA ALA B 369 -35.84 -9.53 47.82
C ALA B 369 -35.40 -8.30 47.03
N MET B 370 -35.27 -8.42 45.71
CA MET B 370 -34.82 -7.27 44.92
C MET B 370 -35.86 -6.16 44.86
N TYR B 371 -37.15 -6.50 44.83
CA TYR B 371 -38.20 -5.48 44.88
C TYR B 371 -38.05 -4.64 46.13
N ALA B 372 -37.97 -5.31 47.28
CA ALA B 372 -37.72 -4.63 48.54
C ALA B 372 -36.45 -3.79 48.47
N ALA B 373 -35.33 -4.42 48.09
CA ALA B 373 -34.03 -3.74 48.10
C ALA B 373 -34.04 -2.49 47.23
N ASN B 374 -34.69 -2.56 46.10
CA ASN B 374 -34.65 -1.40 45.22
C ASN B 374 -35.64 -0.33 45.63
N HIS B 375 -36.60 -0.64 46.51
CA HIS B 375 -37.60 0.38 46.84
C HIS B 375 -37.60 0.84 48.30
N LEU B 376 -36.72 0.29 49.15
CA LEU B 376 -36.65 0.66 50.56
C LEU B 376 -35.54 1.68 50.76
N LYS B 377 -35.90 2.87 51.25
CA LYS B 377 -34.89 3.89 51.44
C LYS B 377 -33.89 3.43 52.48
N GLY B 378 -32.61 3.63 52.20
CA GLY B 378 -31.58 3.25 53.15
C GLY B 378 -31.03 1.84 53.04
N VAL B 379 -31.42 1.08 52.03
CA VAL B 379 -30.84 -0.23 51.80
C VAL B 379 -29.49 -0.07 51.10
N THR B 380 -28.47 -0.79 51.55
CA THR B 380 -27.15 -0.66 50.94
C THR B 380 -26.58 -1.95 50.43
N ALA B 381 -27.21 -3.09 50.69
CA ALA B 381 -26.68 -4.34 50.17
C ALA B 381 -27.74 -5.43 50.24
N ILE B 382 -27.65 -6.37 49.29
CA ILE B 382 -28.43 -7.60 49.30
C ILE B 382 -27.47 -8.72 49.61
N ILE B 383 -27.85 -9.61 50.53
CA ILE B 383 -26.97 -10.69 50.98
C ILE B 383 -27.69 -12.00 50.71
N THR B 384 -27.23 -12.76 49.72
CA THR B 384 -27.82 -14.04 49.41
C THR B 384 -26.99 -15.12 50.12
N MET B 385 -27.57 -15.72 51.17
CA MET B 385 -26.96 -16.88 51.82
C MET B 385 -27.32 -18.13 51.03
N THR B 386 -26.41 -18.59 50.18
CA THR B 386 -26.74 -19.67 49.26
C THR B 386 -25.51 -20.53 49.01
N GLU B 387 -25.61 -21.82 49.34
CA GLU B 387 -24.49 -22.72 49.19
C GLU B 387 -24.28 -23.16 47.74
N SER B 388 -25.31 -23.11 46.90
CA SER B 388 -25.15 -23.35 45.47
C SER B 388 -24.84 -22.09 44.69
N GLY B 389 -25.29 -20.93 45.17
CA GLY B 389 -25.26 -19.68 44.43
C GLY B 389 -26.50 -19.35 43.64
N ARG B 390 -27.52 -20.22 43.69
CA ARG B 390 -28.67 -20.07 42.79
C ARG B 390 -29.45 -18.80 43.10
N THR B 391 -29.53 -18.41 44.38
CA THR B 391 -30.14 -17.13 44.71
C THR B 391 -29.30 -15.96 44.21
N ALA B 392 -27.98 -16.12 44.12
CA ALA B 392 -27.18 -15.04 43.56
C ALA B 392 -27.44 -14.88 42.07
N LEU B 393 -27.51 -16.00 41.34
CA LEU B 393 -27.87 -15.94 39.93
C LEU B 393 -29.21 -15.23 39.74
N MET B 394 -30.19 -15.60 40.56
CA MET B 394 -31.53 -15.05 40.35
C MET B 394 -31.59 -13.57 40.73
N THR B 395 -31.18 -13.22 41.95
CA THR B 395 -31.24 -11.83 42.36
C THR B 395 -30.51 -10.97 41.36
N SER B 396 -29.37 -11.45 40.86
CA SER B 396 -28.58 -10.61 39.99
C SER B 396 -29.17 -10.51 38.60
N ARG B 397 -30.16 -11.36 38.25
CA ARG B 397 -30.88 -11.06 37.02
C ARG B 397 -31.56 -9.67 37.04
N ILE B 398 -31.73 -9.04 38.20
CA ILE B 398 -32.57 -7.84 38.33
C ILE B 398 -31.69 -6.59 38.38
N SER B 399 -31.96 -5.63 37.49
CA SER B 399 -31.14 -4.44 37.45
C SER B 399 -31.18 -3.69 38.76
N SER B 400 -30.01 -3.27 39.23
CA SER B 400 -29.91 -2.55 40.49
C SER B 400 -28.56 -1.85 40.57
N GLY B 401 -28.51 -0.79 41.38
CA GLY B 401 -27.24 -0.18 41.72
C GLY B 401 -26.55 -0.79 42.93
N LEU B 402 -27.19 -1.71 43.60
CA LEU B 402 -26.81 -2.28 44.88
C LEU B 402 -25.88 -3.46 44.71
N PRO B 403 -24.97 -3.67 45.67
CA PRO B 403 -24.11 -4.86 45.64
C PRO B 403 -24.83 -6.07 46.21
N ILE B 404 -24.54 -7.22 45.62
CA ILE B 404 -25.06 -8.51 46.06
C ILE B 404 -23.89 -9.31 46.59
N PHE B 405 -23.91 -9.57 47.89
CA PHE B 405 -22.89 -10.39 48.54
C PHE B 405 -23.39 -11.82 48.62
N ALA B 406 -22.64 -12.75 48.01
CA ALA B 406 -23.06 -14.15 47.91
C ALA B 406 -22.27 -14.99 48.90
N MET B 407 -22.94 -15.41 49.99
CA MET B 407 -22.29 -16.05 51.12
C MET B 407 -22.45 -17.56 51.02
N SER B 408 -21.35 -18.25 50.74
CA SER B 408 -21.32 -19.70 50.71
C SER B 408 -20.05 -20.17 51.41
N ARG B 409 -20.02 -21.44 51.80
CA ARG B 409 -18.80 -21.98 52.36
C ARG B 409 -17.97 -22.75 51.34
N HIS B 410 -18.49 -22.98 50.15
CA HIS B 410 -17.84 -23.81 49.15
C HIS B 410 -17.05 -22.98 48.15
N GLU B 411 -15.77 -23.33 47.98
CA GLU B 411 -14.92 -22.62 47.03
C GLU B 411 -15.51 -22.62 45.62
N ARG B 412 -16.14 -23.73 45.21
CA ARG B 412 -16.68 -23.76 43.85
C ARG B 412 -17.89 -22.85 43.71
N THR B 413 -18.64 -22.64 44.78
CA THR B 413 -19.75 -21.71 44.67
C THR B 413 -19.26 -20.28 44.56
N LEU B 414 -18.27 -19.92 45.37
CA LEU B 414 -17.73 -18.58 45.30
C LEU B 414 -17.10 -18.29 43.92
N ASN B 415 -16.29 -19.23 43.39
CA ASN B 415 -15.71 -19.04 42.06
C ASN B 415 -16.78 -18.96 40.99
N LEU B 416 -17.74 -19.87 41.03
CA LEU B 416 -18.90 -19.79 40.14
C LEU B 416 -19.50 -18.38 40.15
N THR B 417 -19.88 -17.89 41.33
CA THR B 417 -20.61 -16.63 41.39
C THR B 417 -19.76 -15.43 41.02
N ALA B 418 -18.42 -15.55 41.05
CA ALA B 418 -17.58 -14.46 40.55
C ALA B 418 -17.97 -13.98 39.14
N LEU B 419 -18.68 -14.79 38.34
CA LEU B 419 -19.15 -14.33 37.02
C LEU B 419 -20.38 -13.43 37.11
N TYR B 420 -21.21 -13.56 38.14
CA TYR B 420 -22.53 -12.95 38.11
C TYR B 420 -22.44 -11.44 38.34
N ARG B 421 -23.14 -10.71 37.47
CA ARG B 421 -23.23 -9.25 37.56
C ARG B 421 -23.59 -8.77 38.96
N GLY B 422 -22.77 -7.88 39.50
CA GLY B 422 -23.05 -7.28 40.78
C GLY B 422 -22.76 -8.13 41.98
N VAL B 423 -22.28 -9.36 41.79
CA VAL B 423 -22.15 -10.29 42.90
C VAL B 423 -20.71 -10.33 43.40
N THR B 424 -20.56 -10.12 44.70
CA THR B 424 -19.28 -10.27 45.37
C THR B 424 -19.31 -11.54 46.21
N PRO B 425 -18.51 -12.55 45.89
CA PRO B 425 -18.46 -13.77 46.72
C PRO B 425 -17.67 -13.52 48.00
N VAL B 426 -18.22 -13.95 49.13
CA VAL B 426 -17.55 -13.86 50.43
C VAL B 426 -17.70 -15.19 51.14
N HIS B 427 -16.57 -15.78 51.57
CA HIS B 427 -16.59 -17.05 52.29
C HIS B 427 -17.29 -16.91 53.64
N PHE B 428 -18.13 -17.89 53.96
CA PHE B 428 -18.90 -17.86 55.20
C PHE B 428 -19.26 -19.29 55.61
N ASP B 429 -19.10 -19.61 56.89
CA ASP B 429 -19.35 -20.99 57.36
C ASP B 429 -19.62 -20.95 58.87
N SER B 430 -20.90 -20.96 59.27
CA SER B 430 -21.26 -20.50 60.60
C SER B 430 -21.53 -21.59 61.64
N ALA B 431 -22.15 -22.71 61.26
CA ALA B 431 -22.60 -23.73 62.20
C ALA B 431 -23.74 -23.23 63.09
N ASN B 432 -23.99 -21.90 63.11
CA ASN B 432 -25.27 -21.37 63.56
C ASN B 432 -26.25 -21.34 62.38
N ASP B 433 -27.53 -21.19 62.70
CA ASP B 433 -28.60 -21.19 61.71
C ASP B 433 -29.43 -19.92 61.86
N GLY B 434 -30.46 -19.81 61.03
CA GLY B 434 -31.44 -18.74 61.14
C GLY B 434 -30.90 -17.34 61.34
N VAL B 435 -31.63 -16.54 62.11
CA VAL B 435 -31.27 -15.14 62.29
C VAL B 435 -29.88 -15.01 62.90
N ALA B 436 -29.40 -16.03 63.61
CA ALA B 436 -28.07 -15.98 64.17
C ALA B 436 -27.04 -15.85 63.05
N ALA B 437 -26.87 -16.91 62.26
CA ALA B 437 -25.96 -16.87 61.11
C ALA B 437 -26.24 -15.66 60.23
N ALA B 438 -27.51 -15.30 60.02
CA ALA B 438 -27.81 -14.07 59.30
C ALA B 438 -27.02 -12.89 59.85
N SER B 439 -27.20 -12.60 61.14
CA SER B 439 -26.56 -11.42 61.72
C SER B 439 -25.05 -11.60 61.77
N GLU B 440 -24.60 -12.84 61.87
CA GLU B 440 -23.18 -13.11 61.82
C GLU B 440 -22.60 -12.73 60.46
N ALA B 441 -23.31 -13.07 59.39
CA ALA B 441 -22.89 -12.71 58.04
C ALA B 441 -22.89 -11.21 57.85
N VAL B 442 -23.94 -10.54 58.34
CA VAL B 442 -23.99 -9.08 58.21
C VAL B 442 -22.80 -8.44 58.92
N ASN B 443 -22.47 -8.95 60.12
CA ASN B 443 -21.36 -8.36 60.87
C ASN B 443 -20.02 -8.68 60.22
N LEU B 444 -19.89 -9.86 59.59
CA LEU B 444 -18.70 -10.12 58.80
C LEU B 444 -18.56 -9.08 57.70
N LEU B 445 -19.66 -8.79 56.99
CA LEU B 445 -19.57 -7.83 55.90
C LEU B 445 -19.25 -6.44 56.42
N ARG B 446 -19.77 -6.08 57.59
CA ARG B 446 -19.42 -4.79 58.18
C ARG B 446 -17.96 -4.73 58.57
N ASP B 447 -17.47 -5.79 59.23
CA ASP B 447 -16.08 -5.83 59.67
C ASP B 447 -15.13 -5.83 58.49
N LYS B 448 -15.57 -6.33 57.34
CA LYS B 448 -14.75 -6.29 56.14
C LYS B 448 -14.78 -4.94 55.45
N GLY B 449 -15.49 -3.96 56.00
CA GLY B 449 -15.59 -2.65 55.40
C GLY B 449 -16.71 -2.47 54.41
N TYR B 450 -17.58 -3.48 54.20
CA TYR B 450 -18.56 -3.40 53.12
C TYR B 450 -19.84 -2.65 53.52
N LEU B 451 -20.15 -2.56 54.81
CA LEU B 451 -21.43 -2.02 55.30
C LEU B 451 -21.18 -1.11 56.49
N MET B 452 -21.99 -0.08 56.60
CA MET B 452 -21.87 0.86 57.70
C MET B 452 -22.94 0.58 58.75
N SER B 453 -22.66 1.00 59.99
CA SER B 453 -23.50 0.61 61.12
C SER B 453 -24.94 1.11 61.01
N GLY B 454 -25.20 2.21 60.30
CA GLY B 454 -26.60 2.56 60.17
C GLY B 454 -27.39 1.76 59.13
N ASP B 455 -26.70 1.02 58.27
CA ASP B 455 -27.28 0.54 57.02
C ASP B 455 -28.41 -0.48 57.24
N LEU B 456 -29.31 -0.53 56.27
CA LEU B 456 -30.29 -1.59 56.12
C LEU B 456 -29.84 -2.59 55.05
N VAL B 457 -30.05 -3.87 55.31
CA VAL B 457 -29.66 -4.90 54.35
C VAL B 457 -30.81 -5.86 54.12
N ILE B 458 -30.81 -6.44 52.93
CA ILE B 458 -31.74 -7.50 52.56
C ILE B 458 -30.95 -8.79 52.52
N VAL B 459 -31.44 -9.79 53.24
CA VAL B 459 -30.79 -11.09 53.33
C VAL B 459 -31.78 -12.16 52.92
N THR B 460 -31.36 -13.07 52.06
CA THR B 460 -32.13 -14.25 51.71
C THR B 460 -31.42 -15.47 52.24
N GLN B 461 -32.19 -16.39 52.84
CA GLN B 461 -31.58 -17.66 53.22
C GLN B 461 -32.67 -18.70 53.31
N GLY B 462 -32.25 -19.94 53.57
CA GLY B 462 -33.14 -21.04 53.86
C GLY B 462 -33.23 -21.26 55.35
N ASP B 463 -34.45 -21.13 55.87
CA ASP B 463 -34.76 -21.33 57.29
C ASP B 463 -35.92 -22.32 57.31
N VAL B 464 -35.65 -23.55 57.72
CA VAL B 464 -36.70 -24.57 57.83
C VAL B 464 -36.17 -25.74 58.65
N MET B 465 -37.04 -26.33 59.45
CA MET B 465 -36.67 -27.51 60.23
C MET B 465 -36.97 -28.76 59.44
N SER B 466 -36.27 -28.89 58.32
CA SER B 466 -36.48 -30.03 57.44
C SER B 466 -35.27 -30.14 56.52
N THR B 467 -35.06 -31.36 56.03
CA THR B 467 -34.05 -31.56 55.01
C THR B 467 -34.59 -31.27 53.62
N VAL B 468 -35.85 -30.86 53.49
CA VAL B 468 -36.49 -30.62 52.21
C VAL B 468 -36.50 -29.12 51.91
N GLY B 469 -36.02 -28.76 50.73
CA GLY B 469 -36.11 -27.38 50.28
C GLY B 469 -34.81 -26.62 50.42
N SER B 470 -34.89 -25.39 49.94
CA SER B 470 -33.78 -24.45 49.85
C SER B 470 -34.24 -23.06 50.29
N THR B 471 -33.64 -22.02 49.73
CA THR B 471 -33.93 -20.64 50.09
C THR B 471 -35.43 -20.38 50.20
N ASN B 472 -35.84 -19.80 51.32
CA ASN B 472 -37.27 -19.57 51.51
C ASN B 472 -37.58 -18.38 52.42
N THR B 473 -36.60 -17.54 52.74
CA THR B 473 -36.74 -16.50 53.75
C THR B 473 -36.04 -15.23 53.32
N THR B 474 -36.70 -14.09 53.54
CA THR B 474 -36.04 -12.80 53.43
C THR B 474 -36.09 -12.09 54.78
N ARG B 475 -35.03 -11.35 55.06
CA ARG B 475 -34.83 -10.60 56.29
C ARG B 475 -34.39 -9.20 55.92
N ILE B 476 -34.97 -8.20 56.53
CA ILE B 476 -34.51 -6.83 56.36
C ILE B 476 -33.94 -6.38 57.70
N LEU B 477 -32.62 -6.39 57.81
CA LEU B 477 -31.95 -6.18 59.08
C LEU B 477 -31.24 -4.83 59.08
N THR B 478 -30.84 -4.40 60.29
CA THR B 478 -30.12 -3.14 60.51
C THR B 478 -28.75 -3.48 61.05
N VAL B 479 -27.72 -2.88 60.47
CA VAL B 479 -26.34 -3.22 60.84
C VAL B 479 -26.04 -2.72 62.25
N GLU B 480 -25.21 -3.47 62.98
CA GLU B 480 -24.75 -3.11 64.33
C GLU B 480 -25.89 -2.64 65.23
N SER C 2 34.13 -28.11 -13.81
CA SER C 2 34.65 -27.90 -15.16
C SER C 2 33.73 -26.98 -15.97
N ARG C 3 32.43 -26.99 -15.64
CA ARG C 3 31.51 -26.06 -16.30
C ARG C 3 31.79 -24.64 -15.84
N ARG C 4 31.50 -23.67 -16.72
CA ARG C 4 32.03 -22.33 -16.53
C ARG C 4 31.39 -21.65 -15.34
N LEU C 5 32.26 -20.99 -14.57
CA LEU C 5 31.85 -20.14 -13.47
C LEU C 5 31.24 -18.86 -14.00
N ARG C 6 30.33 -18.29 -13.21
CA ARG C 6 29.89 -16.93 -13.47
C ARG C 6 31.10 -16.02 -13.30
N ARG C 7 31.25 -15.05 -14.19
CA ARG C 7 32.36 -14.12 -14.03
C ARG C 7 31.94 -12.78 -13.43
N THR C 8 30.82 -12.19 -13.89
CA THR C 8 30.37 -10.91 -13.34
C THR C 8 29.83 -11.07 -11.92
N LYS C 9 30.25 -10.17 -11.03
CA LYS C 9 29.86 -10.22 -9.62
C LYS C 9 28.51 -9.54 -9.38
N ILE C 10 27.93 -9.86 -8.21
CA ILE C 10 26.60 -9.40 -7.79
C ILE C 10 26.70 -8.68 -6.45
N VAL C 11 26.21 -7.44 -6.40
CA VAL C 11 26.05 -6.67 -5.15
C VAL C 11 24.58 -6.71 -4.74
N THR C 12 24.32 -7.03 -3.47
CA THR C 12 22.97 -7.04 -2.94
C THR C 12 22.88 -6.09 -1.75
N THR C 13 22.07 -5.03 -1.91
CA THR C 13 21.80 -4.12 -0.80
C THR C 13 21.02 -4.83 0.30
N LEU C 14 21.44 -4.63 1.54
CA LEU C 14 20.75 -5.16 2.71
C LEU C 14 19.67 -4.20 3.19
N GLY C 15 18.58 -4.78 3.67
CA GLY C 15 17.46 -4.04 4.22
C GLY C 15 16.47 -4.93 4.94
N PRO C 16 15.24 -4.43 5.16
CA PRO C 16 14.21 -5.25 5.82
C PRO C 16 14.02 -6.63 5.21
N ALA C 17 13.88 -6.72 3.88
CA ALA C 17 13.70 -8.01 3.22
C ALA C 17 14.84 -8.98 3.50
N THR C 18 15.98 -8.46 3.93
CA THR C 18 17.16 -9.27 4.22
C THR C 18 17.21 -9.76 5.67
N ASP C 19 16.70 -8.95 6.62
CA ASP C 19 16.50 -9.44 7.98
C ASP C 19 15.35 -10.44 8.04
N ARG C 20 14.30 -10.21 7.26
CA ARG C 20 13.12 -11.08 7.22
C ARG C 20 13.52 -12.52 6.96
N ASP C 21 13.25 -13.37 7.96
CA ASP C 21 13.45 -14.83 7.91
C ASP C 21 14.96 -15.07 7.92
N ASN C 22 15.49 -15.95 7.06
CA ASN C 22 16.92 -16.14 6.82
C ASN C 22 17.27 -15.73 5.39
N ASN C 23 16.55 -14.74 4.87
CA ASN C 23 16.75 -14.31 3.48
C ASN C 23 18.16 -13.82 3.22
N LEU C 24 18.88 -13.37 4.24
CA LEU C 24 20.30 -13.06 4.05
C LEU C 24 21.04 -14.28 3.53
N GLU C 25 20.95 -15.41 4.27
CA GLU C 25 21.58 -16.66 3.84
C GLU C 25 21.04 -17.10 2.48
N LYS C 26 19.76 -16.87 2.22
CA LYS C 26 19.21 -17.18 0.90
C LYS C 26 19.97 -16.42 -0.18
N VAL C 27 20.12 -15.11 0.01
CA VAL C 27 20.76 -14.25 -0.99
C VAL C 27 22.22 -14.64 -1.17
N ILE C 28 22.92 -14.94 -0.08
CA ILE C 28 24.33 -15.29 -0.20
C ILE C 28 24.48 -16.64 -0.91
N ALA C 29 23.63 -17.62 -0.59
CA ALA C 29 23.79 -18.92 -1.23
C ALA C 29 23.29 -18.92 -2.67
N ALA C 30 22.45 -17.97 -3.04
CA ALA C 30 22.11 -17.84 -4.46
C ALA C 30 23.24 -17.19 -5.24
N GLY C 31 24.26 -16.68 -4.55
CA GLY C 31 25.49 -16.29 -5.20
C GLY C 31 25.84 -14.82 -5.14
N ALA C 32 25.38 -14.12 -4.11
CA ALA C 32 25.79 -12.72 -3.96
C ALA C 32 27.24 -12.69 -3.55
N ASN C 33 27.97 -11.71 -4.08
CA ASN C 33 29.41 -11.65 -3.89
C ASN C 33 29.82 -10.52 -2.97
N VAL C 34 29.01 -9.45 -2.96
CA VAL C 34 29.22 -8.26 -2.15
C VAL C 34 27.86 -7.82 -1.62
N VAL C 35 27.79 -7.51 -0.33
CA VAL C 35 26.57 -6.94 0.24
C VAL C 35 26.76 -5.44 0.45
N ARG C 36 25.71 -4.69 0.20
CA ARG C 36 25.75 -3.24 0.29
C ARG C 36 24.91 -2.76 1.46
N MET C 37 25.51 -1.98 2.33
CA MET C 37 24.85 -1.38 3.48
C MET C 37 24.71 0.10 3.19
N ASN C 38 23.49 0.51 2.82
CA ASN C 38 23.18 1.89 2.47
C ASN C 38 23.09 2.70 3.77
N PHE C 39 23.98 3.67 3.94
CA PHE C 39 23.97 4.44 5.18
C PHE C 39 22.88 5.50 5.18
N SER C 40 22.17 5.67 4.05
CA SER C 40 21.03 6.59 4.05
C SER C 40 20.00 6.21 5.08
N HIS C 41 19.87 4.91 5.38
CA HIS C 41 18.79 4.39 6.19
C HIS C 41 19.34 3.46 7.26
N GLY C 42 18.63 3.40 8.39
CA GLY C 42 18.93 2.50 9.48
C GLY C 42 19.89 3.11 10.49
N SER C 43 20.04 2.41 11.61
CA SER C 43 20.86 2.80 12.75
C SER C 43 22.23 2.16 12.70
N PRO C 44 23.22 2.75 13.37
CA PRO C 44 24.50 2.04 13.55
C PRO C 44 24.35 0.59 13.97
N GLU C 45 23.42 0.29 14.89
CA GLU C 45 23.26 -1.09 15.35
C GLU C 45 22.62 -1.98 14.28
N ASP C 46 21.71 -1.44 13.46
CA ASP C 46 21.22 -2.17 12.30
C ASP C 46 22.39 -2.71 11.46
N HIS C 47 23.30 -1.82 11.08
CA HIS C 47 24.39 -2.20 10.20
C HIS C 47 25.39 -3.12 10.89
N LYS C 48 25.69 -2.85 12.17
CA LYS C 48 26.62 -3.70 12.91
C LYS C 48 26.07 -5.13 13.04
N MET C 49 24.78 -5.27 13.34
CA MET C 49 24.19 -6.60 13.45
C MET C 49 24.17 -7.30 12.08
N ARG C 50 23.71 -6.60 11.03
CA ARG C 50 23.70 -7.19 9.70
C ARG C 50 25.09 -7.67 9.30
N ALA C 51 26.11 -6.86 9.58
CA ALA C 51 27.48 -7.24 9.21
C ALA C 51 27.92 -8.49 9.96
N ASP C 52 27.61 -8.57 11.25
CA ASP C 52 28.01 -9.78 11.98
C ASP C 52 27.30 -11.00 11.43
N LYS C 53 26.03 -10.84 11.00
CA LYS C 53 25.34 -11.99 10.41
C LYS C 53 25.92 -12.37 9.06
N VAL C 54 26.36 -11.38 8.27
CA VAL C 54 27.02 -11.67 7.00
C VAL C 54 28.30 -12.47 7.24
N ARG C 55 29.15 -12.00 8.16
CA ARG C 55 30.41 -12.68 8.39
C ARG C 55 30.17 -14.11 8.89
N GLU C 56 29.16 -14.32 9.74
CA GLU C 56 28.97 -15.67 10.25
C GLU C 56 28.30 -16.59 9.22
N ILE C 57 27.39 -16.07 8.38
CA ILE C 57 26.86 -16.87 7.29
C ILE C 57 27.98 -17.28 6.34
N ALA C 58 28.79 -16.31 5.91
CA ALA C 58 29.90 -16.62 5.04
C ALA C 58 30.80 -17.68 5.64
N ALA C 59 31.10 -17.57 6.94
CA ALA C 59 31.93 -18.58 7.59
C ALA C 59 31.27 -19.96 7.51
N LYS C 60 29.99 -20.05 7.89
CA LYS C 60 29.27 -21.32 7.82
C LYS C 60 29.32 -21.91 6.41
N LEU C 61 29.01 -21.11 5.39
CA LEU C 61 28.96 -21.56 4.00
C LEU C 61 30.33 -21.64 3.34
N GLY C 62 31.40 -21.27 4.02
CA GLY C 62 32.71 -21.29 3.40
C GLY C 62 32.83 -20.32 2.25
N ARG C 63 31.94 -19.35 2.16
CA ARG C 63 31.89 -18.38 1.10
C ARG C 63 32.61 -17.09 1.51
N HIS C 64 33.06 -16.34 0.51
CA HIS C 64 33.78 -15.09 0.72
C HIS C 64 32.94 -13.94 0.18
N VAL C 65 32.38 -13.15 1.09
CA VAL C 65 31.45 -12.08 0.76
C VAL C 65 32.03 -10.77 1.27
N ALA C 66 32.07 -9.76 0.40
CA ALA C 66 32.58 -8.44 0.75
C ALA C 66 31.44 -7.58 1.28
N ILE C 67 31.81 -6.60 2.10
CA ILE C 67 30.85 -5.62 2.63
C ILE C 67 31.17 -4.26 2.04
N LEU C 68 30.19 -3.68 1.34
CA LEU C 68 30.26 -2.31 0.84
C LEU C 68 29.48 -1.39 1.77
N GLY C 69 30.17 -0.42 2.37
CA GLY C 69 29.50 0.66 3.08
C GLY C 69 29.34 1.90 2.21
N ASP C 70 28.11 2.41 2.13
CA ASP C 70 27.69 3.38 1.12
C ASP C 70 27.24 4.69 1.81
N LEU C 71 28.05 5.73 1.66
CA LEU C 71 27.77 7.01 2.31
C LEU C 71 26.67 7.78 1.60
N GLN C 72 25.78 8.37 2.39
CA GLN C 72 24.61 9.02 1.80
C GLN C 72 24.99 10.29 1.06
N GLY C 73 25.85 11.12 1.64
CA GLY C 73 26.31 12.33 0.99
C GLY C 73 25.42 13.53 1.21
N PRO C 74 25.63 14.58 0.41
CA PRO C 74 24.76 15.75 0.50
C PRO C 74 23.34 15.42 0.05
N LYS C 75 22.40 15.69 0.95
CA LYS C 75 20.98 15.49 0.70
C LYS C 75 20.43 16.77 0.07
N ILE C 76 20.27 16.76 -1.26
CA ILE C 76 19.78 17.95 -1.97
C ILE C 76 18.28 17.81 -2.24
N ARG C 77 17.46 18.15 -1.24
CA ARG C 77 16.01 17.97 -1.23
C ARG C 77 15.24 19.29 -1.23
N VAL C 78 13.91 19.15 -1.30
CA VAL C 78 12.95 20.16 -0.93
C VAL C 78 11.88 19.47 -0.08
N GLY C 161 13.85 15.51 -4.21
CA GLY C 161 15.21 15.47 -4.71
C GLY C 161 15.41 16.33 -5.94
N ILE C 162 16.45 17.15 -5.94
CA ILE C 162 16.68 18.11 -7.02
C ILE C 162 18.12 17.99 -7.51
N ASN C 163 18.29 17.99 -8.83
CA ASN C 163 19.58 18.09 -9.48
C ASN C 163 19.59 19.35 -10.36
N LYS C 164 20.76 19.93 -10.54
CA LYS C 164 20.92 21.06 -11.45
C LYS C 164 21.36 20.52 -12.80
N LEU C 165 20.70 20.95 -13.87
CA LEU C 165 21.06 20.46 -15.19
C LEU C 165 22.44 20.98 -15.56
N GLY C 166 23.32 20.07 -15.98
CA GLY C 166 24.73 20.36 -16.04
C GLY C 166 25.34 20.15 -14.67
N GLY C 167 26.60 20.57 -14.53
CA GLY C 167 27.18 20.58 -13.20
C GLY C 167 26.63 21.69 -12.33
N GLY C 168 27.46 22.26 -11.48
CA GLY C 168 27.10 23.50 -10.81
C GLY C 168 27.19 23.52 -9.30
N LEU C 169 26.33 22.75 -8.64
CA LEU C 169 26.12 22.92 -7.21
C LEU C 169 27.38 22.63 -6.41
N SER C 170 27.53 23.36 -5.30
CA SER C 170 28.79 23.45 -4.58
C SER C 170 28.81 22.70 -3.26
N ALA C 171 27.81 21.85 -3.01
CA ALA C 171 27.74 21.13 -1.75
C ALA C 171 28.95 20.19 -1.60
N GLU C 172 29.55 20.19 -0.41
CA GLU C 172 30.67 19.30 -0.14
C GLU C 172 30.20 17.86 -0.09
N ALA C 173 31.04 16.94 -0.58
CA ALA C 173 30.65 15.55 -0.71
C ALA C 173 30.51 14.86 0.65
N LEU C 174 31.44 15.15 1.57
CA LEU C 174 31.50 14.45 2.85
C LEU C 174 30.85 15.29 3.94
N THR C 175 29.65 14.88 4.32
CA THR C 175 28.88 15.55 5.37
C THR C 175 29.26 15.02 6.74
N GLU C 176 28.86 15.78 7.77
CA GLU C 176 29.09 15.34 9.14
C GLU C 176 28.44 13.98 9.39
N LYS C 177 27.23 13.79 8.84
CA LYS C 177 26.64 12.46 8.86
C LYS C 177 27.60 11.46 8.27
N ASP C 178 28.19 11.79 7.13
CA ASP C 178 29.10 10.86 6.47
C ASP C 178 30.31 10.54 7.33
N LYS C 179 30.83 11.54 8.08
CA LYS C 179 32.00 11.31 8.94
C LYS C 179 31.67 10.33 10.06
N ALA C 180 30.51 10.50 10.69
CA ALA C 180 30.06 9.51 11.66
C ALA C 180 29.87 8.13 11.02
N ASP C 181 29.33 8.10 9.80
CA ASP C 181 29.13 6.80 9.16
C ASP C 181 30.45 6.15 8.74
N ILE C 182 31.49 6.94 8.47
CA ILE C 182 32.81 6.35 8.25
C ILE C 182 33.29 5.68 9.53
N LYS C 183 33.08 6.34 10.68
CA LYS C 183 33.43 5.68 11.93
C LYS C 183 32.64 4.37 12.11
N THR C 184 31.36 4.38 11.72
CA THR C 184 30.56 3.16 11.77
C THR C 184 31.11 2.09 10.82
N ALA C 185 31.56 2.52 9.64
CA ALA C 185 32.14 1.62 8.65
C ALA C 185 33.43 0.98 9.15
N ALA C 186 34.26 1.76 9.84
CA ALA C 186 35.46 1.19 10.47
C ALA C 186 35.08 0.18 11.55
N LEU C 187 34.08 0.52 12.37
CA LEU C 187 33.66 -0.43 13.40
C LEU C 187 33.16 -1.73 12.80
N ILE C 188 32.47 -1.65 11.66
CA ILE C 188 31.92 -2.83 10.99
C ILE C 188 33.03 -3.65 10.33
N GLY C 189 34.10 -3.00 9.88
CA GLY C 189 35.15 -3.63 9.10
C GLY C 189 34.78 -3.77 7.64
N VAL C 190 34.36 -2.67 7.01
CA VAL C 190 33.95 -2.76 5.61
C VAL C 190 35.18 -3.01 4.74
N ASP C 191 34.98 -3.77 3.67
CA ASP C 191 36.03 -3.99 2.68
C ASP C 191 36.06 -2.86 1.67
N TYR C 192 34.91 -2.25 1.42
CA TYR C 192 34.76 -1.22 0.41
C TYR C 192 33.88 -0.10 0.97
N LEU C 193 34.17 1.13 0.56
CA LEU C 193 33.52 2.33 1.08
C LEU C 193 33.20 3.25 -0.09
N ALA C 194 31.92 3.49 -0.33
CA ALA C 194 31.50 4.31 -1.46
C ALA C 194 31.21 5.73 -1.01
N VAL C 195 31.72 6.71 -1.76
CA VAL C 195 31.54 8.13 -1.49
C VAL C 195 30.60 8.72 -2.55
N SER C 196 29.48 9.28 -2.11
CA SER C 196 28.54 9.91 -3.02
C SER C 196 28.95 11.35 -3.35
N PHE C 197 28.58 11.78 -4.54
CA PHE C 197 28.70 13.16 -5.02
C PHE C 197 30.10 13.78 -4.87
N PRO C 198 31.19 13.09 -5.25
CA PRO C 198 32.52 13.70 -5.06
C PRO C 198 32.88 14.67 -6.19
N ARG C 199 33.36 15.86 -5.81
CA ARG C 199 33.65 16.92 -6.78
C ARG C 199 34.91 16.62 -7.58
N CYS C 200 35.96 16.18 -6.90
CA CYS C 200 37.24 15.84 -7.52
C CYS C 200 37.85 14.67 -6.76
N GLY C 201 39.02 14.22 -7.20
CA GLY C 201 39.74 13.18 -6.48
C GLY C 201 40.12 13.58 -5.07
N GLU C 202 40.18 14.89 -4.81
CA GLU C 202 40.49 15.37 -3.47
C GLU C 202 39.48 14.86 -2.44
N ASP C 203 38.19 14.84 -2.79
CA ASP C 203 37.20 14.36 -1.83
C ASP C 203 37.43 12.90 -1.48
N LEU C 204 37.79 12.09 -2.48
CA LEU C 204 38.00 10.67 -2.21
C LEU C 204 39.27 10.44 -1.43
N ASN C 205 40.31 11.23 -1.68
CA ASN C 205 41.50 11.17 -0.85
C ASN C 205 41.15 11.49 0.60
N TYR C 206 40.36 12.55 0.79
CA TYR C 206 39.91 12.91 2.13
C TYR C 206 39.17 11.76 2.80
N ALA C 207 38.32 11.06 2.03
CA ALA C 207 37.51 9.99 2.63
C ALA C 207 38.36 8.78 2.98
N ARG C 208 39.33 8.44 2.12
CA ARG C 208 40.26 7.37 2.46
C ARG C 208 41.08 7.72 3.68
N ARG C 209 41.47 8.99 3.82
CA ARG C 209 42.23 9.39 4.99
C ARG C 209 41.39 9.28 6.26
N LEU C 210 40.11 9.66 6.17
CA LEU C 210 39.23 9.49 7.32
C LEU C 210 39.05 8.02 7.69
N ALA C 211 38.88 7.14 6.70
CA ALA C 211 38.72 5.72 7.00
C ALA C 211 40.00 5.11 7.59
N ARG C 212 41.17 5.53 7.09
CA ARG C 212 42.40 4.95 7.61
C ARG C 212 42.73 5.48 8.99
N ASP C 213 42.40 6.75 9.28
CA ASP C 213 42.64 7.28 10.62
C ASP C 213 41.71 6.66 11.66
N ALA C 214 40.65 5.97 11.24
CA ALA C 214 39.85 5.18 12.16
C ALA C 214 40.26 3.72 12.15
N GLY C 215 41.31 3.38 11.39
CA GLY C 215 41.88 2.05 11.44
C GLY C 215 41.19 1.11 10.48
N CYS C 216 40.86 1.61 9.29
CA CYS C 216 40.12 0.81 8.32
C CYS C 216 40.69 1.06 6.92
N ASP C 217 41.47 0.09 6.43
CA ASP C 217 42.12 0.20 5.13
C ASP C 217 41.17 -0.06 3.96
N ALA C 218 39.89 0.30 4.12
CA ALA C 218 38.90 0.00 3.10
C ALA C 218 39.30 0.59 1.76
N LYS C 219 38.96 -0.13 0.69
CA LYS C 219 39.10 0.42 -0.66
C LYS C 219 38.02 1.46 -0.92
N ILE C 220 38.35 2.48 -1.70
CA ILE C 220 37.45 3.61 -1.91
C ILE C 220 36.69 3.39 -3.21
N VAL C 221 35.36 3.44 -3.12
CA VAL C 221 34.48 3.42 -4.29
C VAL C 221 34.00 4.84 -4.52
N ALA C 222 34.25 5.38 -5.72
CA ALA C 222 33.83 6.73 -6.09
C ALA C 222 32.59 6.65 -6.96
N LYS C 223 31.48 7.21 -6.47
CA LYS C 223 30.25 7.23 -7.25
C LYS C 223 30.34 8.35 -8.28
N VAL C 224 30.33 7.98 -9.55
CA VAL C 224 30.36 8.94 -10.66
C VAL C 224 28.91 9.32 -10.95
N GLU C 225 28.44 10.35 -10.25
CA GLU C 225 27.07 10.84 -10.32
C GLU C 225 26.96 12.29 -10.78
N ARG C 226 28.05 12.90 -11.24
CA ARG C 226 28.06 14.34 -11.49
C ARG C 226 28.59 14.66 -12.88
N ALA C 227 27.91 15.58 -13.56
CA ALA C 227 28.40 16.03 -14.86
C ALA C 227 29.84 16.51 -14.78
N GLU C 228 30.27 16.99 -13.60
CA GLU C 228 31.66 17.39 -13.42
C GLU C 228 32.60 16.22 -13.62
N ALA C 229 32.20 15.02 -13.16
CA ALA C 229 33.11 13.88 -13.22
C ALA C 229 33.32 13.35 -14.63
N VAL C 230 32.40 13.64 -15.55
CA VAL C 230 32.48 13.09 -16.90
C VAL C 230 32.64 14.16 -17.97
N CYS C 231 32.89 15.42 -17.60
CA CYS C 231 32.90 16.49 -18.59
C CYS C 231 34.16 16.49 -19.46
N SER C 232 35.25 15.90 -18.98
CA SER C 232 36.46 15.73 -19.78
C SER C 232 37.23 14.54 -19.23
N GLN C 233 37.97 13.86 -20.11
CA GLN C 233 38.71 12.69 -19.65
C GLN C 233 39.76 13.03 -18.59
N ASP C 234 40.21 14.28 -18.52
CA ASP C 234 41.05 14.64 -17.37
C ASP C 234 40.25 14.59 -16.07
N ALA C 235 39.01 15.08 -16.07
CA ALA C 235 38.18 15.00 -14.87
C ALA C 235 37.89 13.55 -14.50
N MET C 236 37.46 12.76 -15.49
CA MET C 236 37.32 11.33 -15.35
C MET C 236 38.54 10.71 -14.68
N ASP C 237 39.72 10.90 -15.28
CA ASP C 237 40.97 10.35 -14.76
C ASP C 237 41.21 10.79 -13.32
N ASP C 238 40.90 12.05 -13.03
CA ASP C 238 41.11 12.59 -11.69
C ASP C 238 40.27 11.84 -10.67
N ILE C 239 39.02 11.53 -11.03
CA ILE C 239 38.18 10.72 -10.13
C ILE C 239 38.71 9.29 -10.01
N ILE C 240 39.02 8.65 -11.15
CA ILE C 240 39.37 7.24 -11.18
C ILE C 240 40.67 6.96 -10.43
N LEU C 241 41.68 7.83 -10.62
CA LEU C 241 42.98 7.60 -10.01
C LEU C 241 42.98 7.86 -8.50
N ALA C 242 42.08 8.71 -8.02
CA ALA C 242 41.95 8.82 -6.58
C ALA C 242 41.22 7.62 -5.97
N SER C 243 40.73 6.71 -6.82
CA SER C 243 39.84 5.62 -6.45
C SER C 243 40.51 4.25 -6.54
N ASP C 244 39.88 3.31 -5.88
CA ASP C 244 40.05 1.90 -6.16
C ASP C 244 38.93 1.33 -7.03
N VAL C 245 37.73 1.92 -6.96
CA VAL C 245 36.55 1.38 -7.61
C VAL C 245 35.70 2.54 -8.10
N VAL C 246 35.39 2.55 -9.37
CA VAL C 246 34.38 3.47 -9.90
C VAL C 246 33.02 2.79 -9.81
N MET C 247 32.04 3.52 -9.34
CA MET C 247 30.65 3.07 -9.33
C MET C 247 29.89 4.05 -10.20
N VAL C 248 29.37 3.58 -11.32
CA VAL C 248 28.59 4.43 -12.21
C VAL C 248 27.13 4.07 -12.03
N ALA C 249 26.34 5.08 -11.70
CA ALA C 249 24.90 4.92 -11.44
C ALA C 249 24.15 5.54 -12.60
N ARG C 250 23.17 4.81 -13.13
CA ARG C 250 22.38 5.34 -14.23
C ARG C 250 21.40 6.41 -13.77
N GLY C 251 21.20 6.59 -12.46
CA GLY C 251 20.25 7.56 -11.95
C GLY C 251 20.61 9.04 -12.11
N ASP C 252 21.45 9.57 -11.21
CA ASP C 252 21.60 11.02 -11.12
C ASP C 252 22.41 11.59 -12.28
N LEU C 253 23.44 10.84 -12.73
CA LEU C 253 24.27 11.28 -13.85
C LEU C 253 23.44 11.48 -15.10
N GLY C 254 22.58 10.50 -15.41
CA GLY C 254 21.67 10.65 -16.54
C GLY C 254 20.81 11.90 -16.44
N VAL C 255 20.54 12.37 -15.22
CA VAL C 255 19.73 13.57 -15.06
C VAL C 255 20.55 14.82 -15.35
N GLU C 256 21.77 14.90 -14.81
CA GLU C 256 22.57 16.12 -14.97
C GLU C 256 23.05 16.30 -16.41
N ILE C 257 23.60 15.25 -17.03
CA ILE C 257 23.89 15.31 -18.46
C ILE C 257 22.71 14.66 -19.17
N GLY C 258 22.83 14.38 -20.47
CA GLY C 258 21.69 13.79 -21.18
C GLY C 258 21.51 12.30 -20.90
N ASP C 259 20.26 11.84 -21.00
CA ASP C 259 20.02 10.40 -20.80
C ASP C 259 20.61 9.56 -21.94
N PRO C 260 20.43 9.94 -23.21
CA PRO C 260 21.14 9.19 -24.28
C PRO C 260 22.65 9.40 -24.27
N GLU C 261 23.14 10.57 -23.87
CA GLU C 261 24.58 10.76 -23.71
C GLU C 261 25.13 9.84 -22.62
N LEU C 262 24.28 9.47 -21.67
CA LEU C 262 24.70 8.64 -20.55
C LEU C 262 25.25 7.30 -21.00
N VAL C 263 24.73 6.75 -22.10
CA VAL C 263 25.08 5.38 -22.48
C VAL C 263 26.50 5.32 -23.06
N GLY C 264 26.80 6.23 -23.99
CA GLY C 264 28.17 6.39 -24.44
C GLY C 264 29.10 6.70 -23.30
N ILE C 265 28.68 7.59 -22.39
CA ILE C 265 29.52 7.99 -21.26
C ILE C 265 29.82 6.79 -20.37
N GLN C 266 28.81 5.97 -20.08
CA GLN C 266 29.02 4.77 -19.27
C GLN C 266 30.00 3.83 -19.93
N LYS C 267 29.81 3.54 -21.22
CA LYS C 267 30.76 2.67 -21.92
C LYS C 267 32.18 3.19 -21.75
N ALA C 268 32.37 4.49 -22.02
CA ALA C 268 33.70 5.08 -21.94
C ALA C 268 34.25 4.98 -20.53
N LEU C 269 33.41 5.22 -19.52
CA LEU C 269 33.88 5.24 -18.15
C LEU C 269 34.35 3.86 -17.74
N ILE C 270 33.57 2.83 -18.07
CA ILE C 270 33.99 1.46 -17.76
C ILE C 270 35.33 1.16 -18.41
N ARG C 271 35.45 1.45 -19.72
CA ARG C 271 36.69 1.14 -20.40
C ARG C 271 37.88 1.89 -19.79
N ARG C 272 37.66 3.15 -19.38
CA ARG C 272 38.75 3.95 -18.83
C ARG C 272 39.16 3.47 -17.46
N ALA C 273 38.20 3.10 -16.62
CA ALA C 273 38.54 2.58 -15.30
C ALA C 273 39.29 1.26 -15.41
N ARG C 274 38.94 0.43 -16.41
CA ARG C 274 39.69 -0.82 -16.58
C ARG C 274 41.06 -0.60 -17.20
N GLN C 275 41.26 0.48 -17.97
CA GLN C 275 42.62 0.78 -18.44
C GLN C 275 43.54 1.14 -17.28
N LEU C 276 43.06 1.91 -16.31
CA LEU C 276 43.88 2.40 -15.21
C LEU C 276 43.83 1.49 -13.97
N ASN C 277 43.43 0.24 -14.13
CA ASN C 277 43.46 -0.76 -13.05
C ASN C 277 42.53 -0.38 -11.89
N ARG C 278 41.28 -0.13 -12.23
CA ARG C 278 40.24 0.05 -11.25
C ARG C 278 39.12 -0.92 -11.56
N ALA C 279 38.47 -1.41 -10.52
CA ALA C 279 37.26 -2.17 -10.69
C ALA C 279 36.10 -1.20 -10.89
N VAL C 280 35.03 -1.67 -11.54
CA VAL C 280 33.85 -0.85 -11.73
C VAL C 280 32.61 -1.64 -11.31
N ILE C 281 31.76 -1.01 -10.51
CA ILE C 281 30.41 -1.49 -10.20
C ILE C 281 29.41 -0.74 -11.07
N THR C 282 28.49 -1.47 -11.70
CA THR C 282 27.36 -0.83 -12.35
C THR C 282 26.18 -0.84 -11.39
N ALA C 283 25.68 0.35 -11.06
CA ALA C 283 24.58 0.50 -10.12
C ALA C 283 23.26 0.50 -10.89
N THR C 284 22.23 1.12 -10.32
CA THR C 284 20.87 1.27 -10.85
C THR C 284 20.08 -0.03 -10.70
N GLN C 285 18.85 0.10 -10.21
CA GLN C 285 17.95 -1.04 -10.03
C GLN C 285 17.50 -1.58 -11.38
N MET C 286 18.26 -2.49 -11.96
CA MET C 286 17.90 -2.98 -13.27
C MET C 286 16.87 -4.11 -13.23
N MET C 287 16.39 -4.49 -12.05
CA MET C 287 15.38 -5.53 -11.97
C MET C 287 14.19 -5.04 -11.17
N GLU C 288 13.72 -3.83 -11.52
CA GLU C 288 12.62 -3.21 -10.79
C GLU C 288 11.41 -4.13 -10.72
N SER C 289 11.09 -4.82 -11.81
CA SER C 289 9.91 -5.67 -11.83
C SER C 289 10.00 -6.79 -10.80
N MET C 290 11.18 -7.05 -10.24
CA MET C 290 11.35 -8.12 -9.26
C MET C 290 11.14 -7.64 -7.83
N ILE C 291 10.68 -6.39 -7.65
CA ILE C 291 10.11 -6.02 -6.35
C ILE C 291 8.91 -6.90 -6.04
N THR C 292 8.07 -7.14 -7.07
CA THR C 292 6.76 -7.76 -6.93
C THR C 292 6.69 -9.18 -7.51
N ASN C 293 7.22 -9.39 -8.74
CA ASN C 293 7.10 -10.63 -9.49
C ASN C 293 8.37 -11.46 -9.38
N PRO C 294 8.29 -12.78 -9.61
CA PRO C 294 9.45 -13.67 -9.46
C PRO C 294 10.19 -14.01 -10.76
N MET C 295 9.93 -13.29 -11.84
CA MET C 295 10.63 -13.38 -13.11
C MET C 295 10.88 -11.97 -13.59
N PRO C 296 12.03 -11.74 -14.22
CA PRO C 296 12.30 -10.40 -14.76
C PRO C 296 11.72 -10.20 -16.15
N THR C 297 11.38 -8.95 -16.46
CA THR C 297 10.94 -8.65 -17.81
C THR C 297 12.11 -8.73 -18.78
N ARG C 298 11.80 -9.16 -20.01
CA ARG C 298 12.81 -9.24 -21.05
C ARG C 298 13.61 -7.93 -21.18
N ALA C 299 12.98 -6.79 -20.95
CA ALA C 299 13.69 -5.53 -21.11
C ALA C 299 14.79 -5.39 -20.07
N GLU C 300 14.45 -5.65 -18.81
CA GLU C 300 15.43 -5.59 -17.73
C GLU C 300 16.56 -6.60 -17.95
N VAL C 301 16.25 -7.76 -18.53
CA VAL C 301 17.27 -8.76 -18.79
C VAL C 301 18.22 -8.29 -19.88
N MET C 302 17.70 -7.75 -20.98
CA MET C 302 18.64 -7.24 -21.99
C MET C 302 19.45 -6.07 -21.44
N ASP C 303 18.87 -5.32 -20.50
CA ASP C 303 19.59 -4.24 -19.84
C ASP C 303 20.81 -4.78 -19.09
N VAL C 304 20.56 -5.72 -18.17
CA VAL C 304 21.65 -6.34 -17.39
C VAL C 304 22.68 -6.98 -18.33
N ALA C 305 22.22 -7.55 -19.45
CA ALA C 305 23.16 -8.20 -20.36
C ALA C 305 24.07 -7.17 -21.01
N ASN C 306 23.53 -6.00 -21.35
CA ASN C 306 24.40 -4.95 -21.87
C ASN C 306 25.34 -4.45 -20.78
N ALA C 307 24.88 -4.43 -19.53
CA ALA C 307 25.76 -4.02 -18.46
C ALA C 307 26.93 -4.98 -18.32
N VAL C 308 26.68 -6.27 -18.56
CA VAL C 308 27.77 -7.25 -18.53
C VAL C 308 28.66 -7.11 -19.77
N LEU C 309 28.06 -6.99 -20.95
CA LEU C 309 28.85 -6.87 -22.17
C LEU C 309 29.70 -5.63 -22.16
N ASP C 310 29.28 -4.60 -21.41
CA ASP C 310 30.02 -3.36 -21.30
C ASP C 310 31.33 -3.53 -20.56
N GLY C 311 31.44 -4.55 -19.72
CA GLY C 311 32.69 -4.88 -19.06
C GLY C 311 32.78 -4.59 -17.57
N THR C 312 31.66 -4.27 -16.92
CA THR C 312 31.66 -3.98 -15.49
C THR C 312 32.12 -5.18 -14.69
N ASP C 313 32.69 -4.92 -13.51
CA ASP C 313 33.05 -6.01 -12.60
C ASP C 313 31.83 -6.60 -11.91
N ALA C 314 30.83 -5.77 -11.59
CA ALA C 314 29.72 -6.20 -10.76
C ALA C 314 28.45 -5.50 -11.21
N VAL C 315 27.33 -6.17 -11.01
CA VAL C 315 26.04 -5.52 -11.09
C VAL C 315 25.43 -5.58 -9.70
N MET C 316 24.43 -4.72 -9.49
CA MET C 316 23.93 -4.42 -8.15
C MET C 316 22.41 -4.49 -8.13
N LEU C 317 21.89 -5.11 -7.08
CA LEU C 317 20.48 -5.01 -6.74
C LEU C 317 20.33 -4.05 -5.56
N SER C 318 19.36 -3.14 -5.64
CA SER C 318 19.02 -2.30 -4.50
C SER C 318 17.74 -2.79 -3.83
N ALA C 319 16.59 -2.17 -4.16
CA ALA C 319 15.33 -2.53 -3.52
C ALA C 319 14.94 -3.99 -3.73
N GLU C 320 15.39 -4.61 -4.83
CA GLU C 320 15.06 -6.01 -5.08
C GLU C 320 15.51 -6.92 -3.93
N THR C 321 16.58 -6.55 -3.24
CA THR C 321 17.08 -7.32 -2.11
C THR C 321 16.82 -6.66 -0.77
N ALA C 322 16.75 -5.32 -0.74
CA ALA C 322 16.61 -4.60 0.53
C ALA C 322 15.17 -4.61 1.03
N ALA C 323 14.19 -4.49 0.12
CA ALA C 323 12.80 -4.38 0.53
C ALA C 323 11.84 -5.26 -0.26
N GLY C 324 12.28 -5.92 -1.32
CA GLY C 324 11.40 -6.64 -2.21
C GLY C 324 10.85 -7.94 -1.62
N GLN C 325 10.07 -8.64 -2.44
CA GLN C 325 9.48 -9.90 -2.06
C GLN C 325 10.31 -11.11 -2.46
N TYR C 326 11.17 -10.97 -3.47
CA TYR C 326 11.96 -12.08 -4.00
C TYR C 326 13.43 -11.67 -4.04
N PRO C 327 14.11 -11.66 -2.89
CA PRO C 327 15.54 -11.29 -2.89
C PRO C 327 16.42 -12.36 -3.52
N SER C 328 16.45 -13.56 -2.93
CA SER C 328 17.31 -14.62 -3.45
C SER C 328 16.90 -15.05 -4.86
N GLU C 329 15.61 -14.93 -5.20
CA GLU C 329 15.20 -15.24 -6.56
C GLU C 329 15.72 -14.20 -7.55
N THR C 330 15.79 -12.92 -7.14
CA THR C 330 16.40 -11.91 -7.99
C THR C 330 17.90 -12.15 -8.15
N VAL C 331 18.57 -12.54 -7.06
CA VAL C 331 19.97 -12.94 -7.15
C VAL C 331 20.15 -14.04 -8.18
N ALA C 332 19.43 -15.16 -8.02
CA ALA C 332 19.61 -16.30 -8.91
C ALA C 332 19.29 -15.94 -10.36
N ALA C 333 18.22 -15.20 -10.58
CA ALA C 333 17.90 -14.76 -11.94
C ALA C 333 19.03 -13.94 -12.52
N MET C 334 19.63 -13.05 -11.70
CA MET C 334 20.67 -12.19 -12.24
C MET C 334 21.93 -12.99 -12.55
N ALA C 335 22.22 -14.01 -11.75
CA ALA C 335 23.34 -14.87 -12.07
C ALA C 335 23.14 -15.56 -13.41
N ARG C 336 21.93 -16.08 -13.65
CA ARG C 336 21.65 -16.67 -14.96
C ARG C 336 21.85 -15.67 -16.09
N VAL C 337 21.39 -14.43 -15.90
CA VAL C 337 21.57 -13.41 -16.94
C VAL C 337 23.06 -13.18 -17.19
N CYS C 338 23.85 -13.14 -16.13
CA CYS C 338 25.28 -12.95 -16.28
C CYS C 338 25.89 -14.07 -17.12
N LEU C 339 25.64 -15.33 -16.74
CA LEU C 339 26.19 -16.46 -17.48
C LEU C 339 25.80 -16.41 -18.95
N GLY C 340 24.53 -16.11 -19.23
CA GLY C 340 24.10 -15.96 -20.61
C GLY C 340 24.91 -14.92 -21.35
N ALA C 341 25.06 -13.73 -20.76
CA ALA C 341 25.83 -12.67 -21.41
C ALA C 341 27.30 -13.06 -21.58
N GLU C 342 27.83 -13.89 -20.68
CA GLU C 342 29.23 -14.24 -20.72
C GLU C 342 29.54 -15.32 -21.75
N LYS C 343 28.54 -16.08 -22.21
CA LYS C 343 28.76 -17.01 -23.32
C LYS C 343 29.27 -16.31 -24.58
N ILE C 344 28.87 -15.06 -24.78
CA ILE C 344 29.17 -14.30 -26.01
C ILE C 344 30.68 -14.12 -26.14
N PRO C 345 31.25 -14.18 -27.36
CA PRO C 345 32.71 -13.97 -27.50
C PRO C 345 33.16 -12.52 -27.38
N SER C 346 32.28 -11.61 -26.96
CA SER C 346 32.63 -10.20 -26.78
C SER C 346 33.52 -9.99 -25.55
N SER C 350 41.77 -11.42 -26.68
CA SER C 350 43.02 -10.78 -26.28
C SER C 350 44.24 -11.58 -26.74
N LYS C 351 45.26 -10.88 -27.26
CA LYS C 351 46.57 -11.49 -27.51
C LYS C 351 47.62 -10.93 -26.57
N HIS C 352 48.24 -9.79 -26.94
CA HIS C 352 49.00 -8.98 -25.99
C HIS C 352 49.08 -7.55 -26.53
N ARG C 353 49.61 -6.66 -25.70
CA ARG C 353 49.54 -5.21 -25.89
C ARG C 353 50.93 -4.60 -25.98
N LEU C 354 51.13 -3.72 -26.95
CA LEU C 354 52.44 -3.15 -27.25
C LEU C 354 52.54 -1.70 -26.78
N ASP C 355 53.76 -1.17 -26.84
CA ASP C 355 54.06 0.23 -26.55
C ASP C 355 53.52 0.66 -25.18
N VAL C 356 53.65 -0.22 -24.19
CA VAL C 356 53.41 0.13 -22.81
C VAL C 356 54.74 0.23 -22.07
N GLN C 357 54.67 0.70 -20.82
CA GLN C 357 55.78 0.64 -19.89
C GLN C 357 55.22 0.28 -18.52
N PHE C 358 55.74 -0.77 -17.91
CA PHE C 358 55.27 -1.16 -16.60
C PHE C 358 56.16 -0.52 -15.54
N ASP C 359 55.52 -0.02 -14.46
CA ASP C 359 56.24 0.75 -13.47
C ASP C 359 56.71 -0.06 -12.29
N ASN C 360 56.11 -1.24 -12.06
CA ASN C 360 56.40 -2.02 -10.86
C ASN C 360 56.32 -3.51 -11.20
N VAL C 361 57.17 -4.29 -10.54
CA VAL C 361 57.28 -5.71 -10.91
C VAL C 361 55.95 -6.44 -10.78
N GLU C 362 55.02 -5.95 -9.97
CA GLU C 362 53.71 -6.61 -9.85
C GLU C 362 52.94 -6.51 -11.16
N GLU C 363 52.83 -5.30 -11.70
CA GLU C 363 52.22 -5.10 -13.01
C GLU C 363 52.93 -5.90 -14.08
N ALA C 364 54.27 -5.92 -14.04
CA ALA C 364 55.04 -6.71 -15.00
C ALA C 364 54.64 -8.17 -14.92
N ILE C 365 54.59 -8.71 -13.71
CA ILE C 365 54.26 -10.12 -13.54
C ILE C 365 52.86 -10.40 -14.06
N ALA C 366 51.88 -9.59 -13.65
CA ALA C 366 50.52 -9.82 -14.10
C ALA C 366 50.41 -9.82 -15.62
N MET C 367 51.00 -8.80 -16.27
CA MET C 367 50.90 -8.69 -17.72
C MET C 367 51.66 -9.81 -18.45
N SER C 368 52.82 -10.21 -17.94
CA SER C 368 53.56 -11.27 -18.59
C SER C 368 52.90 -12.62 -18.36
N ALA C 369 52.25 -12.79 -17.20
CA ALA C 369 51.44 -13.97 -16.96
C ALA C 369 50.26 -14.04 -17.93
N MET C 370 49.61 -12.90 -18.17
CA MET C 370 48.46 -12.89 -19.08
C MET C 370 48.89 -13.05 -20.54
N TYR C 371 50.08 -12.55 -20.87
CA TYR C 371 50.70 -12.84 -22.15
C TYR C 371 50.82 -14.35 -22.36
N ALA C 372 51.41 -15.04 -21.38
CA ALA C 372 51.54 -16.49 -21.49
C ALA C 372 50.16 -17.14 -21.64
N ALA C 373 49.19 -16.68 -20.84
CA ALA C 373 47.87 -17.31 -20.81
C ALA C 373 47.15 -17.16 -22.14
N ASN C 374 47.30 -16.03 -22.80
CA ASN C 374 46.67 -15.91 -24.10
C ASN C 374 47.51 -16.52 -25.23
N HIS C 375 48.80 -16.79 -25.01
CA HIS C 375 49.63 -17.33 -26.08
C HIS C 375 49.85 -18.82 -26.00
N LEU C 376 49.77 -19.45 -24.82
CA LEU C 376 50.07 -20.86 -24.66
C LEU C 376 48.85 -21.73 -24.95
N LYS C 377 49.00 -22.72 -25.83
CA LYS C 377 47.89 -23.61 -26.15
C LYS C 377 47.45 -24.37 -24.92
N GLY C 378 46.14 -24.43 -24.71
CA GLY C 378 45.60 -25.31 -23.69
C GLY C 378 45.60 -24.80 -22.26
N VAL C 379 45.98 -23.56 -22.00
CA VAL C 379 45.89 -23.03 -20.64
C VAL C 379 44.43 -23.00 -20.22
N THR C 380 44.13 -23.46 -19.00
CA THR C 380 42.74 -23.47 -18.55
C THR C 380 42.42 -22.46 -17.46
N ALA C 381 43.41 -21.98 -16.71
CA ALA C 381 43.10 -21.05 -15.63
C ALA C 381 44.35 -20.30 -15.21
N ILE C 382 44.13 -19.10 -14.70
CA ILE C 382 45.19 -18.35 -14.03
C ILE C 382 44.96 -18.46 -12.54
N ILE C 383 46.03 -18.73 -11.80
CA ILE C 383 46.00 -18.77 -10.33
C ILE C 383 46.88 -17.64 -9.83
N THR C 384 46.30 -16.67 -9.14
CA THR C 384 47.07 -15.60 -8.51
C THR C 384 47.14 -15.89 -7.01
N MET C 385 48.27 -16.45 -6.58
CA MET C 385 48.61 -16.53 -5.15
C MET C 385 49.03 -15.12 -4.73
N THR C 386 48.10 -14.39 -4.14
CA THR C 386 48.30 -12.97 -3.88
C THR C 386 48.14 -12.68 -2.40
N GLU C 387 49.11 -11.96 -1.84
CA GLU C 387 49.00 -11.51 -0.46
C GLU C 387 47.91 -10.45 -0.33
N SER C 388 47.91 -9.44 -1.20
CA SER C 388 47.07 -8.26 -1.04
C SER C 388 45.85 -8.27 -1.93
N GLY C 389 45.86 -9.06 -3.01
CA GLY C 389 44.85 -8.98 -4.03
C GLY C 389 45.16 -8.04 -5.17
N ARG C 390 46.28 -7.31 -5.12
CA ARG C 390 46.65 -6.43 -6.23
C ARG C 390 46.78 -7.20 -7.55
N THR C 391 47.51 -8.32 -7.51
CA THR C 391 47.78 -9.05 -8.74
C THR C 391 46.48 -9.59 -9.35
N ALA C 392 45.52 -9.97 -8.49
CA ALA C 392 44.22 -10.44 -9.00
C ALA C 392 43.45 -9.31 -9.68
N LEU C 393 43.45 -8.11 -9.08
CA LEU C 393 42.84 -6.96 -9.74
C LEU C 393 43.45 -6.71 -11.10
N MET C 394 44.79 -6.76 -11.19
CA MET C 394 45.45 -6.41 -12.44
C MET C 394 45.20 -7.46 -13.51
N THR C 395 45.53 -8.74 -13.21
CA THR C 395 45.26 -9.81 -14.15
C THR C 395 43.82 -9.79 -14.62
N SER C 396 42.87 -9.52 -13.72
CA SER C 396 41.47 -9.50 -14.11
C SER C 396 41.07 -8.24 -14.86
N ARG C 397 41.93 -7.23 -14.97
CA ARG C 397 41.62 -6.17 -15.94
C ARG C 397 41.74 -6.63 -17.40
N ILE C 398 42.48 -7.70 -17.69
CA ILE C 398 42.76 -8.09 -19.08
C ILE C 398 41.76 -9.14 -19.53
N SER C 399 41.08 -8.85 -20.63
CA SER C 399 40.02 -9.74 -21.13
C SER C 399 40.58 -11.11 -21.46
N SER C 400 39.94 -12.13 -20.91
CA SER C 400 40.34 -13.50 -21.18
C SER C 400 39.14 -14.38 -20.95
N GLY C 401 39.09 -15.47 -21.68
CA GLY C 401 38.02 -16.36 -21.28
C GLY C 401 38.35 -17.17 -20.06
N LEU C 402 39.53 -16.99 -19.52
CA LEU C 402 40.05 -17.92 -18.53
C LEU C 402 39.58 -17.50 -17.14
N PRO C 403 39.31 -18.45 -16.27
CA PRO C 403 39.00 -18.10 -14.89
C PRO C 403 40.27 -17.88 -14.08
N ILE C 404 40.19 -16.93 -13.17
CA ILE C 404 41.27 -16.61 -12.26
C ILE C 404 40.86 -17.04 -10.86
N PHE C 405 41.81 -17.62 -10.13
CA PHE C 405 41.60 -18.04 -8.76
C PHE C 405 42.53 -17.22 -7.88
N ALA C 406 41.96 -16.38 -7.01
CA ALA C 406 42.76 -15.56 -6.09
C ALA C 406 42.92 -16.33 -4.79
N MET C 407 44.14 -16.82 -4.55
CA MET C 407 44.42 -17.69 -3.42
C MET C 407 45.19 -16.92 -2.36
N SER C 408 44.68 -16.96 -1.12
CA SER C 408 45.27 -16.13 -0.08
C SER C 408 44.92 -16.67 1.29
N ARG C 409 45.78 -16.35 2.27
CA ARG C 409 45.57 -16.71 3.67
C ARG C 409 44.65 -15.73 4.40
N HIS C 410 44.53 -14.49 3.88
CA HIS C 410 43.86 -13.41 4.58
C HIS C 410 42.39 -13.29 4.19
N GLU C 411 41.52 -13.40 5.19
CA GLU C 411 40.09 -13.22 4.94
C GLU C 411 39.79 -11.89 4.25
N ARG C 412 40.57 -10.85 4.56
CA ARG C 412 40.29 -9.53 3.99
C ARG C 412 40.64 -9.47 2.51
N THR C 413 41.69 -10.16 2.07
CA THR C 413 41.99 -10.11 0.66
C THR C 413 41.03 -10.99 -0.14
N LEU C 414 40.68 -12.16 0.37
CA LEU C 414 39.63 -12.92 -0.30
C LEU C 414 38.37 -12.07 -0.47
N ASN C 415 37.91 -11.43 0.61
CA ASN C 415 36.70 -10.62 0.54
C ASN C 415 36.83 -9.53 -0.50
N LEU C 416 37.87 -8.73 -0.36
CA LEU C 416 38.25 -7.73 -1.33
C LEU C 416 38.20 -8.22 -2.78
N THR C 417 38.84 -9.35 -3.10
CA THR C 417 38.83 -9.83 -4.48
C THR C 417 37.50 -10.44 -4.90
N ALA C 418 36.56 -10.65 -3.99
CA ALA C 418 35.26 -11.12 -4.43
C ALA C 418 34.56 -10.11 -5.34
N LEU C 419 35.00 -8.85 -5.37
CA LEU C 419 34.38 -7.89 -6.25
C LEU C 419 34.80 -8.11 -7.71
N TYR C 420 35.96 -8.70 -7.92
CA TYR C 420 36.63 -8.62 -9.20
C TYR C 420 35.98 -9.56 -10.20
N ARG C 421 35.61 -9.01 -11.36
CA ARG C 421 35.10 -9.81 -12.46
C ARG C 421 36.02 -10.98 -12.78
N GLY C 422 35.46 -12.19 -12.79
CA GLY C 422 36.18 -13.36 -13.21
C GLY C 422 37.08 -13.97 -12.18
N VAL C 423 37.15 -13.40 -11.01
CA VAL C 423 38.04 -13.89 -9.97
C VAL C 423 37.25 -14.76 -9.00
N THR C 424 37.87 -15.85 -8.59
CA THR C 424 37.32 -16.74 -7.58
C THR C 424 38.22 -16.66 -6.36
N PRO C 425 37.77 -16.10 -5.25
CA PRO C 425 38.57 -16.18 -4.01
C PRO C 425 38.57 -17.61 -3.48
N VAL C 426 39.75 -18.07 -3.05
CA VAL C 426 39.94 -19.39 -2.47
C VAL C 426 40.93 -19.27 -1.33
N HIS C 427 40.50 -19.62 -0.12
CA HIS C 427 41.40 -19.57 1.03
C HIS C 427 42.53 -20.59 0.88
N PHE C 428 43.75 -20.16 1.21
CA PHE C 428 44.92 -21.01 1.05
C PHE C 428 46.01 -20.57 2.02
N ASP C 429 46.61 -21.55 2.71
CA ASP C 429 47.57 -21.25 3.78
C ASP C 429 48.39 -22.52 4.04
N SER C 430 49.60 -22.58 3.49
CA SER C 430 50.26 -23.87 3.33
C SER C 430 51.27 -24.21 4.41
N ALA C 431 52.14 -23.27 4.80
CA ALA C 431 53.37 -23.47 5.58
C ALA C 431 54.53 -23.91 4.70
N ASN C 432 54.33 -24.10 3.39
CA ASN C 432 55.40 -24.30 2.43
C ASN C 432 55.56 -23.03 1.58
N ASP C 433 56.60 -23.02 0.75
CA ASP C 433 56.97 -21.91 -0.12
C ASP C 433 57.08 -22.42 -1.55
N GLY C 434 57.45 -21.52 -2.47
CA GLY C 434 57.88 -21.89 -3.80
C GLY C 434 56.93 -22.82 -4.53
N VAL C 435 57.53 -23.74 -5.31
CA VAL C 435 56.74 -24.70 -6.08
C VAL C 435 55.98 -25.63 -5.16
N ALA C 436 56.53 -25.93 -3.99
CA ALA C 436 55.81 -26.79 -3.06
C ALA C 436 54.44 -26.19 -2.78
N ALA C 437 54.40 -24.92 -2.38
CA ALA C 437 53.13 -24.26 -2.13
C ALA C 437 52.31 -24.12 -3.42
N ALA C 438 52.97 -23.84 -4.56
CA ALA C 438 52.23 -23.71 -5.81
C ALA C 438 51.54 -25.01 -6.20
N SER C 439 52.26 -26.14 -6.09
CA SER C 439 51.68 -27.46 -6.35
C SER C 439 50.55 -27.76 -5.39
N GLU C 440 50.74 -27.48 -4.09
CA GLU C 440 49.64 -27.66 -3.16
C GLU C 440 48.42 -26.86 -3.60
N ALA C 441 48.62 -25.65 -4.10
CA ALA C 441 47.48 -24.83 -4.47
C ALA C 441 46.77 -25.34 -5.73
N VAL C 442 47.53 -25.76 -6.75
CA VAL C 442 46.84 -26.28 -7.92
C VAL C 442 46.14 -27.57 -7.55
N ASN C 443 46.77 -28.38 -6.69
CA ASN C 443 46.13 -29.61 -6.25
C ASN C 443 44.83 -29.33 -5.53
N LEU C 444 44.82 -28.33 -4.62
CA LEU C 444 43.59 -27.96 -3.94
C LEU C 444 42.51 -27.56 -4.93
N LEU C 445 42.89 -26.80 -5.94
CA LEU C 445 41.91 -26.44 -6.96
C LEU C 445 41.36 -27.67 -7.67
N ARG C 446 42.19 -28.70 -7.83
CA ARG C 446 41.69 -29.92 -8.44
C ARG C 446 40.75 -30.66 -7.50
N ASP C 447 41.14 -30.84 -6.24
CA ASP C 447 40.27 -31.45 -5.25
C ASP C 447 38.89 -30.79 -5.22
N LYS C 448 38.82 -29.49 -5.53
CA LYS C 448 37.55 -28.76 -5.54
C LYS C 448 36.84 -28.83 -6.88
N GLY C 449 37.40 -29.55 -7.85
CA GLY C 449 36.77 -29.69 -9.15
C GLY C 449 36.97 -28.54 -10.12
N TYR C 450 37.78 -27.55 -9.79
CA TYR C 450 38.01 -26.47 -10.74
C TYR C 450 38.99 -26.87 -11.86
N LEU C 451 39.92 -27.78 -11.61
CA LEU C 451 40.90 -28.20 -12.59
C LEU C 451 40.87 -29.71 -12.78
N MET C 452 41.30 -30.16 -13.95
CA MET C 452 41.40 -31.56 -14.31
C MET C 452 42.86 -31.94 -14.59
N SER C 453 43.14 -33.24 -14.45
CA SER C 453 44.45 -33.79 -14.77
C SER C 453 44.87 -33.41 -16.18
N GLY C 454 46.12 -32.93 -16.30
CA GLY C 454 46.65 -32.45 -17.55
C GLY C 454 46.33 -31.01 -17.90
N ASP C 455 45.52 -30.31 -17.11
CA ASP C 455 45.30 -28.90 -17.38
C ASP C 455 46.61 -28.11 -17.22
N LEU C 456 46.82 -27.16 -18.12
CA LEU C 456 47.84 -26.14 -17.95
C LEU C 456 47.27 -24.97 -17.14
N VAL C 457 48.00 -24.57 -16.09
CA VAL C 457 47.64 -23.40 -15.32
C VAL C 457 48.81 -22.42 -15.31
N ILE C 458 48.48 -21.12 -15.40
CA ILE C 458 49.42 -20.05 -15.07
C ILE C 458 49.28 -19.72 -13.59
N VAL C 459 50.41 -19.68 -12.88
CA VAL C 459 50.42 -19.39 -11.46
C VAL C 459 51.33 -18.18 -11.24
N THR C 460 50.79 -17.10 -10.64
CA THR C 460 51.63 -16.00 -10.17
C THR C 460 51.73 -16.06 -8.64
N GLN C 461 52.86 -15.62 -8.08
CA GLN C 461 53.07 -16.00 -6.68
C GLN C 461 53.80 -15.01 -5.76
N GLY C 462 55.03 -14.67 -6.05
CA GLY C 462 55.77 -14.10 -4.95
C GLY C 462 56.55 -15.14 -4.19
N ASP C 463 57.82 -15.32 -4.56
CA ASP C 463 58.71 -16.32 -3.99
C ASP C 463 60.03 -15.60 -3.80
N VAL C 464 60.46 -15.44 -2.55
CA VAL C 464 61.66 -14.68 -2.28
C VAL C 464 62.27 -15.24 -1.00
N MET C 465 63.58 -15.02 -0.85
CA MET C 465 64.25 -15.47 0.36
C MET C 465 63.95 -14.58 1.57
N SER C 466 63.75 -13.28 1.35
CA SER C 466 63.63 -12.31 2.45
C SER C 466 62.18 -12.21 2.90
N THR C 467 61.87 -12.82 4.04
CA THR C 467 60.54 -12.79 4.65
C THR C 467 59.53 -13.29 3.61
N VAL C 468 58.33 -12.72 3.62
CA VAL C 468 57.39 -12.80 2.53
C VAL C 468 57.33 -11.43 1.89
N GLY C 469 57.15 -11.40 0.58
CA GLY C 469 57.00 -10.14 -0.11
C GLY C 469 55.88 -10.16 -1.12
N SER C 470 55.89 -9.21 -2.04
CA SER C 470 54.86 -9.11 -3.07
C SER C 470 55.13 -10.11 -4.19
N THR C 471 54.20 -10.17 -5.12
CA THR C 471 54.31 -11.10 -6.23
C THR C 471 55.46 -10.74 -7.18
N ASN C 472 56.27 -11.76 -7.52
CA ASN C 472 57.44 -11.56 -8.36
C ASN C 472 57.78 -12.84 -9.14
N THR C 473 56.77 -13.60 -9.56
CA THR C 473 57.04 -14.94 -10.09
C THR C 473 55.86 -15.40 -10.94
N THR C 474 56.16 -15.99 -12.10
CA THR C 474 55.19 -16.76 -12.85
C THR C 474 55.71 -18.17 -13.00
N ARG C 475 54.80 -19.12 -12.89
CA ARG C 475 55.05 -20.54 -13.03
C ARG C 475 54.03 -21.04 -14.03
N ILE C 476 54.44 -21.97 -14.88
CA ILE C 476 53.53 -22.59 -15.83
C ILE C 476 53.52 -24.07 -15.48
N LEU C 477 52.41 -24.54 -14.91
CA LEU C 477 52.35 -25.85 -14.30
C LEU C 477 51.27 -26.72 -14.94
N THR C 478 51.38 -28.00 -14.70
CA THR C 478 50.44 -28.98 -15.19
C THR C 478 49.82 -29.69 -14.01
N VAL C 479 48.50 -29.79 -14.00
CA VAL C 479 47.82 -30.54 -12.96
C VAL C 479 48.22 -32.00 -13.07
N GLU C 480 48.98 -32.48 -12.09
CA GLU C 480 49.42 -33.86 -12.11
C GLU C 480 48.24 -34.80 -11.82
N ALA C 481 48.43 -36.06 -12.16
CA ALA C 481 47.40 -37.06 -11.92
C ALA C 481 47.27 -37.35 -10.43
N LEU C 482 46.09 -37.83 -10.03
CA LEU C 482 45.88 -38.26 -8.66
C LEU C 482 46.95 -39.28 -8.27
N GLY C 483 47.69 -39.00 -7.19
CA GLY C 483 48.74 -39.87 -6.71
C GLY C 483 49.97 -39.97 -7.61
N SER D 2 24.95 24.07 -41.22
CA SER D 2 25.05 24.61 -39.87
C SER D 2 24.12 23.88 -38.89
N ARG D 3 24.74 23.17 -37.95
CA ARG D 3 24.12 22.40 -36.86
C ARG D 3 23.73 20.99 -37.30
N ARG D 4 23.75 20.09 -36.33
CA ARG D 4 23.91 18.67 -36.55
C ARG D 4 22.61 18.01 -36.99
N LEU D 5 22.66 17.23 -38.07
CA LEU D 5 21.53 16.43 -38.52
C LEU D 5 21.55 15.03 -37.91
N ARG D 6 20.36 14.48 -37.72
CA ARG D 6 20.25 13.13 -37.18
C ARG D 6 20.83 12.13 -38.18
N ARG D 7 21.66 11.22 -37.68
CA ARG D 7 22.24 10.18 -38.52
C ARG D 7 21.31 8.96 -38.63
N THR D 8 20.80 8.48 -37.50
CA THR D 8 20.00 7.27 -37.45
C THR D 8 18.60 7.48 -38.01
N LYS D 9 18.21 6.62 -38.94
CA LYS D 9 16.92 6.75 -39.59
C LYS D 9 15.81 6.08 -38.76
N ILE D 10 14.58 6.58 -38.93
CA ILE D 10 13.42 6.11 -38.20
C ILE D 10 12.45 5.44 -39.16
N VAL D 11 12.12 4.18 -38.90
CA VAL D 11 11.10 3.43 -39.61
C VAL D 11 9.81 3.43 -38.79
N THR D 12 8.69 3.79 -39.43
CA THR D 12 7.37 3.80 -38.81
C THR D 12 6.44 2.82 -39.53
N THR D 13 5.82 1.92 -38.76
CA THR D 13 4.75 1.07 -39.26
C THR D 13 3.45 1.87 -39.38
N LEU D 14 2.75 1.73 -40.50
CA LEU D 14 1.47 2.41 -40.64
C LEU D 14 0.32 1.54 -40.09
N GLY D 15 -0.80 2.20 -39.77
CA GLY D 15 -1.92 1.56 -39.12
C GLY D 15 -3.09 2.50 -38.85
N PRO D 16 -4.02 2.09 -37.98
CA PRO D 16 -5.18 2.97 -37.69
C PRO D 16 -4.78 4.34 -37.16
N ALA D 17 -3.86 4.39 -36.19
CA ALA D 17 -3.43 5.67 -35.64
C ALA D 17 -2.77 6.56 -36.68
N THR D 18 -2.51 6.04 -37.88
CA THR D 18 -1.93 6.74 -39.02
C THR D 18 -3.00 7.35 -39.91
N ASP D 19 -4.01 6.55 -40.28
CA ASP D 19 -5.08 7.03 -41.16
C ASP D 19 -5.88 8.14 -40.50
N ARG D 20 -6.06 8.06 -39.19
CA ARG D 20 -6.84 9.02 -38.43
C ARG D 20 -6.28 10.43 -38.62
N ASP D 21 -7.19 11.39 -38.80
CA ASP D 21 -6.86 12.80 -39.01
C ASP D 21 -5.73 12.96 -40.03
N ASN D 22 -4.80 13.86 -39.73
CA ASN D 22 -3.60 14.05 -40.54
C ASN D 22 -2.39 13.56 -39.75
N ASN D 23 -2.46 12.34 -39.24
CA ASN D 23 -1.36 11.83 -38.45
C ASN D 23 -0.24 11.26 -39.32
N LEU D 24 -0.58 10.75 -40.52
CA LEU D 24 0.46 10.30 -41.44
C LEU D 24 1.45 11.42 -41.75
N GLU D 25 0.93 12.57 -42.19
CA GLU D 25 1.79 13.73 -42.43
C GLU D 25 2.52 14.17 -41.16
N LYS D 26 1.89 14.03 -40.00
CA LYS D 26 2.55 14.49 -38.78
C LYS D 26 3.76 13.62 -38.46
N VAL D 27 3.65 12.30 -38.66
CA VAL D 27 4.80 11.47 -38.37
C VAL D 27 5.86 11.59 -39.47
N ILE D 28 5.46 11.89 -40.70
CA ILE D 28 6.50 12.13 -41.71
C ILE D 28 7.25 13.43 -41.38
N ALA D 29 6.51 14.49 -41.07
CA ALA D 29 7.13 15.75 -40.67
C ALA D 29 8.05 15.58 -39.46
N ALA D 30 7.63 14.81 -38.47
CA ALA D 30 8.47 14.67 -37.29
C ALA D 30 9.77 13.90 -37.57
N GLY D 31 10.04 13.54 -38.82
CA GLY D 31 11.31 12.94 -39.20
C GLY D 31 11.30 11.48 -39.57
N ALA D 32 10.14 10.85 -39.75
CA ALA D 32 10.13 9.49 -40.25
C ALA D 32 10.80 9.45 -41.61
N ASN D 33 11.62 8.43 -41.81
CA ASN D 33 12.38 8.28 -43.04
C ASN D 33 11.92 7.10 -43.87
N VAL D 34 11.31 6.11 -43.22
CA VAL D 34 10.80 4.89 -43.84
C VAL D 34 9.44 4.56 -43.24
N VAL D 35 8.48 4.22 -44.09
CA VAL D 35 7.18 3.73 -43.61
C VAL D 35 7.11 2.23 -43.82
N ARG D 36 6.58 1.52 -42.83
CA ARG D 36 6.46 0.07 -42.90
C ARG D 36 5.02 -0.36 -43.16
N MET D 37 4.85 -1.27 -44.14
CA MET D 37 3.58 -1.93 -44.46
C MET D 37 3.60 -3.33 -43.86
N ASN D 38 2.94 -3.51 -42.69
CA ASN D 38 2.85 -4.84 -42.10
C ASN D 38 1.72 -5.60 -42.78
N PHE D 39 2.09 -6.62 -43.55
CA PHE D 39 1.12 -7.34 -44.36
C PHE D 39 0.25 -8.29 -43.55
N SER D 40 0.65 -8.60 -42.31
CA SER D 40 -0.19 -9.37 -41.40
C SER D 40 -1.58 -8.76 -41.25
N HIS D 41 -1.66 -7.44 -41.21
CA HIS D 41 -2.92 -6.74 -41.02
C HIS D 41 -3.27 -5.92 -42.27
N GLY D 42 -4.53 -5.49 -42.35
CA GLY D 42 -5.06 -4.81 -43.52
C GLY D 42 -5.10 -5.65 -44.79
N SER D 43 -5.93 -5.23 -45.76
CA SER D 43 -6.10 -5.87 -47.05
C SER D 43 -5.58 -4.96 -48.16
N PRO D 44 -5.14 -5.54 -49.33
CA PRO D 44 -4.41 -4.77 -50.34
C PRO D 44 -4.88 -3.33 -50.59
N GLU D 45 -6.18 -3.10 -50.42
CA GLU D 45 -6.72 -1.74 -50.55
C GLU D 45 -6.16 -0.82 -49.48
N ASP D 46 -6.11 -1.29 -48.22
CA ASP D 46 -5.53 -0.51 -47.12
C ASP D 46 -4.10 -0.08 -47.45
N HIS D 47 -3.28 -1.04 -47.85
CA HIS D 47 -1.88 -0.77 -48.12
C HIS D 47 -1.72 0.18 -49.30
N LYS D 48 -2.49 -0.03 -50.38
CA LYS D 48 -2.34 0.83 -51.55
C LYS D 48 -2.76 2.27 -51.23
N MET D 49 -3.85 2.45 -50.48
CA MET D 49 -4.26 3.79 -50.09
C MET D 49 -3.20 4.47 -49.23
N ARG D 50 -2.73 3.75 -48.20
CA ARG D 50 -1.65 4.25 -47.35
C ARG D 50 -0.43 4.66 -48.17
N ALA D 51 -0.02 3.82 -49.13
CA ALA D 51 1.20 4.09 -49.90
C ALA D 51 1.04 5.34 -50.76
N ASP D 52 -0.13 5.51 -51.37
CA ASP D 52 -0.28 6.69 -52.21
C ASP D 52 -0.37 7.96 -51.37
N LYS D 53 -1.00 7.90 -50.19
CA LYS D 53 -0.97 9.02 -49.27
C LYS D 53 0.47 9.37 -48.88
N VAL D 54 1.30 8.34 -48.64
CA VAL D 54 2.70 8.59 -48.31
C VAL D 54 3.39 9.33 -49.46
N ARG D 55 3.27 8.80 -50.68
CA ARG D 55 3.92 9.43 -51.83
C ARG D 55 3.49 10.88 -51.97
N GLU D 56 2.20 11.13 -51.75
CA GLU D 56 1.65 12.45 -51.97
C GLU D 56 2.10 13.43 -50.89
N ILE D 57 2.15 12.99 -49.63
CA ILE D 57 2.70 13.82 -48.56
C ILE D 57 4.20 14.04 -48.76
N ALA D 58 4.91 13.06 -49.31
CA ALA D 58 6.33 13.24 -49.62
C ALA D 58 6.53 14.33 -50.67
N ALA D 59 5.82 14.23 -51.80
CA ALA D 59 5.91 15.28 -52.81
C ALA D 59 5.50 16.64 -52.23
N LYS D 60 4.50 16.65 -51.34
CA LYS D 60 4.06 17.91 -50.74
C LYS D 60 5.17 18.53 -49.90
N LEU D 61 5.70 17.77 -48.95
CA LEU D 61 6.73 18.25 -48.05
C LEU D 61 8.11 18.30 -48.67
N GLY D 62 8.25 17.91 -49.94
CA GLY D 62 9.57 17.82 -50.56
C GLY D 62 10.53 16.88 -49.85
N ARG D 63 10.02 15.78 -49.29
CA ARG D 63 10.80 14.85 -48.50
C ARG D 63 10.92 13.51 -49.23
N HIS D 64 11.92 12.73 -48.84
CA HIS D 64 12.19 11.46 -49.48
C HIS D 64 12.01 10.35 -48.46
N VAL D 65 10.91 9.60 -48.62
CA VAL D 65 10.43 8.63 -47.66
C VAL D 65 10.36 7.28 -48.36
N ALA D 66 10.96 6.27 -47.76
CA ALA D 66 10.95 4.93 -48.36
C ALA D 66 9.79 4.10 -47.81
N ILE D 67 9.20 3.27 -48.66
CA ILE D 67 8.14 2.36 -48.27
C ILE D 67 8.71 0.95 -48.13
N LEU D 68 8.61 0.39 -46.92
CA LEU D 68 8.97 -1.01 -46.68
C LEU D 68 7.71 -1.86 -46.57
N GLY D 69 7.79 -3.06 -47.14
CA GLY D 69 6.72 -4.03 -47.03
C GLY D 69 7.15 -5.27 -46.27
N ASP D 70 6.57 -5.48 -45.10
CA ASP D 70 7.01 -6.53 -44.20
C ASP D 70 6.08 -7.74 -44.34
N LEU D 71 6.59 -8.81 -44.93
CA LEU D 71 5.81 -10.03 -45.11
C LEU D 71 5.49 -10.66 -43.76
N GLN D 72 4.37 -11.39 -43.71
CA GLN D 72 3.96 -11.96 -42.43
C GLN D 72 4.74 -13.24 -42.12
N GLY D 73 5.01 -14.06 -43.14
CA GLY D 73 5.73 -15.29 -42.94
C GLY D 73 4.87 -16.36 -42.29
N PRO D 74 5.44 -17.57 -42.16
CA PRO D 74 4.68 -18.68 -41.57
C PRO D 74 4.25 -18.35 -40.15
N LYS D 75 3.00 -18.61 -39.85
CA LYS D 75 2.41 -18.30 -38.55
C LYS D 75 2.32 -19.59 -37.76
N ILE D 76 3.26 -19.81 -36.84
CA ILE D 76 3.20 -21.01 -36.00
C ILE D 76 2.61 -20.67 -34.64
N ARG D 77 1.27 -20.74 -34.51
CA ARG D 77 0.61 -20.38 -33.26
C ARG D 77 -0.22 -21.51 -32.67
N VAL D 78 -0.86 -21.19 -31.56
CA VAL D 78 -1.64 -22.19 -30.89
C VAL D 78 -3.08 -22.06 -31.33
N ILE D 162 3.95 -20.27 -30.84
CA ILE D 162 4.82 -21.21 -30.16
C ILE D 162 6.21 -21.28 -30.82
N ASN D 163 7.24 -21.49 -30.00
CA ASN D 163 8.63 -21.50 -30.44
C ASN D 163 9.33 -22.75 -29.92
N LYS D 164 10.26 -23.29 -30.71
CA LYS D 164 11.12 -24.37 -30.25
C LYS D 164 12.47 -23.80 -29.82
N LEU D 165 12.93 -24.20 -28.63
CA LEU D 165 14.27 -23.85 -28.19
C LEU D 165 15.32 -24.54 -29.06
N GLY D 166 16.44 -23.86 -29.28
CA GLY D 166 17.35 -24.18 -30.36
C GLY D 166 16.72 -23.83 -31.70
N GLY D 167 17.44 -24.13 -32.78
CA GLY D 167 16.82 -23.99 -34.09
C GLY D 167 15.74 -25.02 -34.34
N GLY D 168 15.60 -25.50 -35.57
CA GLY D 168 14.80 -26.69 -35.76
C GLY D 168 13.69 -26.67 -36.78
N LEU D 169 12.58 -25.99 -36.46
CA LEU D 169 11.34 -26.14 -37.21
C LEU D 169 11.56 -25.96 -38.70
N SER D 170 10.83 -26.76 -39.50
CA SER D 170 11.08 -26.85 -40.93
C SER D 170 10.06 -26.09 -41.78
N ALA D 171 9.17 -25.30 -41.13
CA ALA D 171 8.22 -24.46 -41.86
C ALA D 171 8.93 -23.65 -42.93
N GLU D 172 8.29 -23.49 -44.08
CA GLU D 172 8.97 -22.79 -45.16
C GLU D 172 8.82 -21.27 -45.01
N ALA D 173 9.76 -20.55 -45.63
CA ALA D 173 9.84 -19.10 -45.47
C ALA D 173 8.64 -18.38 -46.09
N LEU D 174 8.43 -18.58 -47.39
CA LEU D 174 7.41 -17.85 -48.14
C LEU D 174 6.11 -18.65 -48.20
N THR D 175 5.07 -18.12 -47.57
CA THR D 175 3.75 -18.70 -47.59
C THR D 175 3.00 -18.29 -48.87
N GLU D 176 1.84 -18.90 -49.11
CA GLU D 176 1.02 -18.46 -50.23
C GLU D 176 0.54 -17.04 -50.02
N LYS D 177 0.09 -16.72 -48.79
CA LYS D 177 -0.23 -15.35 -48.41
C LYS D 177 0.93 -14.41 -48.70
N ASP D 178 2.16 -14.89 -48.48
CA ASP D 178 3.32 -14.06 -48.77
C ASP D 178 3.50 -13.85 -50.26
N LYS D 179 3.22 -14.88 -51.09
CA LYS D 179 3.28 -14.67 -52.53
C LYS D 179 2.25 -13.63 -52.98
N ALA D 180 1.04 -13.69 -52.42
CA ALA D 180 0.02 -12.69 -52.73
C ALA D 180 0.46 -11.29 -52.31
N ASP D 181 1.09 -11.18 -51.14
CA ASP D 181 1.51 -9.88 -50.68
C ASP D 181 2.75 -9.37 -51.42
N ILE D 182 3.57 -10.25 -52.00
CA ILE D 182 4.63 -9.80 -52.90
C ILE D 182 4.02 -9.24 -54.18
N LYS D 183 2.95 -9.85 -54.67
CA LYS D 183 2.24 -9.26 -55.80
C LYS D 183 1.74 -7.86 -55.44
N THR D 184 1.03 -7.73 -54.32
CA THR D 184 0.50 -6.43 -53.93
C THR D 184 1.61 -5.40 -53.70
N ALA D 185 2.77 -5.86 -53.21
CA ALA D 185 3.90 -4.99 -52.91
C ALA D 185 4.63 -4.53 -54.18
N ALA D 186 4.70 -5.39 -55.19
CA ALA D 186 5.18 -4.94 -56.50
C ALA D 186 4.23 -3.92 -57.10
N LEU D 187 2.93 -4.09 -56.85
CA LEU D 187 1.94 -3.15 -57.39
C LEU D 187 1.99 -1.80 -56.68
N ILE D 188 2.23 -1.81 -55.37
CA ILE D 188 2.38 -0.58 -54.60
C ILE D 188 3.72 0.11 -54.87
N GLY D 189 4.71 -0.63 -55.36
CA GLY D 189 6.00 -0.03 -55.63
C GLY D 189 6.75 0.26 -54.36
N VAL D 190 6.88 -0.74 -53.49
CA VAL D 190 7.71 -0.59 -52.31
C VAL D 190 9.17 -0.48 -52.74
N ASP D 191 9.97 0.21 -51.92
CA ASP D 191 11.41 0.31 -52.14
C ASP D 191 12.16 -0.84 -51.51
N TYR D 192 11.66 -1.32 -50.36
CA TYR D 192 12.28 -2.39 -49.60
C TYR D 192 11.27 -3.48 -49.30
N LEU D 193 11.72 -4.74 -49.33
CA LEU D 193 10.87 -5.92 -49.12
C LEU D 193 11.46 -6.86 -48.06
N ALA D 194 10.78 -6.99 -46.92
CA ALA D 194 11.23 -7.79 -45.79
C ALA D 194 10.57 -9.16 -45.79
N VAL D 195 11.38 -10.22 -45.80
CA VAL D 195 10.85 -11.58 -45.73
C VAL D 195 11.00 -12.07 -44.28
N SER D 196 9.94 -12.69 -43.77
CA SER D 196 10.02 -13.28 -42.46
C SER D 196 10.55 -14.71 -42.57
N PHE D 197 11.13 -15.18 -41.48
CA PHE D 197 11.48 -16.58 -41.29
C PHE D 197 12.37 -17.20 -42.37
N PRO D 198 13.42 -16.54 -42.86
CA PRO D 198 14.28 -17.21 -43.84
C PRO D 198 15.20 -18.22 -43.18
N ARG D 199 15.40 -19.36 -43.86
CA ARG D 199 16.29 -20.41 -43.37
C ARG D 199 17.73 -20.20 -43.85
N CYS D 200 17.89 -19.85 -45.13
CA CYS D 200 19.19 -19.59 -45.71
C CYS D 200 19.01 -18.51 -46.78
N GLY D 201 20.12 -18.14 -47.42
CA GLY D 201 20.09 -17.03 -48.34
C GLY D 201 19.29 -17.26 -49.62
N GLU D 202 19.14 -18.53 -50.02
CA GLU D 202 18.43 -18.76 -51.27
C GLU D 202 16.91 -18.63 -51.11
N ASP D 203 16.41 -18.63 -49.88
CA ASP D 203 15.03 -18.19 -49.68
C ASP D 203 14.89 -16.70 -49.99
N LEU D 204 15.89 -15.90 -49.58
CA LEU D 204 15.94 -14.50 -49.99
C LEU D 204 16.02 -14.37 -51.50
N ASN D 205 16.82 -15.24 -52.14
CA ASN D 205 16.92 -15.25 -53.60
C ASN D 205 15.59 -15.59 -54.27
N TYR D 206 14.85 -16.54 -53.70
CA TYR D 206 13.53 -16.88 -54.22
C TYR D 206 12.58 -15.70 -54.11
N ALA D 207 12.56 -15.03 -52.95
CA ALA D 207 11.73 -13.82 -52.82
C ALA D 207 12.16 -12.75 -53.80
N ARG D 208 13.47 -12.64 -54.05
CA ARG D 208 13.97 -11.73 -55.07
C ARG D 208 13.36 -12.04 -56.43
N ARG D 209 13.49 -13.31 -56.86
CA ARG D 209 12.90 -13.73 -58.13
C ARG D 209 11.42 -13.42 -58.22
N LEU D 210 10.68 -13.70 -57.14
CA LEU D 210 9.24 -13.48 -57.14
C LEU D 210 8.91 -12.01 -57.32
N ALA D 211 9.66 -11.13 -56.64
CA ALA D 211 9.43 -9.68 -56.79
C ALA D 211 9.85 -9.19 -58.18
N ARG D 212 10.95 -9.71 -58.73
CA ARG D 212 11.32 -9.35 -60.10
C ARG D 212 10.19 -9.67 -61.07
N ASP D 213 9.74 -10.94 -61.08
CA ASP D 213 8.78 -11.34 -62.11
C ASP D 213 7.43 -10.64 -61.95
N ALA D 214 7.15 -10.06 -60.79
CA ALA D 214 6.02 -9.14 -60.66
C ALA D 214 6.39 -7.69 -61.01
N GLY D 215 7.62 -7.45 -61.47
CA GLY D 215 8.02 -6.14 -61.95
C GLY D 215 8.52 -5.18 -60.90
N CYS D 216 9.07 -5.67 -59.79
CA CYS D 216 9.49 -4.82 -58.67
C CYS D 216 10.92 -5.15 -58.29
N ASP D 217 11.87 -4.30 -58.67
CA ASP D 217 13.28 -4.56 -58.37
C ASP D 217 13.69 -4.06 -56.98
N ALA D 218 12.78 -4.12 -56.01
CA ALA D 218 13.06 -3.61 -54.66
C ALA D 218 14.24 -4.35 -54.03
N LYS D 219 14.82 -3.73 -53.00
CA LYS D 219 15.91 -4.34 -52.25
C LYS D 219 15.32 -5.15 -51.11
N ILE D 220 16.09 -6.15 -50.64
CA ILE D 220 15.53 -7.20 -49.79
C ILE D 220 16.10 -7.13 -48.39
N VAL D 221 15.21 -6.99 -47.43
CA VAL D 221 15.52 -7.02 -46.02
C VAL D 221 15.33 -8.44 -45.51
N ALA D 222 16.40 -9.03 -44.96
CA ALA D 222 16.33 -10.36 -44.35
C ALA D 222 16.10 -10.21 -42.85
N LYS D 223 14.88 -10.49 -42.40
CA LYS D 223 14.62 -10.65 -40.97
C LYS D 223 15.41 -11.85 -40.46
N VAL D 224 16.37 -11.59 -39.58
CA VAL D 224 17.17 -12.64 -38.96
C VAL D 224 16.45 -12.98 -37.64
N GLU D 225 15.61 -14.04 -37.68
CA GLU D 225 14.74 -14.35 -36.54
C GLU D 225 14.81 -15.80 -36.09
N ARG D 226 15.78 -16.58 -36.57
CA ARG D 226 15.84 -17.99 -36.23
C ARG D 226 17.29 -18.40 -35.99
N ALA D 227 17.48 -19.27 -34.99
CA ALA D 227 18.83 -19.66 -34.56
C ALA D 227 19.71 -20.10 -35.72
N GLU D 228 19.12 -20.67 -36.77
CA GLU D 228 19.95 -21.17 -37.86
C GLU D 228 20.64 -20.04 -38.62
N ALA D 229 20.14 -18.80 -38.47
CA ALA D 229 20.77 -17.63 -39.06
C ALA D 229 22.09 -17.27 -38.40
N VAL D 230 22.27 -17.60 -37.13
CA VAL D 230 23.36 -17.06 -36.33
C VAL D 230 24.04 -18.18 -35.55
N CYS D 231 23.79 -19.43 -35.94
CA CYS D 231 24.49 -20.55 -35.30
C CYS D 231 25.96 -20.56 -35.66
N SER D 232 26.36 -19.88 -36.72
CA SER D 232 27.77 -19.77 -37.08
C SER D 232 27.91 -18.58 -38.01
N GLN D 233 29.16 -18.10 -38.14
CA GLN D 233 29.41 -16.95 -39.00
C GLN D 233 29.22 -17.28 -40.48
N ASP D 234 29.40 -18.53 -40.88
CA ASP D 234 29.15 -18.89 -42.27
C ASP D 234 27.66 -18.83 -42.60
N ALA D 235 26.79 -19.18 -41.63
CA ALA D 235 25.35 -19.04 -41.83
C ALA D 235 24.94 -17.57 -41.83
N MET D 236 25.51 -16.80 -40.91
CA MET D 236 25.29 -15.36 -40.89
C MET D 236 25.67 -14.72 -42.22
N ASP D 237 26.81 -15.12 -42.79
CA ASP D 237 27.25 -14.59 -44.07
C ASP D 237 26.34 -15.06 -45.20
N ASP D 238 25.92 -16.32 -45.17
CA ASP D 238 25.04 -16.84 -46.21
C ASP D 238 23.77 -16.01 -46.29
N ILE D 239 23.23 -15.62 -45.15
CA ILE D 239 22.04 -14.78 -45.15
C ILE D 239 22.37 -13.35 -45.59
N ILE D 240 23.43 -12.76 -45.01
CA ILE D 240 23.75 -11.37 -45.31
C ILE D 240 23.98 -11.19 -46.81
N LEU D 241 24.84 -12.03 -47.41
CA LEU D 241 25.24 -11.79 -48.79
C LEU D 241 24.08 -11.94 -49.75
N ALA D 242 23.05 -12.69 -49.38
CA ALA D 242 21.86 -12.71 -50.22
C ALA D 242 20.98 -11.50 -49.99
N SER D 243 21.21 -10.75 -48.92
CA SER D 243 20.39 -9.59 -48.58
C SER D 243 21.08 -8.30 -49.00
N ASP D 244 20.27 -7.25 -49.08
CA ASP D 244 20.77 -5.90 -49.13
C ASP D 244 20.64 -5.19 -47.80
N VAL D 245 19.66 -5.61 -46.99
CA VAL D 245 19.44 -5.10 -45.64
C VAL D 245 19.22 -6.29 -44.74
N VAL D 246 19.61 -6.15 -43.48
CA VAL D 246 19.47 -7.20 -42.47
C VAL D 246 18.63 -6.64 -41.33
N MET D 247 17.49 -7.25 -41.08
CA MET D 247 16.57 -6.79 -40.05
C MET D 247 16.72 -7.68 -38.83
N VAL D 248 17.06 -7.10 -37.69
CA VAL D 248 17.34 -7.86 -36.49
C VAL D 248 16.23 -7.63 -35.50
N ALA D 249 15.72 -8.72 -34.94
CA ALA D 249 14.44 -8.78 -34.27
C ALA D 249 14.65 -9.17 -32.81
N ARG D 250 14.19 -8.32 -31.90
CA ARG D 250 14.23 -8.63 -30.47
C ARG D 250 13.40 -9.86 -30.13
N GLY D 251 12.37 -10.16 -30.90
CA GLY D 251 11.31 -11.08 -30.51
C GLY D 251 11.61 -12.58 -30.55
N ASP D 252 11.64 -13.17 -31.75
CA ASP D 252 11.71 -14.62 -31.88
C ASP D 252 13.13 -15.14 -31.63
N LEU D 253 14.12 -14.44 -32.17
CA LEU D 253 15.51 -14.86 -32.01
C LEU D 253 15.87 -14.95 -30.54
N GLY D 254 15.39 -14.01 -29.73
CA GLY D 254 15.67 -14.05 -28.31
C GLY D 254 15.08 -15.26 -27.63
N VAL D 255 13.95 -15.77 -28.12
CA VAL D 255 13.34 -16.93 -27.49
C VAL D 255 14.08 -18.20 -27.90
N GLU D 256 14.52 -18.28 -29.16
CA GLU D 256 15.15 -19.52 -29.62
C GLU D 256 16.54 -19.72 -29.01
N ILE D 257 17.46 -18.77 -29.22
CA ILE D 257 18.74 -18.78 -28.51
C ILE D 257 18.49 -18.05 -27.20
N GLY D 258 19.52 -17.85 -26.38
CA GLY D 258 19.31 -17.15 -25.14
C GLY D 258 18.86 -15.71 -25.36
N ASP D 259 18.02 -15.21 -24.46
CA ASP D 259 17.77 -13.78 -24.43
C ASP D 259 19.02 -12.97 -24.09
N PRO D 260 19.86 -13.37 -23.12
CA PRO D 260 21.17 -12.70 -22.97
C PRO D 260 22.11 -12.93 -24.14
N GLU D 261 22.13 -14.14 -24.71
CA GLU D 261 22.95 -14.41 -25.87
C GLU D 261 22.63 -13.46 -27.03
N LEU D 262 21.41 -12.91 -27.02
CA LEU D 262 20.95 -12.08 -28.13
C LEU D 262 21.69 -10.74 -28.21
N VAL D 263 22.04 -10.14 -27.07
CA VAL D 263 22.73 -8.85 -27.12
C VAL D 263 24.01 -8.96 -27.93
N GLY D 264 24.84 -9.95 -27.58
CA GLY D 264 26.06 -10.16 -28.33
C GLY D 264 25.79 -10.55 -29.76
N ILE D 265 24.76 -11.38 -29.99
CA ILE D 265 24.46 -11.78 -31.37
C ILE D 265 24.05 -10.58 -32.20
N GLN D 266 23.27 -9.65 -31.63
CA GLN D 266 22.81 -8.47 -32.37
C GLN D 266 23.98 -7.56 -32.70
N LYS D 267 24.88 -7.36 -31.74
CA LYS D 267 26.05 -6.53 -31.99
C LYS D 267 26.92 -7.15 -33.09
N ALA D 268 27.18 -8.46 -32.98
CA ALA D 268 27.92 -9.18 -34.00
C ALA D 268 27.27 -9.03 -35.36
N LEU D 269 25.94 -9.13 -35.40
CA LEU D 269 25.24 -9.12 -36.67
C LEU D 269 25.34 -7.75 -37.33
N ILE D 270 25.18 -6.69 -36.54
CA ILE D 270 25.31 -5.35 -37.08
C ILE D 270 26.72 -5.15 -37.64
N ARG D 271 27.74 -5.51 -36.83
CA ARG D 271 29.13 -5.33 -37.25
C ARG D 271 29.42 -6.08 -38.55
N ARG D 272 28.98 -7.35 -38.63
CA ARG D 272 29.26 -8.15 -39.82
C ARG D 272 28.51 -7.64 -41.03
N ALA D 273 27.23 -7.31 -40.87
CA ALA D 273 26.48 -6.70 -41.96
C ALA D 273 27.25 -5.52 -42.54
N ARG D 274 27.66 -4.59 -41.66
CA ARG D 274 28.33 -3.39 -42.14
C ARG D 274 29.65 -3.73 -42.84
N GLN D 275 30.46 -4.62 -42.26
CA GLN D 275 31.68 -5.03 -42.95
C GLN D 275 31.37 -5.49 -44.35
N LEU D 276 30.20 -6.11 -44.55
CA LEU D 276 29.80 -6.68 -45.82
C LEU D 276 28.96 -5.74 -46.67
N ASN D 277 28.85 -4.47 -46.27
CA ASN D 277 28.25 -3.44 -47.11
C ASN D 277 26.73 -3.62 -47.24
N ARG D 278 26.07 -3.83 -46.09
CA ARG D 278 24.63 -4.00 -46.01
C ARG D 278 24.05 -3.07 -44.95
N ALA D 279 22.85 -2.58 -45.21
CA ALA D 279 22.12 -1.80 -44.22
C ALA D 279 21.53 -2.71 -43.15
N VAL D 280 21.31 -2.13 -41.97
CA VAL D 280 20.82 -2.86 -40.81
C VAL D 280 19.64 -2.10 -40.20
N ILE D 281 18.54 -2.81 -39.95
CA ILE D 281 17.40 -2.26 -39.22
C ILE D 281 17.30 -2.96 -37.87
N THR D 282 17.11 -2.19 -36.82
CA THR D 282 16.80 -2.71 -35.50
C THR D 282 15.30 -2.53 -35.28
N ALA D 283 14.57 -3.64 -35.18
CA ALA D 283 13.13 -3.61 -35.33
C ALA D 283 12.38 -3.79 -34.03
N THR D 284 13.08 -3.92 -32.91
CA THR D 284 12.44 -3.99 -31.61
C THR D 284 11.39 -2.90 -31.44
N GLN D 285 10.21 -3.29 -30.99
CA GLN D 285 9.27 -2.29 -30.50
C GLN D 285 9.83 -1.80 -29.17
N MET D 286 10.40 -0.60 -29.17
CA MET D 286 11.26 -0.20 -28.05
C MET D 286 10.61 0.74 -27.05
N MET D 287 9.61 1.51 -27.48
CA MET D 287 9.03 2.58 -26.69
C MET D 287 7.55 2.27 -26.46
N GLU D 288 7.27 1.18 -25.73
CA GLU D 288 5.89 0.77 -25.55
C GLU D 288 5.11 1.75 -24.70
N SER D 289 5.79 2.41 -23.75
CA SER D 289 5.12 3.30 -22.81
C SER D 289 4.40 4.46 -23.49
N MET D 290 4.81 4.81 -24.70
CA MET D 290 4.20 5.93 -25.41
C MET D 290 3.05 5.51 -26.31
N ILE D 291 2.66 4.23 -26.28
CA ILE D 291 1.36 3.86 -26.82
C ILE D 291 0.27 4.54 -26.01
N THR D 292 0.50 4.72 -24.71
CA THR D 292 -0.46 5.31 -23.78
C THR D 292 -0.07 6.68 -23.26
N ASN D 293 1.23 6.94 -23.02
CA ASN D 293 1.72 8.14 -22.34
C ASN D 293 2.54 9.02 -23.27
N PRO D 294 2.62 10.33 -23.04
CA PRO D 294 3.26 11.23 -24.01
C PRO D 294 4.76 11.41 -23.86
N MET D 295 5.41 10.64 -23.00
CA MET D 295 6.85 10.64 -22.80
C MET D 295 7.26 9.21 -22.49
N PRO D 296 8.47 8.81 -22.90
CA PRO D 296 8.93 7.45 -22.62
C PRO D 296 9.59 7.37 -21.25
N THR D 297 9.80 6.15 -20.80
CA THR D 297 10.56 5.96 -19.58
C THR D 297 12.05 5.80 -19.91
N ARG D 298 12.88 6.09 -18.90
CA ARG D 298 14.33 6.09 -19.09
C ARG D 298 14.84 4.73 -19.57
N ALA D 299 14.13 3.65 -19.25
CA ALA D 299 14.48 2.34 -19.77
C ALA D 299 14.39 2.32 -21.29
N GLU D 300 13.32 2.92 -21.83
CA GLU D 300 13.13 2.89 -23.27
C GLU D 300 14.18 3.75 -23.99
N VAL D 301 14.52 4.90 -23.43
CA VAL D 301 15.53 5.73 -24.10
C VAL D 301 16.92 5.12 -23.96
N MET D 302 17.22 4.40 -22.87
CA MET D 302 18.50 3.70 -22.86
C MET D 302 18.48 2.54 -23.85
N ASP D 303 17.32 1.92 -24.07
CA ASP D 303 17.23 0.85 -25.06
C ASP D 303 17.45 1.39 -26.48
N VAL D 304 16.77 2.48 -26.83
CA VAL D 304 16.94 3.09 -28.15
C VAL D 304 18.36 3.63 -28.31
N ALA D 305 18.91 4.29 -27.28
CA ALA D 305 20.26 4.82 -27.38
C ALA D 305 21.28 3.70 -27.55
N ASN D 306 21.13 2.61 -26.78
CA ASN D 306 21.98 1.45 -26.98
C ASN D 306 21.86 0.94 -28.41
N ALA D 307 20.63 0.80 -28.91
CA ALA D 307 20.44 0.35 -30.28
C ALA D 307 21.23 1.25 -31.23
N VAL D 308 21.13 2.56 -31.04
CA VAL D 308 21.83 3.52 -31.90
C VAL D 308 23.33 3.34 -31.80
N LEU D 309 23.84 3.13 -30.58
CA LEU D 309 25.28 3.04 -30.39
C LEU D 309 25.85 1.76 -31.00
N ASP D 310 25.09 0.66 -30.97
CA ASP D 310 25.57 -0.57 -31.59
C ASP D 310 25.88 -0.38 -33.08
N GLY D 311 25.32 0.65 -33.73
CA GLY D 311 25.72 1.03 -35.07
C GLY D 311 24.67 0.87 -36.15
N THR D 312 23.43 0.57 -35.76
CA THR D 312 22.36 0.26 -36.71
C THR D 312 22.12 1.44 -37.66
N ASP D 313 21.58 1.13 -38.84
CA ASP D 313 21.19 2.20 -39.76
C ASP D 313 19.90 2.86 -39.32
N ALA D 314 18.95 2.09 -38.79
CA ALA D 314 17.60 2.58 -38.55
C ALA D 314 17.00 1.91 -37.32
N VAL D 315 16.10 2.62 -36.66
CA VAL D 315 15.30 2.03 -35.59
C VAL D 315 13.83 2.16 -35.96
N MET D 316 13.00 1.26 -35.43
CA MET D 316 11.67 1.06 -35.96
C MET D 316 10.63 1.16 -34.85
N LEU D 317 9.54 1.87 -35.14
CA LEU D 317 8.37 1.91 -34.29
C LEU D 317 7.25 1.11 -34.95
N SER D 318 6.59 0.27 -34.14
CA SER D 318 5.51 -0.60 -34.61
C SER D 318 4.20 -0.08 -34.04
N ALA D 319 3.69 -0.65 -32.93
CA ALA D 319 2.40 -0.22 -32.42
C ALA D 319 2.40 1.24 -31.97
N GLU D 320 3.58 1.82 -31.74
CA GLU D 320 3.65 3.20 -31.28
C GLU D 320 3.12 4.16 -32.33
N THR D 321 3.35 3.86 -33.60
CA THR D 321 2.82 4.64 -34.71
C THR D 321 1.53 4.08 -35.29
N ALA D 322 1.39 2.74 -35.30
CA ALA D 322 0.26 2.11 -35.98
C ALA D 322 -1.02 2.23 -35.17
N ALA D 323 -0.94 2.00 -33.86
CA ALA D 323 -2.13 1.93 -33.03
C ALA D 323 -1.97 2.69 -31.73
N GLY D 324 -0.99 3.58 -31.63
CA GLY D 324 -0.76 4.30 -30.40
C GLY D 324 -1.55 5.58 -30.29
N GLN D 325 -1.47 6.19 -29.10
CA GLN D 325 -2.09 7.48 -28.82
C GLN D 325 -1.22 8.67 -29.19
N TYR D 326 0.08 8.46 -29.41
CA TYR D 326 1.01 9.55 -29.72
C TYR D 326 1.96 9.14 -30.82
N PRO D 327 1.51 9.15 -32.08
CA PRO D 327 2.39 8.69 -33.17
C PRO D 327 3.53 9.67 -33.40
N SER D 328 3.18 10.90 -33.81
CA SER D 328 4.18 11.90 -34.14
C SER D 328 5.01 12.27 -32.91
N GLU D 329 4.39 12.26 -31.73
CA GLU D 329 5.12 12.57 -30.51
C GLU D 329 6.20 11.53 -30.27
N THR D 330 5.87 10.26 -30.49
CA THR D 330 6.84 9.19 -30.37
C THR D 330 7.93 9.31 -31.43
N VAL D 331 7.58 9.72 -32.65
CA VAL D 331 8.58 9.92 -33.70
C VAL D 331 9.56 11.03 -33.30
N ALA D 332 9.03 12.15 -32.81
CA ALA D 332 9.89 13.24 -32.39
C ALA D 332 10.77 12.84 -31.21
N ALA D 333 10.24 12.04 -30.29
CA ALA D 333 11.07 11.62 -29.15
C ALA D 333 12.11 10.59 -29.56
N MET D 334 11.80 9.76 -30.54
CA MET D 334 12.79 8.82 -31.05
C MET D 334 13.93 9.57 -31.73
N ALA D 335 13.59 10.60 -32.51
CA ALA D 335 14.62 11.44 -33.11
C ALA D 335 15.47 12.13 -32.04
N ARG D 336 14.84 12.67 -31.00
CA ARG D 336 15.60 13.33 -29.93
C ARG D 336 16.58 12.35 -29.27
N VAL D 337 16.12 11.12 -28.98
CA VAL D 337 17.01 10.14 -28.39
C VAL D 337 18.17 9.82 -29.34
N CYS D 338 17.87 9.67 -30.63
CA CYS D 338 18.93 9.41 -31.61
C CYS D 338 19.99 10.51 -31.59
N LEU D 339 19.55 11.76 -31.73
CA LEU D 339 20.47 12.88 -31.71
C LEU D 339 21.29 12.88 -30.44
N GLY D 340 20.64 12.63 -29.30
CA GLY D 340 21.38 12.60 -28.05
C GLY D 340 22.46 11.54 -28.04
N ALA D 341 22.16 10.38 -28.60
CA ALA D 341 23.13 9.29 -28.68
C ALA D 341 24.24 9.56 -29.69
N GLU D 342 24.04 10.50 -30.61
CA GLU D 342 25.00 10.68 -31.70
C GLU D 342 26.11 11.68 -31.40
N LYS D 343 26.19 12.19 -30.18
CA LYS D 343 27.24 13.12 -29.84
C LYS D 343 28.57 12.40 -29.56
N LYS D 351 40.68 6.35 -38.90
CA LYS D 351 41.69 7.05 -39.70
C LYS D 351 42.25 6.11 -40.74
N HIS D 352 41.41 5.74 -41.72
CA HIS D 352 41.74 4.84 -42.83
C HIS D 352 42.27 3.46 -42.42
N ARG D 353 41.81 2.40 -43.10
CA ARG D 353 42.23 1.04 -42.82
C ARG D 353 43.33 0.58 -43.78
N LEU D 354 44.06 -0.44 -43.37
CA LEU D 354 45.20 -1.00 -44.10
C LEU D 354 44.99 -2.51 -44.32
N ASP D 355 45.92 -3.12 -45.05
CA ASP D 355 45.89 -4.56 -45.35
C ASP D 355 44.56 -4.99 -45.95
N VAL D 356 43.91 -4.06 -46.66
CA VAL D 356 42.67 -4.33 -47.37
C VAL D 356 43.00 -4.36 -48.86
N GLN D 357 42.05 -4.80 -49.66
CA GLN D 357 42.19 -4.80 -51.11
C GLN D 357 40.85 -4.40 -51.72
N PHE D 358 40.91 -3.69 -52.86
CA PHE D 358 39.72 -3.23 -53.54
C PHE D 358 39.58 -3.93 -54.88
N ASP D 359 38.35 -4.36 -55.19
CA ASP D 359 38.07 -5.12 -56.40
C ASP D 359 37.55 -4.27 -57.54
N ASN D 360 36.72 -3.27 -57.25
CA ASN D 360 36.12 -2.43 -58.28
C ASN D 360 36.42 -0.95 -58.01
N VAL D 361 36.29 -0.17 -59.08
CA VAL D 361 36.61 1.25 -59.05
C VAL D 361 35.75 1.99 -58.03
N GLU D 362 34.45 1.67 -57.98
CA GLU D 362 33.57 2.37 -57.05
C GLU D 362 34.01 2.18 -55.61
N GLU D 363 34.40 0.96 -55.25
CA GLU D 363 34.86 0.72 -53.88
C GLU D 363 36.09 1.55 -53.58
N ALA D 364 37.05 1.59 -54.52
CA ALA D 364 38.27 2.36 -54.32
C ALA D 364 37.95 3.85 -54.19
N ILE D 365 36.99 4.34 -54.98
CA ILE D 365 36.58 5.74 -54.88
C ILE D 365 35.99 6.01 -53.51
N ALA D 366 35.15 5.11 -53.02
CA ALA D 366 34.51 5.34 -51.72
C ALA D 366 35.53 5.28 -50.59
N MET D 367 36.48 4.35 -50.68
CA MET D 367 37.48 4.23 -49.63
C MET D 367 38.44 5.42 -49.65
N SER D 368 38.95 5.79 -50.84
CA SER D 368 39.88 6.91 -50.89
C SER D 368 39.20 8.25 -50.61
N ALA D 369 37.90 8.37 -50.92
CA ALA D 369 37.14 9.53 -50.50
C ALA D 369 37.04 9.60 -48.98
N MET D 370 36.67 8.49 -48.33
CA MET D 370 36.60 8.54 -46.87
C MET D 370 37.97 8.78 -46.26
N TYR D 371 39.03 8.27 -46.91
CA TYR D 371 40.39 8.59 -46.49
C TYR D 371 40.59 10.10 -46.47
N ALA D 372 40.40 10.73 -47.62
CA ALA D 372 40.51 12.18 -47.72
C ALA D 372 39.71 12.87 -46.63
N ALA D 373 38.44 12.50 -46.50
CA ALA D 373 37.57 13.16 -45.53
C ALA D 373 38.15 13.10 -44.12
N ASN D 374 38.67 11.94 -43.72
CA ASN D 374 39.13 11.81 -42.33
C ASN D 374 40.53 12.37 -42.09
N HIS D 375 41.30 12.64 -43.15
CA HIS D 375 42.64 13.16 -42.98
C HIS D 375 42.76 14.67 -43.19
N LEU D 376 41.80 15.28 -43.88
CA LEU D 376 41.91 16.66 -44.34
C LEU D 376 41.24 17.59 -43.34
N LYS D 377 42.02 18.50 -42.75
CA LYS D 377 41.50 19.49 -41.82
C LYS D 377 40.40 20.31 -42.45
N GLY D 378 39.29 20.44 -41.74
CA GLY D 378 38.24 21.32 -42.18
C GLY D 378 37.33 20.77 -43.26
N VAL D 379 37.25 19.45 -43.42
CA VAL D 379 36.18 18.87 -44.25
C VAL D 379 34.91 18.80 -43.41
N THR D 380 33.78 19.24 -43.99
CA THR D 380 32.52 19.28 -43.25
C THR D 380 31.46 18.31 -43.78
N ALA D 381 31.61 17.79 -45.00
CA ALA D 381 30.55 16.97 -45.58
C ALA D 381 31.08 16.21 -46.79
N ILE D 382 30.63 14.96 -46.96
CA ILE D 382 30.87 14.18 -48.17
C ILE D 382 29.64 14.31 -49.07
N ILE D 383 29.86 14.37 -50.38
CA ILE D 383 28.79 14.52 -51.36
C ILE D 383 28.97 13.38 -52.36
N THR D 384 28.14 12.35 -52.27
CA THR D 384 28.11 11.32 -53.30
C THR D 384 27.07 11.74 -54.32
N MET D 385 27.52 11.93 -55.55
CA MET D 385 26.65 12.24 -56.68
C MET D 385 26.45 10.90 -57.39
N THR D 386 25.47 10.13 -56.91
CA THR D 386 25.32 8.73 -57.28
C THR D 386 23.95 8.49 -57.93
N GLU D 387 23.94 7.79 -59.06
CA GLU D 387 22.65 7.52 -59.70
C GLU D 387 21.98 6.29 -59.11
N SER D 388 22.76 5.35 -58.56
CA SER D 388 22.25 4.11 -58.00
C SER D 388 22.18 4.13 -56.47
N GLY D 389 22.88 5.05 -55.82
CA GLY D 389 22.98 5.01 -54.38
C GLY D 389 24.03 4.08 -53.82
N ARG D 390 24.72 3.27 -54.66
CA ARG D 390 25.72 2.34 -54.16
C ARG D 390 26.81 3.05 -53.38
N THR D 391 27.31 4.15 -53.95
CA THR D 391 28.41 4.89 -53.32
C THR D 391 28.00 5.48 -51.99
N ALA D 392 26.72 5.87 -51.84
CA ALA D 392 26.28 6.37 -50.54
C ALA D 392 26.20 5.25 -49.52
N LEU D 393 25.81 4.05 -49.95
CA LEU D 393 25.80 2.89 -49.07
C LEU D 393 27.20 2.58 -48.58
N MET D 394 28.15 2.52 -49.51
CA MET D 394 29.53 2.20 -49.17
C MET D 394 30.14 3.24 -48.24
N THR D 395 30.00 4.53 -48.57
CA THR D 395 30.64 5.54 -47.73
C THR D 395 29.96 5.64 -46.38
N SER D 396 28.68 5.29 -46.28
CA SER D 396 28.09 5.33 -44.96
C SER D 396 28.38 4.08 -44.15
N ARG D 397 28.80 2.99 -44.79
CA ARG D 397 29.30 1.87 -44.01
C ARG D 397 30.44 2.31 -43.11
N ILE D 398 31.26 3.26 -43.56
CA ILE D 398 32.43 3.72 -42.81
C ILE D 398 32.01 4.79 -41.80
N SER D 399 32.45 4.61 -40.56
CA SER D 399 32.01 5.48 -39.48
C SER D 399 32.64 6.86 -39.60
N SER D 400 31.83 7.87 -39.33
CA SER D 400 32.30 9.25 -39.45
C SER D 400 31.34 10.12 -38.67
N GLY D 401 31.80 11.30 -38.30
CA GLY D 401 30.94 12.36 -37.82
C GLY D 401 30.44 13.24 -38.93
N LEU D 402 30.76 12.91 -40.18
CA LEU D 402 30.54 13.82 -41.28
C LEU D 402 29.31 13.41 -42.06
N PRO D 403 28.43 14.35 -42.38
CA PRO D 403 27.20 13.99 -43.09
C PRO D 403 27.48 13.70 -44.55
N ILE D 404 26.73 12.72 -45.06
CA ILE D 404 26.75 12.34 -46.47
C ILE D 404 25.51 12.91 -47.14
N PHE D 405 25.71 13.57 -48.27
CA PHE D 405 24.61 14.04 -49.10
C PHE D 405 24.64 13.20 -50.37
N ALA D 406 23.55 12.49 -50.63
CA ALA D 406 23.40 11.66 -51.82
C ALA D 406 22.54 12.40 -52.83
N MET D 407 23.16 12.85 -53.93
CA MET D 407 22.51 13.69 -54.93
C MET D 407 22.18 12.85 -56.15
N SER D 408 20.89 12.65 -56.39
CA SER D 408 20.43 11.88 -57.54
C SER D 408 19.17 12.50 -58.11
N ARG D 409 18.91 12.23 -59.38
CA ARG D 409 17.64 12.64 -59.98
C ARG D 409 16.53 11.60 -59.83
N HIS D 410 16.88 10.33 -59.64
CA HIS D 410 15.88 9.26 -59.56
C HIS D 410 15.22 9.24 -58.19
N GLU D 411 13.89 9.43 -58.17
CA GLU D 411 13.13 9.31 -56.93
C GLU D 411 13.39 7.97 -56.23
N ARG D 412 13.44 6.87 -56.99
CA ARG D 412 13.69 5.58 -56.39
C ARG D 412 15.02 5.56 -55.66
N THR D 413 16.05 6.21 -56.22
CA THR D 413 17.36 6.20 -55.57
C THR D 413 17.35 7.01 -54.28
N LEU D 414 16.71 8.19 -54.31
CA LEU D 414 16.57 9.00 -53.10
C LEU D 414 15.85 8.23 -52.00
N ASN D 415 14.72 7.59 -52.34
CA ASN D 415 13.98 6.81 -51.35
C ASN D 415 14.81 5.64 -50.86
N LEU D 416 15.55 5.01 -51.77
CA LEU D 416 16.45 3.90 -51.41
C LEU D 416 17.41 4.33 -50.32
N THR D 417 18.10 5.46 -50.52
CA THR D 417 19.13 5.91 -49.58
C THR D 417 18.57 6.56 -48.32
N ALA D 418 17.27 6.84 -48.27
CA ALA D 418 16.69 7.36 -47.03
C ALA D 418 16.90 6.44 -45.82
N LEU D 419 17.16 5.16 -46.05
CA LEU D 419 17.41 4.24 -44.94
C LEU D 419 18.83 4.37 -44.38
N TYR D 420 19.78 4.74 -45.24
CA TYR D 420 21.19 4.74 -44.88
C TYR D 420 21.50 5.76 -43.78
N ARG D 421 22.27 5.31 -42.79
CA ARG D 421 22.62 6.15 -41.64
C ARG D 421 23.58 7.28 -42.04
N GLY D 422 23.21 8.51 -41.67
CA GLY D 422 24.05 9.65 -41.97
C GLY D 422 24.01 10.11 -43.41
N VAL D 423 23.16 9.51 -44.24
CA VAL D 423 22.94 9.99 -45.59
C VAL D 423 21.72 10.90 -45.60
N THR D 424 21.84 12.04 -46.28
CA THR D 424 20.71 12.92 -46.54
C THR D 424 20.46 12.90 -48.04
N PRO D 425 19.39 12.29 -48.53
CA PRO D 425 19.17 12.29 -49.99
C PRO D 425 18.63 13.64 -50.42
N VAL D 426 19.15 14.12 -51.54
CA VAL D 426 18.78 15.43 -52.06
C VAL D 426 18.54 15.27 -53.55
N HIS D 427 17.42 15.78 -54.03
CA HIS D 427 17.13 15.74 -55.44
C HIS D 427 18.06 16.70 -56.18
N PHE D 428 18.67 16.24 -57.26
CA PHE D 428 19.60 17.07 -58.03
C PHE D 428 19.62 16.61 -59.49
N ASP D 429 19.43 17.54 -60.42
CA ASP D 429 19.36 17.25 -61.86
C ASP D 429 19.82 18.48 -62.63
N SER D 430 20.84 18.32 -63.49
CA SER D 430 21.71 19.44 -63.83
C SER D 430 21.72 19.85 -65.30
N ALA D 431 21.95 18.91 -66.23
CA ALA D 431 22.23 19.22 -67.64
C ALA D 431 23.70 19.60 -67.80
N ASN D 432 24.37 19.85 -66.68
CA ASN D 432 25.81 19.99 -66.68
C ASN D 432 26.45 18.69 -66.19
N ASP D 433 27.74 18.54 -66.47
CA ASP D 433 28.55 17.44 -66.01
C ASP D 433 29.76 17.99 -65.29
N GLY D 434 30.63 17.06 -64.90
CA GLY D 434 31.94 17.38 -64.36
C GLY D 434 31.86 18.39 -63.24
N VAL D 435 32.84 19.30 -63.24
CA VAL D 435 32.90 20.31 -62.18
C VAL D 435 31.67 21.20 -62.20
N ALA D 436 31.14 21.48 -63.38
CA ALA D 436 29.99 22.37 -63.43
C ALA D 436 28.82 21.77 -62.64
N ALA D 437 28.52 20.49 -62.89
CA ALA D 437 27.50 19.82 -62.09
C ALA D 437 27.88 19.79 -60.62
N ALA D 438 29.17 19.52 -60.31
CA ALA D 438 29.60 19.42 -58.91
C ALA D 438 29.46 20.74 -58.16
N SER D 439 29.92 21.84 -58.75
CA SER D 439 29.70 23.18 -58.19
C SER D 439 28.22 23.48 -58.03
N GLU D 440 27.43 23.13 -59.04
CA GLU D 440 25.99 23.30 -58.96
C GLU D 440 25.43 22.61 -57.74
N ALA D 441 25.93 21.39 -57.48
CA ALA D 441 25.49 20.58 -56.35
C ALA D 441 25.92 21.17 -55.01
N VAL D 442 27.18 21.62 -54.90
CA VAL D 442 27.64 22.27 -53.67
C VAL D 442 26.83 23.53 -53.40
N ASN D 443 26.66 24.36 -54.42
CA ASN D 443 25.84 25.56 -54.27
C ASN D 443 24.44 25.21 -53.79
N LEU D 444 23.84 24.15 -54.34
CA LEU D 444 22.48 23.81 -53.94
C LEU D 444 22.43 23.42 -52.48
N LEU D 445 23.41 22.63 -52.03
CA LEU D 445 23.44 22.31 -50.59
C LEU D 445 23.64 23.57 -49.75
N ARG D 446 24.47 24.51 -50.24
CA ARG D 446 24.72 25.74 -49.49
C ARG D 446 23.45 26.60 -49.41
N ASP D 447 22.70 26.70 -50.51
CA ASP D 447 21.43 27.43 -50.51
C ASP D 447 20.44 26.80 -49.53
N LYS D 448 20.38 25.47 -49.47
CA LYS D 448 19.45 24.82 -48.58
C LYS D 448 19.89 24.84 -47.11
N GLY D 449 21.01 25.49 -46.80
CA GLY D 449 21.46 25.66 -45.42
C GLY D 449 22.47 24.66 -44.91
N TYR D 450 22.81 23.62 -45.68
CA TYR D 450 23.65 22.56 -45.11
C TYR D 450 25.11 22.97 -45.04
N LEU D 451 25.61 23.62 -46.08
CA LEU D 451 27.01 23.99 -46.20
C LEU D 451 27.15 25.50 -46.06
N MET D 452 28.16 25.92 -45.31
CA MET D 452 28.51 27.33 -45.15
C MET D 452 29.64 27.70 -46.10
N SER D 453 29.82 29.01 -46.28
CA SER D 453 30.71 29.49 -47.33
C SER D 453 32.17 29.06 -47.14
N GLY D 454 32.64 28.86 -45.91
CA GLY D 454 34.03 28.41 -45.87
C GLY D 454 34.29 26.92 -46.16
N ASP D 455 33.24 26.11 -46.35
CA ASP D 455 33.40 24.67 -46.11
C ASP D 455 34.19 23.98 -47.21
N LEU D 456 34.98 23.00 -46.78
CA LEU D 456 35.56 21.97 -47.65
C LEU D 456 34.64 20.76 -47.73
N VAL D 457 34.39 20.28 -48.94
CA VAL D 457 33.58 19.07 -49.14
C VAL D 457 34.31 18.12 -50.06
N ILE D 458 34.04 16.82 -49.88
CA ILE D 458 34.49 15.75 -50.77
C ILE D 458 33.32 15.37 -51.66
N VAL D 459 33.58 15.19 -52.95
CA VAL D 459 32.52 14.95 -53.93
C VAL D 459 32.93 13.73 -54.75
N THR D 460 32.17 12.63 -54.63
CA THR D 460 32.32 11.51 -55.55
C THR D 460 31.28 11.62 -56.65
N GLN D 461 31.68 11.28 -57.87
CA GLN D 461 30.76 11.37 -59.01
C GLN D 461 31.30 10.56 -60.18
N GLY D 462 30.41 10.33 -61.15
CA GLY D 462 30.79 9.77 -62.42
C GLY D 462 31.02 10.91 -63.39
N ASP D 463 32.26 10.99 -63.92
CA ASP D 463 32.65 11.98 -64.90
C ASP D 463 33.60 11.28 -65.88
N VAL D 464 33.03 10.41 -66.70
CA VAL D 464 33.76 9.80 -67.80
C VAL D 464 33.13 10.31 -69.10
N MET D 465 33.82 10.07 -70.21
CA MET D 465 33.64 10.75 -71.48
C MET D 465 32.21 10.70 -72.00
N SER D 466 31.31 11.37 -71.27
CA SER D 466 29.91 11.55 -71.66
C SER D 466 29.28 10.23 -72.09
N THR D 467 29.69 9.13 -71.46
CA THR D 467 29.27 7.79 -71.84
C THR D 467 28.10 7.29 -70.99
N VAL D 468 27.69 8.08 -69.99
CA VAL D 468 26.96 7.67 -68.79
C VAL D 468 27.72 6.53 -68.10
N GLY D 469 27.87 6.61 -66.79
CA GLY D 469 28.71 5.63 -66.14
C GLY D 469 28.74 5.75 -64.63
N SER D 470 29.44 4.80 -64.02
CA SER D 470 29.53 4.64 -62.58
C SER D 470 30.48 5.65 -61.94
N THR D 471 30.37 5.79 -60.63
CA THR D 471 31.28 6.65 -59.88
C THR D 471 32.74 6.27 -60.13
N ASN D 472 33.53 7.27 -60.56
CA ASN D 472 34.96 7.06 -60.73
C ASN D 472 35.78 8.31 -60.46
N THR D 473 35.22 9.35 -59.89
CA THR D 473 35.92 10.60 -59.70
C THR D 473 35.68 11.09 -58.28
N THR D 474 36.75 11.58 -57.65
CA THR D 474 36.64 12.36 -56.42
C THR D 474 37.18 13.75 -56.72
N ARG D 475 36.42 14.76 -56.29
CA ARG D 475 36.85 16.14 -56.22
C ARG D 475 36.89 16.56 -54.75
N ILE D 476 37.74 17.52 -54.44
CA ILE D 476 37.78 18.16 -53.14
C ILE D 476 37.55 19.64 -53.38
N LEU D 477 36.36 20.14 -53.01
CA LEU D 477 35.95 21.48 -53.38
C LEU D 477 35.73 22.34 -52.15
N THR D 478 35.71 23.65 -52.37
CA THR D 478 35.39 24.63 -51.35
C THR D 478 34.08 25.29 -51.70
N VAL D 479 33.21 25.44 -50.71
CA VAL D 479 31.98 26.21 -50.94
C VAL D 479 32.36 27.64 -51.28
N GLU D 480 31.87 28.13 -52.41
CA GLU D 480 32.23 29.48 -52.81
C GLU D 480 31.34 30.50 -52.11
N ALA D 481 31.82 31.76 -52.09
CA ALA D 481 31.09 32.86 -51.50
C ALA D 481 29.85 33.19 -52.32
N LEU D 482 28.89 33.85 -51.66
CA LEU D 482 27.58 34.13 -52.27
C LEU D 482 27.67 34.75 -53.67
N GLY D 483 28.67 35.59 -53.93
CA GLY D 483 28.90 36.03 -55.30
C GLY D 483 29.12 34.94 -56.36
MG MG E . -27.35 32.51 5.45
C1 CIT F . -33.38 14.20 -1.59
O1 CIT F . -32.27 14.75 -1.48
O2 CIT F . -33.65 13.35 -0.71
C2 CIT F . -34.33 14.57 -2.76
C3 CIT F . -34.95 13.42 -3.56
O7 CIT F . -34.30 12.11 -3.35
C4 CIT F . -36.38 13.35 -3.01
C5 CIT F . -37.27 12.79 -4.10
O3 CIT F . -37.88 13.57 -4.87
O4 CIT F . -37.39 11.56 -4.29
C6 CIT F . -34.89 13.62 -5.11
O5 CIT F . -35.44 14.55 -5.79
O6 CIT F . -34.20 12.80 -5.78
MG MG G . 36.97 -5.87 -15.95
MG MG H . 50.36 -9.62 -4.47
C1 CIT I . 33.88 -18.64 -3.06
O1 CIT I . 33.00 -17.94 -2.49
O2 CIT I . 34.12 -18.36 -4.26
C2 CIT I . 34.67 -19.75 -2.34
C3 CIT I . 34.21 -21.18 -2.73
O7 CIT I . 33.32 -20.97 -3.85
C4 CIT I . 33.27 -21.81 -1.68
C5 CIT I . 33.85 -22.58 -0.52
O3 CIT I . 34.94 -22.27 0.02
O4 CIT I . 33.22 -23.55 -0.04
C6 CIT I . 35.40 -22.12 -3.10
O5 CIT I . 35.52 -22.69 -4.22
O6 CIT I . 36.31 -22.40 -2.29
MG MG J . 27.20 5.13 -57.95
C1 CIT K . 16.58 18.43 -48.83
O1 CIT K . 16.97 19.42 -48.15
O2 CIT K . 16.12 18.64 -49.99
C2 CIT K . 16.67 17.01 -48.30
C3 CIT K . 15.33 16.49 -47.77
O7 CIT K . 14.77 15.60 -48.77
C4 CIT K . 15.55 15.79 -46.43
C5 CIT K . 14.86 14.44 -46.35
O3 CIT K . 14.32 13.91 -47.35
O4 CIT K . 14.84 13.81 -45.26
C6 CIT K . 14.34 17.63 -47.51
O5 CIT K . 13.67 18.19 -48.43
O6 CIT K . 14.20 17.99 -46.32
#